data_6N94
#
_entry.id   6N94
#
_cell.length_a   87.046
_cell.length_b   114.816
_cell.length_c   193.732
_cell.angle_alpha   90.000
_cell.angle_beta   90.000
_cell.angle_gamma   90.000
#
_symmetry.space_group_name_H-M   'P 21 21 21'
#
loop_
_entity.id
_entity.type
_entity.pdbx_description
1 polymer 'Methylmalonyl-CoA decarboxylase'
2 non-polymer [1-[2-[3-[[(2~{R})-4-[[[(2~{R},3~{S},4~{R},5~{R})-5-(6-aminopurin-9-yl)-4-oxidanyl-3-phosphonooxy-oxolan-2-yl]methoxy-oxidanyl-phosphoryl]oxy-oxidanyl-phosphoryl]oxy-3,3-dimethyl-2-oxidanyl-butanoyl]amino]propanoylamino]ethylamino]-1-oxidanylidene-propan-2-ylidene]-bis(oxidanidyl)azanium
3 non-polymer 'NICKEL (II) ION'
4 non-polymer DI(HYDROXYETHYL)ETHER
5 non-polymer 'POTASSIUM ION'
6 non-polymer 'TETRAETHYLENE GLYCOL'
7 non-polymer IMIDAZOLE
8 non-polymer 'TRIETHYLENE GLYCOL'
9 water water
#
_entity_poly.entity_id   1
_entity_poly.type   'polypeptide(L)'
_entity_poly.pdbx_seq_one_letter_code
;MAYQYVNVVTINKVAVIEFNYGRKLNALSKVFIDDLMQALSDLNRPEIRCIILRAPSGSKVFSAGHDIHELPSGGRDPLS
YDDPLRQITRMIQKFPKPIISMVEGSVWGGAFEMIMSSDLIIAASTSTFSMTPVNLGVPYNLVGIHNLTRDAGFHIVKEL
IFTASPITAQRALAVGILNHVVEVEELEDFTLQMAHHISEKAPLAIAVIKEELRVLGEAHTMNSDEFERIQGMRRAVYDS
EDYQEGMNAFLEKRKPNFVGH
;
_entity_poly.pdbx_strand_id   A,B,C,D,E,F
#
loop_
_chem_comp.id
_chem_comp.type
_chem_comp.name
_chem_comp.formula
IMD non-polymer IMIDAZOLE 'C3 H5 N2 1'
K non-polymer 'POTASSIUM ION' 'K 1'
KGJ non-polymer [1-[2-[3-[[(2~{R})-4-[[[(2~{R},3~{S},4~{R},5~{R})-5-(6-aminopurin-9-yl)-4-oxidanyl-3-phosphonooxy-oxolan-2-yl]methoxy-oxidanyl-phosphoryl]oxy-oxidanyl-phosphoryl]oxy-3,3-dimethyl-2-oxidanyl-butanoyl]amino]propanoylamino]ethylamino]-1-oxidanylidene-propan-2-ylidene]-bis(oxidanidyl)azanium 'C24 H39 N9 O19 P3 -1'
NI non-polymer 'NICKEL (II) ION' 'Ni 2'
PEG non-polymer DI(HYDROXYETHYL)ETHER 'C4 H10 O3'
PG4 non-polymer 'TETRAETHYLENE GLYCOL' 'C8 H18 O5'
PGE non-polymer 'TRIETHYLENE GLYCOL' 'C6 H14 O4'
#
# COMPACT_ATOMS: atom_id res chain seq x y z
N ALA A 2 -27.84 8.30 -33.92
CA ALA A 2 -27.22 7.05 -34.42
C ALA A 2 -25.69 7.13 -34.35
N TYR A 3 -25.05 6.02 -34.65
CA TYR A 3 -23.59 5.83 -34.51
C TYR A 3 -23.19 5.07 -35.75
N GLN A 4 -21.98 5.30 -36.25
CA GLN A 4 -21.51 4.60 -37.46
C GLN A 4 -21.22 3.15 -37.12
N TYR A 5 -20.73 2.85 -35.91
CA TYR A 5 -20.07 1.53 -35.66
C TYR A 5 -20.78 0.71 -34.57
N VAL A 6 -21.86 1.21 -34.00
CA VAL A 6 -22.70 0.41 -33.06
C VAL A 6 -24.16 0.72 -33.37
N ASN A 7 -25.03 -0.19 -33.03
CA ASN A 7 -26.52 -0.06 -33.07
C ASN A 7 -27.03 -0.24 -31.65
N VAL A 8 -27.89 0.66 -31.14
CA VAL A 8 -28.40 0.61 -29.74
C VAL A 8 -29.91 0.38 -29.79
N VAL A 9 -30.44 -0.59 -29.04
CA VAL A 9 -31.91 -0.77 -28.84
C VAL A 9 -32.16 -0.66 -27.35
N THR A 10 -33.31 -0.10 -26.99
CA THR A 10 -33.75 0.00 -25.58
C THR A 10 -34.98 -0.88 -25.42
N ILE A 11 -34.98 -1.76 -24.42
CA ILE A 11 -36.14 -2.62 -24.08
C ILE A 11 -36.47 -2.34 -22.62
N ASN A 12 -37.46 -1.50 -22.38
CA ASN A 12 -37.85 -1.03 -21.02
C ASN A 12 -36.66 -0.26 -20.43
N LYS A 13 -36.01 -0.78 -19.39
CA LYS A 13 -34.89 -0.07 -18.70
CA LYS A 13 -34.90 -0.03 -18.73
C LYS A 13 -33.54 -0.66 -19.14
N VAL A 14 -33.53 -1.58 -20.09
CA VAL A 14 -32.27 -2.25 -20.54
C VAL A 14 -31.83 -1.67 -21.90
N ALA A 15 -30.55 -1.31 -22.06
CA ALA A 15 -29.99 -0.90 -23.37
C ALA A 15 -29.06 -1.98 -23.89
N VAL A 16 -29.23 -2.37 -25.15
CA VAL A 16 -28.37 -3.38 -25.83
C VAL A 16 -27.51 -2.65 -26.85
N ILE A 17 -26.17 -2.66 -26.64
CA ILE A 17 -25.23 -2.06 -27.62
C ILE A 17 -24.68 -3.19 -28.48
N GLU A 18 -24.96 -3.17 -29.78
CA GLU A 18 -24.60 -4.24 -30.72
C GLU A 18 -23.50 -3.71 -31.62
N PHE A 19 -22.38 -4.42 -31.71
CA PHE A 19 -21.25 -3.96 -32.54
C PHE A 19 -21.71 -3.93 -34.00
N ASN A 20 -21.26 -2.95 -34.77
CA ASN A 20 -21.53 -2.87 -36.23
C ASN A 20 -20.22 -2.56 -36.97
N TYR A 21 -19.24 -3.45 -36.88
CA TYR A 21 -17.88 -3.25 -37.47
C TYR A 21 -17.42 -4.59 -38.02
N GLY A 22 -18.33 -5.31 -38.68
CA GLY A 22 -18.15 -6.69 -39.19
C GLY A 22 -17.00 -6.81 -40.19
N ARG A 23 -16.62 -5.69 -40.76
CA ARG A 23 -15.66 -5.54 -41.88
C ARG A 23 -14.23 -5.75 -41.34
N LYS A 24 -13.97 -5.43 -40.06
CA LYS A 24 -12.72 -5.78 -39.35
C LYS A 24 -13.06 -6.73 -38.18
N LEU A 25 -14.20 -7.41 -38.24
CA LEU A 25 -14.65 -8.43 -37.24
C LEU A 25 -14.69 -7.82 -35.84
N ASN A 26 -15.15 -6.58 -35.75
CA ASN A 26 -15.36 -5.82 -34.49
C ASN A 26 -14.03 -5.68 -33.74
N ALA A 27 -12.90 -5.59 -34.47
CA ALA A 27 -11.59 -5.25 -33.87
C ALA A 27 -11.77 -3.88 -33.20
N LEU A 28 -11.06 -3.67 -32.09
CA LEU A 28 -11.23 -2.50 -31.21
C LEU A 28 -10.43 -1.32 -31.76
N SER A 29 -10.64 -0.98 -33.05
CA SER A 29 -10.07 0.23 -33.67
C SER A 29 -10.49 1.48 -32.90
N LYS A 30 -9.68 2.52 -32.98
CA LYS A 30 -9.97 3.80 -32.32
C LYS A 30 -11.41 4.23 -32.64
N VAL A 31 -11.81 4.22 -33.89
CA VAL A 31 -13.15 4.82 -34.24
C VAL A 31 -14.29 3.94 -33.75
N PHE A 32 -14.09 2.64 -33.68
CA PHE A 32 -15.12 1.72 -33.12
C PHE A 32 -15.31 2.04 -31.63
N ILE A 33 -14.20 2.09 -30.91
CA ILE A 33 -14.21 2.31 -29.44
C ILE A 33 -14.75 3.71 -29.18
N ASP A 34 -14.44 4.71 -30.01
CA ASP A 34 -15.01 6.06 -29.77
C ASP A 34 -16.54 6.01 -29.80
N ASP A 35 -17.15 5.29 -30.75
CA ASP A 35 -18.62 5.17 -30.84
C ASP A 35 -19.16 4.32 -29.67
N LEU A 36 -18.49 3.24 -29.30
CA LEU A 36 -18.95 2.43 -28.13
C LEU A 36 -18.96 3.33 -26.87
N MET A 37 -17.93 4.14 -26.67
CA MET A 37 -17.85 5.02 -25.50
C MET A 37 -18.93 6.09 -25.60
N GLN A 38 -19.16 6.67 -26.78
CA GLN A 38 -20.19 7.73 -26.95
C GLN A 38 -21.58 7.12 -26.64
N ALA A 39 -21.85 5.92 -27.13
CA ALA A 39 -23.13 5.20 -26.89
C ALA A 39 -23.33 4.94 -25.38
N LEU A 40 -22.28 4.53 -24.66
CA LEU A 40 -22.35 4.34 -23.18
C LEU A 40 -22.66 5.66 -22.52
N SER A 41 -21.95 6.72 -22.88
CA SER A 41 -22.13 8.05 -22.24
C SER A 41 -23.58 8.51 -22.47
N ASP A 42 -24.10 8.30 -23.67
CA ASP A 42 -25.46 8.72 -24.09
C ASP A 42 -26.50 7.95 -23.25
N LEU A 43 -26.17 6.74 -22.79
CA LEU A 43 -27.07 5.89 -21.98
C LEU A 43 -26.87 6.11 -20.47
N ASN A 44 -25.99 7.02 -20.04
CA ASN A 44 -25.78 7.29 -18.60
C ASN A 44 -26.90 8.24 -18.12
N ARG A 45 -28.13 7.71 -17.99
CA ARG A 45 -29.39 8.44 -17.66
CA ARG A 45 -29.40 8.42 -17.69
C ARG A 45 -30.18 7.57 -16.69
N PRO A 46 -30.99 8.15 -15.80
CA PRO A 46 -31.63 7.38 -14.73
C PRO A 46 -32.64 6.34 -15.22
N GLU A 47 -33.21 6.53 -16.39
CA GLU A 47 -34.24 5.60 -16.91
C GLU A 47 -33.57 4.40 -17.60
N ILE A 48 -32.24 4.37 -17.70
CA ILE A 48 -31.49 3.14 -18.13
C ILE A 48 -30.85 2.51 -16.90
N ARG A 49 -31.03 1.21 -16.70
CA ARG A 49 -30.55 0.55 -15.46
C ARG A 49 -29.56 -0.59 -15.71
N CYS A 50 -29.43 -1.08 -16.94
CA CYS A 50 -28.52 -2.20 -17.28
C CYS A 50 -28.14 -2.09 -18.75
N ILE A 51 -26.86 -2.39 -19.05
CA ILE A 51 -26.34 -2.45 -20.44
C ILE A 51 -26.00 -3.90 -20.77
N ILE A 52 -26.31 -4.31 -21.98
CA ILE A 52 -25.77 -5.54 -22.61
C ILE A 52 -24.87 -5.12 -23.76
N LEU A 53 -23.64 -5.68 -23.85
CA LEU A 53 -22.75 -5.57 -25.02
C LEU A 53 -22.87 -6.88 -25.79
N ARG A 54 -23.03 -6.84 -27.10
CA ARG A 54 -23.15 -8.07 -27.93
C ARG A 54 -22.64 -7.81 -29.34
N ALA A 55 -22.30 -8.88 -30.04
CA ALA A 55 -22.07 -8.88 -31.50
C ALA A 55 -23.40 -9.22 -32.13
N PRO A 56 -23.56 -8.93 -33.42
CA PRO A 56 -24.78 -9.34 -34.13
C PRO A 56 -25.07 -10.85 -34.02
N SER A 57 -26.36 -11.19 -34.02
CA SER A 57 -26.88 -12.56 -34.07
C SER A 57 -26.13 -13.30 -35.18
N GLY A 58 -25.63 -14.48 -34.87
CA GLY A 58 -25.02 -15.37 -35.87
C GLY A 58 -23.56 -15.12 -36.08
N SER A 59 -22.93 -14.19 -35.35
CA SER A 59 -21.51 -13.83 -35.57
C SER A 59 -20.61 -15.03 -35.30
N LYS A 60 -19.63 -15.27 -36.16
CA LYS A 60 -18.60 -16.31 -35.94
C LYS A 60 -17.55 -15.72 -35.00
N VAL A 61 -17.22 -14.45 -35.20
CA VAL A 61 -16.25 -13.70 -34.38
C VAL A 61 -17.01 -12.65 -33.58
N PHE A 62 -16.97 -12.78 -32.25
CA PHE A 62 -17.49 -11.73 -31.33
C PHE A 62 -16.67 -10.46 -31.52
N SER A 63 -15.34 -10.54 -31.37
CA SER A 63 -14.42 -9.42 -31.67
C SER A 63 -13.03 -10.00 -31.84
N ALA A 64 -12.32 -9.52 -32.85
CA ALA A 64 -10.95 -9.98 -33.20
C ALA A 64 -9.91 -9.28 -32.34
N GLY A 65 -10.33 -8.50 -31.35
CA GLY A 65 -9.44 -7.95 -30.30
C GLY A 65 -8.86 -6.63 -30.72
N HIS A 66 -7.73 -6.25 -30.16
CA HIS A 66 -7.08 -4.97 -30.51
C HIS A 66 -6.87 -4.93 -32.02
N ASP A 67 -6.97 -3.75 -32.61
CA ASP A 67 -6.67 -3.59 -34.06
C ASP A 67 -5.14 -3.62 -34.18
N ILE A 68 -4.60 -4.72 -34.66
CA ILE A 68 -3.13 -4.93 -34.73
C ILE A 68 -2.46 -3.84 -35.58
N HIS A 69 -3.16 -3.39 -36.61
CA HIS A 69 -2.65 -2.33 -37.52
C HIS A 69 -2.46 -0.99 -36.82
N GLU A 70 -3.20 -0.74 -35.71
CA GLU A 70 -3.08 0.53 -34.95
C GLU A 70 -1.98 0.40 -33.88
N LEU A 71 -1.43 -0.78 -33.63
CA LEU A 71 -0.26 -0.90 -32.70
C LEU A 71 0.93 -0.15 -33.29
N PRO A 72 1.79 0.50 -32.48
CA PRO A 72 2.98 1.19 -32.98
C PRO A 72 4.01 0.20 -33.54
N SER A 73 4.92 0.66 -34.40
N SER A 73 4.84 0.69 -34.45
CA SER A 73 5.81 -0.21 -35.24
CA SER A 73 6.10 0.01 -34.83
C SER A 73 7.02 -0.71 -34.42
C SER A 73 7.02 0.12 -33.61
N GLY A 74 7.28 -0.11 -33.27
N GLY A 74 8.09 -0.67 -33.58
CA GLY A 74 8.46 -0.40 -32.43
CA GLY A 74 9.01 -0.74 -32.44
C GLY A 74 8.89 0.82 -31.65
C GLY A 74 9.36 0.63 -31.87
N GLY A 75 9.64 0.65 -30.56
CA GLY A 75 10.17 1.83 -29.84
C GLY A 75 9.09 2.65 -29.15
N ARG A 76 7.80 2.29 -29.23
CA ARG A 76 6.71 3.05 -28.54
C ARG A 76 5.91 2.08 -27.67
N ASP A 77 5.40 2.52 -26.52
CA ASP A 77 4.55 1.65 -25.68
C ASP A 77 3.27 1.37 -26.47
N PRO A 78 2.93 0.09 -26.77
CA PRO A 78 1.68 -0.23 -27.47
C PRO A 78 0.38 -0.16 -26.65
N LEU A 79 0.49 0.01 -25.33
CA LEU A 79 -0.71 -0.06 -24.45
C LEU A 79 -0.60 1.03 -23.41
N SER A 80 -0.41 2.25 -23.92
CA SER A 80 -0.37 3.48 -23.09
C SER A 80 -1.77 3.80 -22.57
N TYR A 81 -1.83 4.66 -21.57
CA TYR A 81 -3.06 4.98 -20.81
C TYR A 81 -4.18 5.42 -21.76
N ASP A 82 -3.91 6.12 -22.87
CA ASP A 82 -4.89 6.72 -23.81
CA ASP A 82 -5.10 6.59 -23.64
C ASP A 82 -5.24 5.75 -24.93
N ASP A 83 -4.65 4.55 -24.96
CA ASP A 83 -4.95 3.56 -26.04
C ASP A 83 -6.44 3.21 -25.96
N PRO A 84 -7.09 2.92 -27.08
CA PRO A 84 -8.53 2.62 -27.02
C PRO A 84 -8.91 1.45 -26.11
N LEU A 85 -8.15 0.34 -26.09
CA LEU A 85 -8.50 -0.77 -25.17
C LEU A 85 -8.43 -0.27 -23.72
N ARG A 86 -7.40 0.52 -23.36
CA ARG A 86 -7.17 1.01 -21.99
C ARG A 86 -8.35 1.92 -21.61
N GLN A 87 -8.80 2.77 -22.52
CA GLN A 87 -9.96 3.68 -22.34
CA GLN A 87 -9.95 3.69 -22.31
C GLN A 87 -11.25 2.90 -22.07
N ILE A 88 -11.56 1.91 -22.89
CA ILE A 88 -12.90 1.22 -22.84
CA ILE A 88 -12.92 1.30 -22.78
C ILE A 88 -13.01 0.40 -21.54
N THR A 89 -11.92 -0.27 -21.12
CA THR A 89 -11.96 -1.07 -19.87
C THR A 89 -12.12 -0.13 -18.67
N ARG A 90 -11.46 1.02 -18.65
CA ARG A 90 -11.72 1.98 -17.53
C ARG A 90 -13.18 2.44 -17.62
N MET A 91 -13.68 2.77 -18.81
CA MET A 91 -15.06 3.33 -18.85
C MET A 91 -16.09 2.27 -18.38
N ILE A 92 -15.98 1.03 -18.86
CA ILE A 92 -16.87 -0.08 -18.42
C ILE A 92 -16.80 -0.20 -16.91
N GLN A 93 -15.61 -0.19 -16.32
CA GLN A 93 -15.46 -0.44 -14.87
C GLN A 93 -16.02 0.71 -14.04
N LYS A 94 -15.97 1.93 -14.54
CA LYS A 94 -16.39 3.14 -13.79
C LYS A 94 -17.86 3.42 -14.07
N PHE A 95 -18.43 2.76 -15.05
CA PHE A 95 -19.84 3.06 -15.47
C PHE A 95 -20.81 2.67 -14.37
N PRO A 96 -21.71 3.58 -13.90
CA PRO A 96 -22.50 3.32 -12.69
C PRO A 96 -23.70 2.37 -12.85
N LYS A 97 -23.78 1.63 -13.96
CA LYS A 97 -24.85 0.63 -14.20
C LYS A 97 -24.12 -0.67 -14.53
N PRO A 98 -24.72 -1.82 -14.24
CA PRO A 98 -24.13 -3.08 -14.63
C PRO A 98 -24.02 -3.15 -16.16
N ILE A 99 -22.92 -3.74 -16.59
CA ILE A 99 -22.62 -4.07 -18.00
C ILE A 99 -22.42 -5.56 -18.10
N ILE A 100 -23.31 -6.20 -18.85
CA ILE A 100 -23.30 -7.66 -19.12
C ILE A 100 -22.75 -7.89 -20.53
N SER A 101 -21.69 -8.68 -20.68
CA SER A 101 -21.19 -9.13 -22.00
C SER A 101 -21.99 -10.38 -22.41
N MET A 102 -22.72 -10.27 -23.53
CA MET A 102 -23.51 -11.41 -24.07
C MET A 102 -22.78 -11.94 -25.31
N VAL A 103 -22.14 -13.09 -25.17
CA VAL A 103 -21.07 -13.53 -26.11
C VAL A 103 -21.57 -14.64 -27.02
N GLU A 104 -21.51 -14.36 -28.30
CA GLU A 104 -21.66 -15.34 -29.40
C GLU A 104 -20.45 -15.18 -30.30
N GLY A 105 -19.80 -16.31 -30.60
CA GLY A 105 -18.60 -16.39 -31.45
C GLY A 105 -17.30 -16.36 -30.63
N SER A 106 -16.20 -16.20 -31.35
CA SER A 106 -14.82 -16.26 -30.81
C SER A 106 -14.40 -14.89 -30.28
N VAL A 107 -13.67 -14.90 -29.17
CA VAL A 107 -13.25 -13.68 -28.44
C VAL A 107 -11.72 -13.75 -28.36
N TRP A 108 -11.04 -12.70 -28.80
CA TRP A 108 -9.56 -12.66 -28.96
C TRP A 108 -8.95 -11.52 -28.14
N GLY A 109 -7.90 -11.81 -27.38
CA GLY A 109 -6.95 -10.79 -26.89
C GLY A 109 -7.60 -9.68 -26.10
N GLY A 110 -7.44 -8.45 -26.59
CA GLY A 110 -8.02 -7.29 -25.91
C GLY A 110 -9.53 -7.39 -25.78
N ALA A 111 -10.23 -8.11 -26.66
CA ALA A 111 -11.70 -8.24 -26.51
C ALA A 111 -11.98 -9.18 -25.34
N PHE A 112 -11.06 -10.10 -25.07
CA PHE A 112 -11.20 -11.00 -23.91
C PHE A 112 -11.00 -10.15 -22.64
N GLU A 113 -9.98 -9.30 -22.61
CA GLU A 113 -9.81 -8.35 -21.49
C GLU A 113 -11.07 -7.46 -21.36
N MET A 114 -11.60 -6.95 -22.47
CA MET A 114 -12.81 -6.09 -22.43
C MET A 114 -13.96 -6.82 -21.73
N ILE A 115 -14.29 -8.05 -22.10
CA ILE A 115 -15.45 -8.74 -21.47
C ILE A 115 -15.09 -9.09 -20.03
N MET A 116 -13.82 -9.36 -19.73
CA MET A 116 -13.41 -9.65 -18.34
C MET A 116 -13.63 -8.40 -17.47
N SER A 117 -13.49 -7.20 -18.03
CA SER A 117 -13.63 -5.91 -17.31
C SER A 117 -15.10 -5.64 -17.07
N SER A 118 -16.03 -6.28 -17.79
CA SER A 118 -17.48 -6.11 -17.59
C SER A 118 -17.94 -6.88 -16.32
N ASP A 119 -19.21 -6.70 -15.94
CA ASP A 119 -19.70 -7.15 -14.60
C ASP A 119 -20.08 -8.63 -14.63
N LEU A 120 -20.73 -9.06 -15.71
CA LEU A 120 -21.22 -10.45 -15.89
C LEU A 120 -20.91 -10.86 -17.32
N ILE A 121 -20.67 -12.15 -17.55
CA ILE A 121 -20.50 -12.72 -18.91
C ILE A 121 -21.45 -13.91 -19.04
N ILE A 122 -22.35 -13.83 -20.01
CA ILE A 122 -23.26 -14.92 -20.41
C ILE A 122 -22.92 -15.28 -21.84
N ALA A 123 -22.67 -16.55 -22.10
CA ALA A 123 -22.12 -16.93 -23.41
C ALA A 123 -22.84 -18.13 -24.02
N ALA A 124 -22.80 -18.18 -25.34
CA ALA A 124 -23.29 -19.33 -26.12
C ALA A 124 -22.40 -20.55 -25.86
N SER A 125 -22.98 -21.73 -25.90
CA SER A 125 -22.26 -23.01 -25.73
C SER A 125 -21.16 -23.19 -26.79
N THR A 126 -21.22 -22.49 -27.93
CA THR A 126 -20.24 -22.63 -29.03
C THR A 126 -19.15 -21.54 -29.00
N SER A 127 -19.23 -20.61 -28.04
CA SER A 127 -18.32 -19.45 -27.96
C SER A 127 -16.95 -19.98 -27.55
N THR A 128 -15.91 -19.27 -27.93
CA THR A 128 -14.52 -19.61 -27.58
C THR A 128 -13.74 -18.35 -27.19
N PHE A 129 -12.64 -18.54 -26.44
CA PHE A 129 -11.96 -17.44 -25.74
C PHE A 129 -10.47 -17.70 -25.78
N SER A 130 -9.70 -16.70 -26.18
CA SER A 130 -8.20 -16.77 -26.30
CA SER A 130 -8.20 -16.81 -26.17
C SER A 130 -7.58 -15.47 -25.81
N MET A 131 -6.39 -15.53 -25.19
CA MET A 131 -5.58 -14.36 -24.84
C MET A 131 -4.28 -14.42 -25.65
N THR A 132 -3.96 -13.40 -26.45
CA THR A 132 -3.07 -13.49 -27.64
C THR A 132 -1.79 -12.67 -27.60
N PRO A 133 -1.40 -11.83 -26.60
CA PRO A 133 -0.19 -11.04 -26.74
C PRO A 133 1.08 -11.87 -27.02
N VAL A 134 1.16 -13.11 -26.56
CA VAL A 134 2.43 -13.89 -26.77
C VAL A 134 2.52 -14.36 -28.23
N ASN A 135 1.44 -14.29 -28.99
CA ASN A 135 1.45 -14.55 -30.46
C ASN A 135 2.15 -13.40 -31.21
N LEU A 136 2.17 -12.19 -30.67
CA LEU A 136 2.61 -10.95 -31.38
C LEU A 136 3.89 -10.38 -30.76
N GLY A 137 4.32 -10.88 -29.61
CA GLY A 137 5.48 -10.31 -28.92
C GLY A 137 5.17 -9.04 -28.14
N VAL A 138 3.91 -8.80 -27.82
CA VAL A 138 3.46 -7.54 -27.16
C VAL A 138 3.63 -7.60 -25.63
N PRO A 139 4.26 -6.59 -25.01
CA PRO A 139 4.37 -6.51 -23.55
C PRO A 139 3.08 -5.94 -22.99
N TYR A 140 2.22 -6.80 -22.50
CA TYR A 140 0.92 -6.39 -21.91
C TYR A 140 1.25 -5.51 -20.71
N ASN A 141 0.35 -4.62 -20.37
CA ASN A 141 0.55 -3.67 -19.25
C ASN A 141 -0.02 -4.26 -17.96
N LEU A 142 0.43 -3.74 -16.83
CA LEU A 142 0.02 -4.19 -15.49
C LEU A 142 -1.50 -4.06 -15.31
N VAL A 143 -2.10 -2.95 -15.69
CA VAL A 143 -3.56 -2.78 -15.47
C VAL A 143 -4.30 -3.86 -16.25
N GLY A 144 -3.92 -4.08 -17.53
CA GLY A 144 -4.52 -5.06 -18.44
C GLY A 144 -4.42 -6.47 -17.84
N ILE A 145 -3.23 -6.88 -17.38
CA ILE A 145 -3.02 -8.21 -16.74
C ILE A 145 -3.89 -8.29 -15.51
N HIS A 146 -3.93 -7.23 -14.69
CA HIS A 146 -4.70 -7.24 -13.42
C HIS A 146 -6.18 -7.51 -13.73
N ASN A 147 -6.67 -6.98 -14.83
CA ASN A 147 -8.09 -7.15 -15.27
C ASN A 147 -8.38 -8.62 -15.58
N LEU A 148 -7.36 -9.46 -15.82
CA LEU A 148 -7.56 -10.90 -16.13
C LEU A 148 -7.48 -11.79 -14.89
N THR A 149 -7.24 -11.25 -13.69
CA THR A 149 -6.89 -12.05 -12.48
C THR A 149 -7.98 -12.11 -11.43
N ARG A 150 -9.21 -11.60 -11.68
CA ARG A 150 -10.21 -11.48 -10.61
C ARG A 150 -11.28 -12.58 -10.68
N ASP A 151 -11.12 -13.56 -11.59
CA ASP A 151 -12.16 -14.58 -11.84
C ASP A 151 -11.55 -15.97 -11.68
N ALA A 152 -10.67 -16.37 -12.58
CA ALA A 152 -9.92 -17.65 -12.55
C ALA A 152 -8.61 -17.47 -11.73
N GLY A 153 -8.09 -18.55 -11.18
CA GLY A 153 -6.81 -18.57 -10.44
C GLY A 153 -5.59 -18.33 -11.30
N PHE A 154 -4.44 -18.12 -10.65
CA PHE A 154 -3.19 -17.75 -11.34
C PHE A 154 -2.76 -18.83 -12.31
N HIS A 155 -2.78 -20.09 -11.90
CA HIS A 155 -2.35 -21.20 -12.81
C HIS A 155 -3.19 -21.19 -14.10
N ILE A 156 -4.51 -21.00 -13.98
CA ILE A 156 -5.40 -20.99 -15.18
C ILE A 156 -5.06 -19.78 -16.03
N VAL A 157 -4.88 -18.62 -15.41
CA VAL A 157 -4.59 -17.38 -16.19
C VAL A 157 -3.27 -17.53 -16.92
N LYS A 158 -2.26 -18.07 -16.25
CA LYS A 158 -0.96 -18.28 -16.92
C LYS A 158 -1.06 -19.29 -18.07
N GLU A 159 -1.80 -20.39 -17.91
CA GLU A 159 -2.07 -21.31 -19.06
C GLU A 159 -2.64 -20.49 -20.23
N LEU A 160 -3.71 -19.74 -19.98
CA LEU A 160 -4.41 -18.98 -21.05
C LEU A 160 -3.40 -18.08 -21.75
N ILE A 161 -2.64 -17.32 -21.00
CA ILE A 161 -1.74 -16.30 -21.62
C ILE A 161 -0.52 -16.97 -22.23
N PHE A 162 0.14 -17.92 -21.56
CA PHE A 162 1.43 -18.46 -22.08
C PHE A 162 1.16 -19.35 -23.32
N THR A 163 0.02 -20.02 -23.42
CA THR A 163 -0.30 -20.92 -24.55
C THR A 163 -0.96 -20.13 -25.68
N ALA A 164 -1.65 -19.02 -25.37
CA ALA A 164 -2.56 -18.36 -26.31
C ALA A 164 -3.53 -19.38 -26.94
N SER A 165 -3.87 -20.48 -26.28
CA SER A 165 -4.78 -21.51 -26.87
C SER A 165 -6.21 -21.14 -26.52
N PRO A 166 -7.16 -21.32 -27.42
CA PRO A 166 -8.56 -21.05 -27.07
C PRO A 166 -9.10 -22.07 -26.10
N ILE A 167 -10.04 -21.65 -25.26
CA ILE A 167 -10.79 -22.57 -24.38
C ILE A 167 -12.27 -22.47 -24.76
N THR A 168 -13.00 -23.51 -24.45
CA THR A 168 -14.44 -23.60 -24.69
C THR A 168 -15.19 -22.76 -23.66
N ALA A 169 -16.46 -22.50 -23.96
CA ALA A 169 -17.38 -21.90 -23.01
C ALA A 169 -17.51 -22.83 -21.81
N GLN A 170 -17.50 -24.14 -22.04
CA GLN A 170 -17.70 -25.08 -20.91
C GLN A 170 -16.51 -24.95 -19.94
N ARG A 171 -15.31 -24.89 -20.46
CA ARG A 171 -14.14 -24.73 -19.56
C ARG A 171 -14.15 -23.33 -18.90
N ALA A 172 -14.46 -22.28 -19.64
CA ALA A 172 -14.54 -20.89 -19.12
C ALA A 172 -15.55 -20.83 -17.98
N LEU A 173 -16.65 -21.58 -18.05
CA LEU A 173 -17.61 -21.68 -16.93
C LEU A 173 -16.95 -22.38 -15.73
N ALA A 174 -16.33 -23.51 -15.94
CA ALA A 174 -15.79 -24.36 -14.84
C ALA A 174 -14.70 -23.59 -14.08
N VAL A 175 -13.93 -22.71 -14.74
CA VAL A 175 -12.77 -22.07 -14.08
C VAL A 175 -13.19 -20.72 -13.48
N GLY A 176 -14.42 -20.26 -13.67
CA GLY A 176 -14.98 -19.09 -13.01
C GLY A 176 -14.96 -17.82 -13.86
N ILE A 177 -14.63 -17.89 -15.15
CA ILE A 177 -14.66 -16.73 -16.06
C ILE A 177 -16.11 -16.33 -16.39
N LEU A 178 -16.96 -17.28 -16.75
CA LEU A 178 -18.36 -17.02 -17.20
C LEU A 178 -19.33 -17.20 -16.05
N ASN A 179 -20.45 -16.48 -16.12
CA ASN A 179 -21.57 -16.65 -15.17
C ASN A 179 -22.46 -17.81 -15.62
N HIS A 180 -22.77 -17.84 -16.91
CA HIS A 180 -23.71 -18.82 -17.48
C HIS A 180 -23.32 -19.17 -18.89
N VAL A 181 -23.60 -20.41 -19.26
CA VAL A 181 -23.50 -20.87 -20.67
C VAL A 181 -24.88 -21.36 -21.09
N VAL A 182 -25.32 -20.94 -22.24
CA VAL A 182 -26.65 -21.41 -22.72
CA VAL A 182 -26.71 -21.17 -22.76
C VAL A 182 -26.57 -21.67 -24.22
N GLU A 183 -27.50 -22.49 -24.73
CA GLU A 183 -27.61 -22.72 -26.19
C GLU A 183 -27.82 -21.37 -26.89
N VAL A 184 -27.20 -21.18 -28.04
CA VAL A 184 -27.22 -19.86 -28.75
C VAL A 184 -28.69 -19.41 -28.98
N GLU A 185 -29.63 -20.32 -29.27
CA GLU A 185 -31.05 -19.91 -29.50
C GLU A 185 -31.66 -19.30 -28.23
N GLU A 186 -31.13 -19.58 -27.04
CA GLU A 186 -31.70 -19.13 -25.75
C GLU A 186 -30.94 -17.89 -25.23
N LEU A 187 -29.79 -17.60 -25.81
CA LEU A 187 -28.82 -16.60 -25.25
C LEU A 187 -29.50 -15.25 -25.06
N GLU A 188 -30.17 -14.70 -26.08
CA GLU A 188 -30.66 -13.30 -26.05
C GLU A 188 -31.72 -13.21 -24.96
N ASP A 189 -32.67 -14.11 -24.93
CA ASP A 189 -33.77 -13.93 -23.96
C ASP A 189 -33.33 -14.31 -22.52
N PHE A 190 -32.42 -15.27 -22.34
CA PHE A 190 -31.81 -15.59 -21.02
C PHE A 190 -31.13 -14.33 -20.45
N THR A 191 -30.35 -13.64 -21.28
CA THR A 191 -29.58 -12.46 -20.86
C THR A 191 -30.54 -11.29 -20.56
N LEU A 192 -31.50 -11.04 -21.44
CA LEU A 192 -32.51 -9.98 -21.20
C LEU A 192 -33.31 -10.26 -19.93
N GLN A 193 -33.73 -11.51 -19.65
CA GLN A 193 -34.46 -11.83 -18.40
C GLN A 193 -33.63 -11.35 -17.20
N MET A 194 -32.33 -11.68 -17.18
CA MET A 194 -31.46 -11.30 -16.03
C MET A 194 -31.32 -9.79 -16.00
N ALA A 195 -31.12 -9.12 -17.13
CA ALA A 195 -30.98 -7.65 -17.16
C ALA A 195 -32.27 -6.96 -16.67
N HIS A 196 -33.44 -7.42 -17.10
CA HIS A 196 -34.73 -6.85 -16.65
CA HIS A 196 -34.71 -6.81 -16.64
C HIS A 196 -34.84 -7.03 -15.12
N HIS A 197 -34.46 -8.19 -14.61
CA HIS A 197 -34.54 -8.48 -13.15
C HIS A 197 -33.64 -7.50 -12.37
N ILE A 198 -32.41 -7.30 -12.82
CA ILE A 198 -31.46 -6.35 -12.16
C ILE A 198 -32.07 -4.95 -12.22
N SER A 199 -32.78 -4.64 -13.31
CA SER A 199 -33.33 -3.28 -13.57
C SER A 199 -34.46 -2.93 -12.59
N GLU A 200 -35.01 -3.90 -11.84
CA GLU A 200 -36.04 -3.61 -10.83
CA GLU A 200 -36.05 -3.73 -10.80
C GLU A 200 -35.37 -3.33 -9.47
N LYS A 201 -34.04 -3.52 -9.36
CA LYS A 201 -33.34 -3.33 -8.05
C LYS A 201 -32.88 -1.89 -7.84
N ALA A 202 -32.33 -1.59 -6.66
CA ALA A 202 -32.00 -0.17 -6.31
C ALA A 202 -30.75 0.30 -7.05
N PRO A 203 -30.85 1.24 -8.02
CA PRO A 203 -29.70 1.55 -8.85
C PRO A 203 -28.55 2.25 -8.14
N LEU A 204 -28.83 3.08 -7.12
CA LEU A 204 -27.80 3.80 -6.36
C LEU A 204 -26.98 2.82 -5.53
N ALA A 205 -27.63 1.81 -4.95
CA ALA A 205 -26.98 0.71 -4.21
C ALA A 205 -26.11 -0.09 -5.17
N ILE A 206 -26.64 -0.44 -6.33
CA ILE A 206 -25.82 -1.16 -7.34
C ILE A 206 -24.59 -0.33 -7.70
N ALA A 207 -24.76 0.96 -7.95
CA ALA A 207 -23.65 1.83 -8.40
C ALA A 207 -22.58 1.91 -7.32
N VAL A 208 -22.94 2.09 -6.05
CA VAL A 208 -21.87 2.26 -5.02
C VAL A 208 -21.20 0.91 -4.75
N ILE A 209 -21.95 -0.20 -4.80
CA ILE A 209 -21.32 -1.55 -4.65
C ILE A 209 -20.39 -1.87 -5.83
N LYS A 210 -20.79 -1.53 -7.06
CA LYS A 210 -19.90 -1.73 -8.21
C LYS A 210 -18.61 -0.95 -7.98
N GLU A 211 -18.72 0.30 -7.57
CA GLU A 211 -17.51 1.16 -7.35
C GLU A 211 -16.63 0.67 -6.21
N GLU A 212 -17.22 0.17 -5.12
CA GLU A 212 -16.49 -0.45 -4.02
C GLU A 212 -15.71 -1.66 -4.53
N LEU A 213 -16.35 -2.50 -5.34
CA LEU A 213 -15.66 -3.67 -5.94
C LEU A 213 -14.54 -3.18 -6.86
N ARG A 214 -14.77 -2.09 -7.62
CA ARG A 214 -13.72 -1.58 -8.52
C ARG A 214 -12.47 -1.21 -7.70
N VAL A 215 -12.67 -0.39 -6.67
CA VAL A 215 -11.48 0.13 -5.93
CA VAL A 215 -11.58 0.15 -5.79
C VAL A 215 -10.83 -1.01 -5.14
N LEU A 216 -11.60 -1.96 -4.59
CA LEU A 216 -11.00 -3.13 -3.91
C LEU A 216 -10.21 -3.95 -4.93
N GLY A 217 -10.72 -4.14 -6.15
CA GLY A 217 -10.00 -4.88 -7.21
C GLY A 217 -8.70 -4.21 -7.57
N GLU A 218 -8.66 -2.89 -7.53
CA GLU A 218 -7.45 -2.16 -7.95
CA GLU A 218 -7.49 -2.07 -7.91
C GLU A 218 -6.45 -2.04 -6.79
N ALA A 219 -6.85 -2.35 -5.56
CA ALA A 219 -6.08 -2.02 -4.34
C ALA A 219 -4.96 -3.03 -4.10
N HIS A 220 -4.21 -3.38 -5.15
CA HIS A 220 -2.92 -4.12 -5.05
C HIS A 220 -1.84 -3.08 -5.31
N THR A 221 -1.11 -2.63 -4.28
CA THR A 221 -0.26 -1.42 -4.37
C THR A 221 1.21 -1.81 -4.37
N MET A 222 2.02 -1.01 -5.03
CA MET A 222 3.48 -1.21 -5.15
CA MET A 222 3.48 -1.23 -5.14
C MET A 222 4.18 0.13 -5.08
N ASN A 223 5.49 0.14 -4.85
CA ASN A 223 6.25 1.42 -4.78
C ASN A 223 6.66 1.84 -6.20
N SER A 224 7.10 3.09 -6.33
CA SER A 224 7.46 3.68 -7.63
C SER A 224 8.56 2.85 -8.29
N ASP A 225 9.57 2.45 -7.54
CA ASP A 225 10.71 1.69 -8.10
C ASP A 225 10.21 0.40 -8.76
N GLU A 226 9.29 -0.34 -8.14
CA GLU A 226 8.71 -1.58 -8.74
CA GLU A 226 8.85 -1.57 -8.79
C GLU A 226 8.08 -1.24 -10.09
N PHE A 227 7.22 -0.24 -10.10
CA PHE A 227 6.53 0.15 -11.36
CA PHE A 227 6.52 0.19 -11.36
C PHE A 227 7.55 0.54 -12.45
N GLU A 228 8.54 1.36 -12.11
CA GLU A 228 9.48 1.83 -13.15
C GLU A 228 10.37 0.66 -13.63
N ARG A 229 10.67 -0.30 -12.74
CA ARG A 229 11.41 -1.53 -13.12
C ARG A 229 10.57 -2.30 -14.16
N ILE A 230 9.31 -2.57 -13.85
CA ILE A 230 8.35 -3.21 -14.82
C ILE A 230 8.32 -2.42 -16.13
N GLN A 231 8.18 -1.10 -16.07
CA GLN A 231 8.14 -0.30 -17.30
C GLN A 231 9.41 -0.47 -18.12
N GLY A 232 10.58 -0.45 -17.49
CA GLY A 232 11.84 -0.68 -18.20
C GLY A 232 11.87 -2.05 -18.89
N MET A 233 11.37 -3.08 -18.22
CA MET A 233 11.28 -4.44 -18.83
CA MET A 233 11.29 -4.45 -18.81
C MET A 233 10.34 -4.41 -20.02
N ARG A 234 9.19 -3.72 -19.89
CA ARG A 234 8.22 -3.63 -21.01
C ARG A 234 8.86 -2.88 -22.19
N ARG A 235 9.66 -1.85 -21.91
CA ARG A 235 10.37 -1.05 -22.95
CA ARG A 235 10.34 -1.07 -22.98
C ARG A 235 11.35 -1.98 -23.71
N ALA A 236 12.09 -2.82 -22.99
CA ALA A 236 13.02 -3.77 -23.63
C ALA A 236 12.23 -4.69 -24.58
N VAL A 237 11.00 -5.06 -24.23
CA VAL A 237 10.18 -5.89 -25.13
C VAL A 237 9.72 -5.08 -26.35
N TYR A 238 9.16 -3.88 -26.19
CA TYR A 238 8.64 -3.12 -27.35
C TYR A 238 9.80 -2.58 -28.19
N ASP A 239 11.03 -2.65 -27.71
CA ASP A 239 12.25 -2.31 -28.50
C ASP A 239 12.87 -3.56 -29.18
N SER A 240 12.37 -4.77 -28.92
CA SER A 240 13.01 -6.03 -29.32
C SER A 240 12.80 -6.34 -30.81
N GLU A 241 13.69 -7.17 -31.34
CA GLU A 241 13.50 -7.72 -32.70
C GLU A 241 12.21 -8.55 -32.70
N ASP A 242 11.94 -9.32 -31.64
CA ASP A 242 10.77 -10.21 -31.58
C ASP A 242 9.49 -9.40 -31.74
N TYR A 243 9.38 -8.20 -31.13
CA TYR A 243 8.16 -7.36 -31.27
C TYR A 243 7.97 -7.02 -32.76
N GLN A 244 9.03 -6.63 -33.44
CA GLN A 244 8.89 -6.26 -34.89
C GLN A 244 8.54 -7.52 -35.71
N GLU A 245 9.15 -8.67 -35.37
CA GLU A 245 8.85 -9.97 -36.02
C GLU A 245 7.36 -10.28 -35.81
N GLY A 246 6.82 -10.08 -34.61
CA GLY A 246 5.41 -10.40 -34.32
C GLY A 246 4.47 -9.56 -35.18
N MET A 247 4.74 -8.27 -35.30
CA MET A 247 3.93 -7.33 -36.10
C MET A 247 4.05 -7.71 -37.58
N ASN A 248 5.26 -8.02 -38.05
CA ASN A 248 5.54 -8.33 -39.49
CA ASN A 248 5.44 -8.27 -39.50
C ASN A 248 4.82 -9.63 -39.88
N ALA A 249 4.87 -10.64 -39.00
CA ALA A 249 4.28 -11.97 -39.24
C ALA A 249 2.77 -11.81 -39.40
N PHE A 250 2.14 -10.96 -38.61
CA PHE A 250 0.69 -10.76 -38.70
C PHE A 250 0.38 -10.11 -40.06
N LEU A 251 1.12 -9.05 -40.41
CA LEU A 251 0.94 -8.31 -41.70
C LEU A 251 1.11 -9.30 -42.87
N GLU A 252 2.12 -10.15 -42.83
CA GLU A 252 2.49 -11.09 -43.93
C GLU A 252 1.72 -12.40 -43.84
N LYS A 253 0.81 -12.54 -42.86
CA LYS A 253 -0.06 -13.71 -42.64
C LYS A 253 0.79 -14.97 -42.55
N ARG A 254 1.89 -14.95 -41.77
CA ARG A 254 2.79 -16.10 -41.64
C ARG A 254 3.01 -16.38 -40.15
N LYS A 255 3.62 -17.52 -39.85
CA LYS A 255 3.94 -17.87 -38.44
C LYS A 255 5.18 -17.09 -38.03
N PRO A 256 5.19 -16.40 -36.86
CA PRO A 256 6.41 -15.70 -36.43
C PRO A 256 7.53 -16.66 -36.02
N ASN A 257 8.76 -16.23 -36.18
CA ASN A 257 9.98 -16.93 -35.68
CA ASN A 257 9.92 -16.98 -35.64
C ASN A 257 10.57 -16.10 -34.56
N PHE A 258 10.23 -16.40 -33.31
CA PHE A 258 10.77 -15.62 -32.16
C PHE A 258 12.10 -16.23 -31.70
N VAL A 259 13.03 -15.38 -31.30
CA VAL A 259 14.45 -15.75 -30.98
C VAL A 259 14.89 -15.24 -29.61
N GLY A 260 14.11 -14.40 -28.95
CA GLY A 260 14.39 -13.96 -27.57
C GLY A 260 15.30 -12.76 -27.53
N HIS A 261 15.31 -11.93 -28.56
CA HIS A 261 15.86 -10.56 -28.45
C HIS A 261 15.10 -9.63 -29.38
N ALA B 2 -25.81 -19.91 31.02
CA ALA B 2 -26.67 -20.13 29.85
C ALA B 2 -26.83 -18.83 29.11
N TYR B 3 -27.53 -18.88 27.98
CA TYR B 3 -27.72 -17.73 27.06
C TYR B 3 -29.19 -17.77 26.70
N GLN B 4 -29.80 -16.62 26.50
CA GLN B 4 -31.21 -16.55 26.08
C GLN B 4 -31.36 -16.94 24.61
N TYR B 5 -30.42 -16.53 23.74
CA TYR B 5 -30.64 -16.57 22.27
C TYR B 5 -29.76 -17.63 21.55
N VAL B 6 -28.90 -18.35 22.28
CA VAL B 6 -28.12 -19.48 21.69
C VAL B 6 -28.07 -20.61 22.71
N ASN B 7 -27.82 -21.83 22.24
CA ASN B 7 -27.56 -23.04 23.06
C ASN B 7 -26.16 -23.55 22.73
N VAL B 8 -25.32 -23.80 23.73
CA VAL B 8 -23.93 -24.29 23.50
C VAL B 8 -23.82 -25.76 23.94
N VAL B 9 -23.30 -26.64 23.09
CA VAL B 9 -22.95 -28.07 23.43
C VAL B 9 -21.45 -28.23 23.19
N THR B 10 -20.72 -28.88 24.08
CA THR B 10 -19.30 -29.26 23.84
C THR B 10 -19.21 -30.78 23.75
N ILE B 11 -18.47 -31.25 22.75
CA ILE B 11 -18.18 -32.68 22.52
C ILE B 11 -16.65 -32.77 22.51
N ASN B 12 -16.06 -33.12 23.66
CA ASN B 12 -14.59 -33.06 23.89
C ASN B 12 -14.07 -31.68 23.46
N LYS B 13 -13.30 -31.56 22.37
CA LYS B 13 -12.61 -30.29 21.97
C LYS B 13 -13.45 -29.46 20.99
N VAL B 14 -14.62 -29.93 20.60
CA VAL B 14 -15.49 -29.24 19.61
C VAL B 14 -16.66 -28.57 20.35
N ALA B 15 -16.92 -27.31 20.05
CA ALA B 15 -18.10 -26.63 20.61
C ALA B 15 -19.07 -26.31 19.48
N VAL B 16 -20.36 -26.56 19.74
CA VAL B 16 -21.43 -26.25 18.77
C VAL B 16 -22.27 -25.14 19.36
N ILE B 17 -22.30 -24.00 18.67
CA ILE B 17 -23.18 -22.86 19.03
C ILE B 17 -24.42 -22.96 18.14
N GLU B 18 -25.57 -23.18 18.74
CA GLU B 18 -26.86 -23.33 18.02
C GLU B 18 -27.74 -22.12 18.27
N PHE B 19 -28.22 -21.48 17.20
CA PHE B 19 -29.14 -20.33 17.28
C PHE B 19 -30.40 -20.75 18.04
N ASN B 20 -30.90 -19.85 18.88
CA ASN B 20 -32.18 -20.04 19.61
C ASN B 20 -33.00 -18.75 19.46
N TYR B 21 -33.30 -18.37 18.21
CA TYR B 21 -34.03 -17.11 17.93
C TYR B 21 -35.01 -17.35 16.80
N GLY B 22 -35.59 -18.55 16.79
CA GLY B 22 -36.40 -19.09 15.69
C GLY B 22 -37.68 -18.27 15.50
N ARG B 23 -38.15 -17.60 16.55
CA ARG B 23 -39.39 -16.81 16.44
C ARG B 23 -39.12 -15.56 15.57
N LYS B 24 -37.86 -15.14 15.41
CA LYS B 24 -37.46 -14.05 14.47
C LYS B 24 -36.53 -14.58 13.34
N LEU B 25 -36.61 -15.87 13.06
CA LEU B 25 -35.89 -16.59 11.97
C LEU B 25 -34.38 -16.33 12.08
N ASN B 26 -33.91 -16.20 13.31
CA ASN B 26 -32.49 -15.98 13.66
C ASN B 26 -32.00 -14.71 12.97
N ALA B 27 -32.85 -13.68 12.89
CA ALA B 27 -32.43 -12.37 12.37
C ALA B 27 -31.32 -11.83 13.27
N LEU B 28 -30.42 -11.02 12.70
CA LEU B 28 -29.18 -10.59 13.36
C LEU B 28 -29.46 -9.33 14.20
N SER B 29 -30.45 -9.37 15.09
CA SER B 29 -30.76 -8.28 16.06
CA SER B 29 -30.77 -8.29 16.07
C SER B 29 -29.60 -8.13 17.04
N LYS B 30 -29.49 -6.97 17.65
CA LYS B 30 -28.41 -6.70 18.65
C LYS B 30 -28.45 -7.76 19.77
N VAL B 31 -29.62 -8.12 20.29
CA VAL B 31 -29.66 -9.03 21.47
C VAL B 31 -29.15 -10.43 21.08
N PHE B 32 -29.45 -10.89 19.87
CA PHE B 32 -29.01 -12.21 19.36
C PHE B 32 -27.49 -12.20 19.14
N ILE B 33 -26.97 -11.17 18.45
CA ILE B 33 -25.52 -11.04 18.18
C ILE B 33 -24.76 -10.89 19.50
N ASP B 34 -25.24 -10.10 20.45
CA ASP B 34 -24.53 -9.95 21.75
C ASP B 34 -24.35 -11.33 22.41
N ASP B 35 -25.39 -12.16 22.38
CA ASP B 35 -25.36 -13.52 22.98
C ASP B 35 -24.39 -14.42 22.20
N LEU B 36 -24.38 -14.35 20.86
CA LEU B 36 -23.45 -15.17 20.05
CA LEU B 36 -23.44 -15.15 20.03
C LEU B 36 -22.00 -14.75 20.39
N MET B 37 -21.74 -13.45 20.50
CA MET B 37 -20.36 -12.99 20.79
C MET B 37 -19.98 -13.39 22.21
N GLN B 38 -20.93 -13.36 23.14
CA GLN B 38 -20.62 -13.77 24.52
C GLN B 38 -20.26 -15.26 24.52
N ALA B 39 -21.06 -16.08 23.84
CA ALA B 39 -20.83 -17.55 23.79
C ALA B 39 -19.47 -17.83 23.16
N LEU B 40 -19.10 -17.09 22.09
CA LEU B 40 -17.75 -17.29 21.47
C LEU B 40 -16.67 -16.93 22.46
N SER B 41 -16.78 -15.75 23.06
CA SER B 41 -15.78 -15.26 24.04
C SER B 41 -15.63 -16.29 25.16
N ASP B 42 -16.71 -16.83 25.66
CA ASP B 42 -16.66 -17.84 26.76
C ASP B 42 -15.96 -19.13 26.29
N LEU B 43 -15.94 -19.43 24.98
CA LEU B 43 -15.35 -20.67 24.42
C LEU B 43 -13.87 -20.46 24.05
N ASN B 44 -13.32 -19.28 24.33
CA ASN B 44 -11.92 -18.95 23.95
C ASN B 44 -11.03 -19.44 25.09
N ARG B 45 -10.89 -20.75 25.16
CA ARG B 45 -10.22 -21.53 26.24
CA ARG B 45 -10.07 -21.42 26.21
C ARG B 45 -9.36 -22.62 25.59
N PRO B 46 -8.21 -23.00 26.18
CA PRO B 46 -7.30 -23.96 25.54
C PRO B 46 -7.91 -25.34 25.20
N GLU B 47 -8.88 -25.80 25.99
CA GLU B 47 -9.49 -27.15 25.84
C GLU B 47 -10.54 -27.14 24.72
N ILE B 48 -10.85 -25.97 24.14
CA ILE B 48 -11.75 -25.90 22.96
C ILE B 48 -10.86 -25.63 21.72
N ARG B 49 -11.06 -26.36 20.64
CA ARG B 49 -10.14 -26.29 19.47
C ARG B 49 -10.88 -25.99 18.17
N CYS B 50 -12.20 -26.11 18.13
CA CYS B 50 -12.95 -25.92 16.87
C CYS B 50 -14.39 -25.58 17.21
N ILE B 51 -14.92 -24.56 16.57
CA ILE B 51 -16.32 -24.11 16.77
C ILE B 51 -17.15 -24.50 15.55
N ILE B 52 -18.41 -24.85 15.79
CA ILE B 52 -19.46 -25.03 14.75
C ILE B 52 -20.59 -24.07 15.06
N LEU B 53 -20.97 -23.24 14.08
CA LEU B 53 -22.21 -22.40 14.19
C LEU B 53 -23.31 -23.13 13.42
N ARG B 54 -24.50 -23.23 13.98
CA ARG B 54 -25.61 -23.87 13.26
C ARG B 54 -26.94 -23.25 13.67
N ALA B 55 -27.95 -23.44 12.83
CA ALA B 55 -29.36 -23.30 13.20
C ALA B 55 -29.85 -24.66 13.73
N PRO B 56 -30.96 -24.66 14.47
CA PRO B 56 -31.55 -25.90 14.97
C PRO B 56 -31.85 -26.85 13.81
N SER B 57 -31.72 -28.14 14.06
CA SER B 57 -32.05 -29.22 13.12
C SER B 57 -33.46 -29.01 12.54
N GLY B 58 -33.62 -29.13 11.22
CA GLY B 58 -34.92 -28.94 10.52
C GLY B 58 -35.26 -27.48 10.17
N SER B 59 -34.40 -26.49 10.49
CA SER B 59 -34.70 -25.05 10.22
C SER B 59 -34.92 -24.87 8.70
N LYS B 60 -36.01 -24.21 8.32
CA LYS B 60 -36.25 -23.83 6.90
CA LYS B 60 -36.30 -23.78 6.94
C LYS B 60 -35.42 -22.57 6.62
N VAL B 61 -35.23 -21.73 7.63
CA VAL B 61 -34.47 -20.45 7.52
C VAL B 61 -33.27 -20.53 8.46
N PHE B 62 -32.06 -20.58 7.88
CA PHE B 62 -30.81 -20.51 8.69
C PHE B 62 -30.77 -19.17 9.43
N SER B 63 -30.78 -18.06 8.70
CA SER B 63 -30.92 -16.71 9.29
C SER B 63 -31.51 -15.75 8.27
N ALA B 64 -32.45 -14.91 8.68
CA ALA B 64 -33.15 -13.92 7.80
C ALA B 64 -32.29 -12.68 7.59
N GLY B 65 -31.07 -12.65 8.14
CA GLY B 65 -30.16 -11.53 7.91
C GLY B 65 -30.42 -10.40 8.88
N HIS B 66 -30.01 -9.19 8.50
CA HIS B 66 -30.12 -8.00 9.37
C HIS B 66 -31.57 -7.89 9.82
N ASP B 67 -31.81 -7.58 11.08
CA ASP B 67 -33.15 -7.14 11.55
C ASP B 67 -33.51 -5.79 10.90
N ILE B 68 -34.49 -5.74 9.99
CA ILE B 68 -34.74 -4.52 9.17
C ILE B 68 -35.35 -3.43 10.09
N HIS B 69 -36.08 -3.82 11.12
CA HIS B 69 -36.56 -2.87 12.18
C HIS B 69 -35.38 -2.17 12.90
N GLU B 70 -34.17 -2.71 12.90
CA GLU B 70 -32.99 -2.10 13.59
C GLU B 70 -32.09 -1.32 12.61
N LEU B 71 -32.31 -1.40 11.28
CA LEU B 71 -31.62 -0.55 10.26
C LEU B 71 -32.01 0.91 10.56
N PRO B 72 -31.07 1.84 10.85
CA PRO B 72 -31.44 3.24 10.97
C PRO B 72 -31.82 3.76 9.57
N SER B 73 -32.85 4.60 9.50
CA SER B 73 -33.29 5.27 8.26
C SER B 73 -32.88 6.75 8.28
N GLY B 74 -32.46 7.26 9.44
CA GLY B 74 -32.50 8.70 9.77
C GLY B 74 -31.31 9.49 9.25
N GLY B 75 -30.91 9.28 7.99
CA GLY B 75 -29.67 9.85 7.41
C GLY B 75 -28.41 9.38 8.14
N ARG B 76 -28.47 8.18 8.74
CA ARG B 76 -27.42 7.55 9.58
C ARG B 76 -26.86 6.32 8.85
N ASP B 77 -25.55 6.09 8.95
CA ASP B 77 -24.90 4.94 8.27
C ASP B 77 -25.41 3.67 8.92
N PRO B 78 -26.07 2.80 8.13
CA PRO B 78 -26.59 1.53 8.66
C PRO B 78 -25.55 0.42 8.97
N LEU B 79 -24.32 0.56 8.47
CA LEU B 79 -23.26 -0.48 8.64
C LEU B 79 -21.98 0.18 9.13
N SER B 80 -22.10 0.93 10.21
CA SER B 80 -20.93 1.57 10.87
C SER B 80 -20.16 0.51 11.68
N TYR B 81 -18.99 0.90 12.12
CA TYR B 81 -17.96 -0.02 12.63
C TYR B 81 -18.54 -0.83 13.79
N ASP B 82 -19.35 -0.24 14.66
CA ASP B 82 -19.83 -0.95 15.88
C ASP B 82 -21.27 -1.44 15.71
N ASP B 83 -21.77 -1.53 14.48
CA ASP B 83 -23.05 -2.25 14.23
C ASP B 83 -22.84 -3.76 14.46
N PRO B 84 -23.85 -4.46 15.01
CA PRO B 84 -23.69 -5.88 15.38
C PRO B 84 -23.14 -6.81 14.27
N LEU B 85 -23.63 -6.69 13.02
CA LEU B 85 -23.08 -7.48 11.90
C LEU B 85 -21.56 -7.20 11.77
N ARG B 86 -21.14 -5.95 11.90
CA ARG B 86 -19.74 -5.52 11.68
C ARG B 86 -18.89 -6.07 12.83
N GLN B 87 -19.45 -6.12 14.04
CA GLN B 87 -18.77 -6.64 15.25
CA GLN B 87 -18.77 -6.65 15.24
C GLN B 87 -18.58 -8.16 15.11
N ILE B 88 -19.61 -8.88 14.73
CA ILE B 88 -19.57 -10.39 14.71
CA ILE B 88 -19.50 -10.38 14.77
C ILE B 88 -18.59 -10.87 13.64
N THR B 89 -18.55 -10.23 12.46
CA THR B 89 -17.64 -10.70 11.38
C THR B 89 -16.19 -10.46 11.83
N ARG B 90 -15.90 -9.33 12.43
CA ARG B 90 -14.53 -9.05 12.98
C ARG B 90 -14.19 -10.11 14.03
N MET B 91 -15.11 -10.39 14.92
CA MET B 91 -14.83 -11.36 16.04
C MET B 91 -14.60 -12.77 15.47
N ILE B 92 -15.41 -13.21 14.51
CA ILE B 92 -15.23 -14.54 13.87
C ILE B 92 -13.82 -14.59 13.24
N GLN B 93 -13.43 -13.51 12.53
CA GLN B 93 -12.17 -13.52 11.79
C GLN B 93 -10.95 -13.47 12.72
N LYS B 94 -11.04 -12.80 13.86
CA LYS B 94 -9.89 -12.67 14.79
C LYS B 94 -9.87 -13.80 15.82
N PHE B 95 -10.92 -14.60 15.88
CA PHE B 95 -11.03 -15.73 16.83
C PHE B 95 -9.94 -16.77 16.55
N PRO B 96 -9.15 -17.18 17.57
CA PRO B 96 -7.94 -17.98 17.32
C PRO B 96 -8.20 -19.49 17.14
N LYS B 97 -9.44 -19.88 16.83
CA LYS B 97 -9.82 -21.29 16.58
C LYS B 97 -10.58 -21.27 15.27
N PRO B 98 -10.57 -22.37 14.50
CA PRO B 98 -11.42 -22.44 13.33
C PRO B 98 -12.90 -22.34 13.72
N ILE B 99 -13.65 -21.62 12.91
CA ILE B 99 -15.14 -21.55 13.01
C ILE B 99 -15.76 -22.08 11.72
N ILE B 100 -16.53 -23.15 11.83
CA ILE B 100 -17.20 -23.82 10.71
C ILE B 100 -18.68 -23.42 10.76
N SER B 101 -19.19 -22.85 9.67
CA SER B 101 -20.65 -22.61 9.49
C SER B 101 -21.30 -23.89 8.95
N MET B 102 -22.21 -24.50 9.71
CA MET B 102 -22.94 -25.71 9.29
C MET B 102 -24.37 -25.29 8.93
N VAL B 103 -24.68 -25.25 7.63
CA VAL B 103 -25.89 -24.54 7.15
C VAL B 103 -26.99 -25.52 6.74
N GLU B 104 -28.13 -25.35 7.38
CA GLU B 104 -29.42 -25.95 6.99
C GLU B 104 -30.39 -24.78 6.86
N GLY B 105 -31.10 -24.73 5.73
CA GLY B 105 -32.15 -23.74 5.46
C GLY B 105 -31.62 -22.63 4.57
N SER B 106 -32.37 -21.56 4.45
CA SER B 106 -32.04 -20.40 3.60
C SER B 106 -31.21 -19.38 4.37
N VAL B 107 -30.26 -18.76 3.65
CA VAL B 107 -29.31 -17.80 4.20
C VAL B 107 -29.52 -16.48 3.44
N TRP B 108 -29.64 -15.37 4.17
CA TRP B 108 -30.04 -14.05 3.59
C TRP B 108 -29.12 -12.92 4.02
N GLY B 109 -28.62 -12.10 3.06
CA GLY B 109 -28.06 -10.77 3.33
C GLY B 109 -26.87 -10.79 4.30
N GLY B 110 -26.98 -10.06 5.42
CA GLY B 110 -25.92 -10.02 6.44
C GLY B 110 -25.59 -11.41 6.96
N ALA B 111 -26.54 -12.35 6.97
CA ALA B 111 -26.23 -13.73 7.45
C ALA B 111 -25.30 -14.43 6.42
N PHE B 112 -25.42 -14.12 5.13
CA PHE B 112 -24.53 -14.65 4.08
C PHE B 112 -23.13 -14.06 4.33
N GLU B 113 -23.04 -12.76 4.58
CA GLU B 113 -21.71 -12.19 4.87
C GLU B 113 -21.16 -12.88 6.11
N MET B 114 -22.00 -13.10 7.12
CA MET B 114 -21.51 -13.72 8.37
C MET B 114 -20.88 -15.12 8.08
N ILE B 115 -21.55 -15.98 7.35
CA ILE B 115 -20.97 -17.33 7.07
C ILE B 115 -19.75 -17.19 6.16
N MET B 116 -19.76 -16.22 5.24
CA MET B 116 -18.56 -16.01 4.40
C MET B 116 -17.36 -15.62 5.25
N SER B 117 -17.54 -14.89 6.34
CA SER B 117 -16.43 -14.46 7.22
C SER B 117 -15.86 -15.66 8.01
N SER B 118 -16.60 -16.75 8.12
CA SER B 118 -16.15 -17.95 8.88
C SER B 118 -15.13 -18.73 8.04
N ASP B 119 -14.57 -19.77 8.59
CA ASP B 119 -13.36 -20.39 7.98
C ASP B 119 -13.76 -21.47 6.97
N LEU B 120 -14.79 -22.26 7.25
CA LEU B 120 -15.29 -23.32 6.35
C LEU B 120 -16.81 -23.22 6.36
N ILE B 121 -17.44 -23.60 5.28
CA ILE B 121 -18.92 -23.69 5.19
C ILE B 121 -19.27 -25.08 4.68
N ILE B 122 -19.99 -25.86 5.50
CA ILE B 122 -20.54 -27.19 5.11
C ILE B 122 -22.06 -27.05 5.09
N ALA B 123 -22.73 -27.45 4.01
CA ALA B 123 -24.17 -27.10 3.80
C ALA B 123 -24.99 -28.32 3.37
N ALA B 124 -26.27 -28.33 3.79
CA ALA B 124 -27.29 -29.27 3.28
C ALA B 124 -27.49 -29.08 1.78
N SER B 125 -27.77 -30.15 1.06
CA SER B 125 -28.06 -30.07 -0.38
C SER B 125 -29.30 -29.20 -0.65
N THR B 126 -30.17 -28.96 0.32
CA THR B 126 -31.40 -28.14 0.15
C THR B 126 -31.19 -26.69 0.56
N SER B 127 -30.01 -26.32 1.07
CA SER B 127 -29.79 -24.93 1.55
C SER B 127 -29.69 -24.01 0.34
N THR B 128 -29.96 -22.73 0.55
CA THR B 128 -29.95 -21.70 -0.51
C THR B 128 -29.38 -20.42 0.08
N PHE B 129 -28.87 -19.54 -0.79
CA PHE B 129 -28.03 -18.40 -0.40
C PHE B 129 -28.38 -17.18 -1.24
N SER B 130 -28.60 -16.02 -0.59
CA SER B 130 -28.93 -14.74 -1.24
C SER B 130 -28.21 -13.61 -0.57
N MET B 131 -27.80 -12.66 -1.37
CA MET B 131 -27.21 -11.39 -0.89
C MET B 131 -28.14 -10.29 -1.37
N THR B 132 -28.74 -9.55 -0.46
CA THR B 132 -29.98 -8.77 -0.70
C THR B 132 -29.89 -7.25 -0.56
N PRO B 133 -28.77 -6.55 -0.32
CA PRO B 133 -28.85 -5.10 -0.16
C PRO B 133 -29.45 -4.29 -1.32
N VAL B 134 -29.39 -4.80 -2.56
CA VAL B 134 -29.96 -4.05 -3.71
C VAL B 134 -31.49 -4.15 -3.66
N ASN B 135 -32.05 -5.04 -2.87
CA ASN B 135 -33.53 -5.12 -2.72
C ASN B 135 -34.02 -3.93 -1.87
N LEU B 136 -33.17 -3.42 -0.96
CA LEU B 136 -33.53 -2.40 0.05
CA LEU B 136 -33.55 -2.40 0.04
C LEU B 136 -32.94 -1.03 -0.31
N GLY B 137 -31.99 -0.97 -1.23
CA GLY B 137 -31.33 0.32 -1.49
C GLY B 137 -30.20 0.62 -0.52
N VAL B 138 -29.66 -0.39 0.16
CA VAL B 138 -28.59 -0.21 1.19
CA VAL B 138 -28.60 -0.18 1.19
C VAL B 138 -27.23 -0.07 0.51
N PRO B 139 -26.44 0.97 0.88
CA PRO B 139 -25.05 1.11 0.45
C PRO B 139 -24.16 0.24 1.33
N TYR B 140 -23.94 -0.99 0.91
CA TYR B 140 -23.09 -1.93 1.67
C TYR B 140 -21.69 -1.31 1.84
N ASN B 141 -21.07 -1.61 2.97
CA ASN B 141 -19.79 -0.93 3.31
C ASN B 141 -18.59 -1.70 2.70
N LEU B 142 -17.43 -1.05 2.52
CA LEU B 142 -16.21 -1.66 1.94
C LEU B 142 -15.84 -2.96 2.66
N VAL B 143 -15.72 -2.92 3.99
CA VAL B 143 -15.27 -4.13 4.74
C VAL B 143 -16.24 -5.27 4.40
N GLY B 144 -17.54 -4.99 4.42
CA GLY B 144 -18.59 -6.00 4.20
C GLY B 144 -18.47 -6.62 2.83
N ILE B 145 -18.29 -5.77 1.82
CA ILE B 145 -18.14 -6.26 0.42
C ILE B 145 -16.87 -7.06 0.30
N HIS B 146 -15.78 -6.58 0.85
CA HIS B 146 -14.49 -7.30 0.78
C HIS B 146 -14.65 -8.72 1.35
N ASN B 147 -15.44 -8.88 2.40
CA ASN B 147 -15.66 -10.20 3.05
C ASN B 147 -16.36 -11.18 2.09
N LEU B 148 -16.99 -10.70 1.00
CA LEU B 148 -17.67 -11.55 -0.02
C LEU B 148 -16.79 -11.89 -1.23
N THR B 149 -15.52 -11.45 -1.30
CA THR B 149 -14.70 -11.49 -2.53
C THR B 149 -13.51 -12.46 -2.40
N ARG B 150 -13.43 -13.30 -1.37
CA ARG B 150 -12.23 -14.16 -1.15
C ARG B 150 -12.47 -15.63 -1.54
N ASP B 151 -13.64 -15.94 -2.12
CA ASP B 151 -14.02 -17.33 -2.43
C ASP B 151 -14.38 -17.43 -3.91
N ALA B 152 -15.51 -16.89 -4.36
CA ALA B 152 -15.91 -16.89 -5.77
C ALA B 152 -15.29 -15.68 -6.45
N GLY B 153 -15.25 -15.70 -7.78
CA GLY B 153 -14.65 -14.61 -8.58
C GLY B 153 -15.56 -13.39 -8.69
N PHE B 154 -15.05 -12.31 -9.29
CA PHE B 154 -15.74 -11.00 -9.35
C PHE B 154 -17.06 -11.15 -10.12
N HIS B 155 -17.06 -11.83 -11.26
CA HIS B 155 -18.30 -11.94 -12.08
CA HIS B 155 -18.30 -11.94 -12.08
C HIS B 155 -19.40 -12.65 -11.29
N ILE B 156 -19.02 -13.70 -10.59
CA ILE B 156 -19.99 -14.45 -9.76
C ILE B 156 -20.50 -13.57 -8.62
N VAL B 157 -19.61 -12.90 -7.88
CA VAL B 157 -20.04 -11.99 -6.78
C VAL B 157 -21.02 -10.93 -7.30
N LYS B 158 -20.74 -10.34 -8.46
CA LYS B 158 -21.56 -9.24 -8.97
C LYS B 158 -22.93 -9.78 -9.38
N GLU B 159 -22.99 -10.97 -9.97
CA GLU B 159 -24.30 -11.60 -10.28
C GLU B 159 -25.06 -11.76 -8.96
N LEU B 160 -24.44 -12.30 -7.95
CA LEU B 160 -25.16 -12.56 -6.67
C LEU B 160 -25.71 -11.25 -6.12
N ILE B 161 -24.89 -10.21 -6.11
CA ILE B 161 -25.27 -8.94 -5.46
C ILE B 161 -26.27 -8.20 -6.36
N PHE B 162 -26.02 -8.12 -7.66
CA PHE B 162 -26.81 -7.22 -8.50
C PHE B 162 -28.18 -7.85 -8.75
N THR B 163 -28.30 -9.17 -8.70
CA THR B 163 -29.61 -9.84 -8.97
C THR B 163 -30.38 -10.05 -7.67
N ALA B 164 -29.65 -10.12 -6.55
CA ALA B 164 -30.16 -10.59 -5.25
C ALA B 164 -30.91 -11.93 -5.37
N SER B 165 -30.64 -12.75 -6.38
CA SER B 165 -31.36 -14.03 -6.60
C SER B 165 -30.67 -15.12 -5.78
N PRO B 166 -31.43 -16.02 -5.14
CA PRO B 166 -30.83 -17.13 -4.41
C PRO B 166 -30.08 -18.10 -5.34
N ILE B 167 -28.98 -18.69 -4.83
CA ILE B 167 -28.32 -19.80 -5.54
C ILE B 167 -28.46 -21.07 -4.68
N THR B 168 -28.41 -22.20 -5.35
CA THR B 168 -28.46 -23.53 -4.69
C THR B 168 -27.14 -23.81 -3.99
N ALA B 169 -27.16 -24.82 -3.13
CA ALA B 169 -25.95 -25.36 -2.48
C ALA B 169 -25.02 -25.91 -3.56
N GLN B 170 -25.57 -26.50 -4.61
CA GLN B 170 -24.78 -27.13 -5.68
C GLN B 170 -24.01 -26.04 -6.47
N ARG B 171 -24.67 -24.93 -6.76
CA ARG B 171 -24.00 -23.80 -7.46
C ARG B 171 -22.99 -23.15 -6.49
N ALA B 172 -23.31 -22.99 -5.21
CA ALA B 172 -22.38 -22.38 -4.23
C ALA B 172 -21.12 -23.25 -4.11
N LEU B 173 -21.24 -24.57 -4.16
CA LEU B 173 -20.06 -25.47 -4.18
C LEU B 173 -19.27 -25.24 -5.47
N ALA B 174 -19.94 -25.25 -6.61
CA ALA B 174 -19.27 -25.16 -7.94
C ALA B 174 -18.47 -23.85 -8.05
N VAL B 175 -18.97 -22.76 -7.51
CA VAL B 175 -18.27 -21.44 -7.67
C VAL B 175 -17.22 -21.20 -6.56
N GLY B 176 -17.09 -22.04 -5.53
CA GLY B 176 -16.02 -21.92 -4.52
C GLY B 176 -16.47 -21.30 -3.19
N ILE B 177 -17.77 -21.05 -3.02
CA ILE B 177 -18.29 -20.48 -1.76
C ILE B 177 -18.30 -21.57 -0.65
N LEU B 178 -18.69 -22.78 -0.98
CA LEU B 178 -18.86 -23.86 0.03
C LEU B 178 -17.66 -24.82 -0.01
N ASN B 179 -17.40 -25.50 1.11
CA ASN B 179 -16.39 -26.56 1.17
C ASN B 179 -17.02 -27.89 0.73
N HIS B 180 -18.21 -28.18 1.26
CA HIS B 180 -18.88 -29.50 1.08
C HIS B 180 -20.38 -29.30 1.08
N VAL B 181 -21.04 -30.12 0.31
CA VAL B 181 -22.52 -30.22 0.30
C VAL B 181 -22.86 -31.66 0.68
N VAL B 182 -23.70 -31.85 1.68
CA VAL B 182 -24.13 -33.21 2.06
CA VAL B 182 -24.10 -33.19 2.17
C VAL B 182 -25.66 -33.26 2.27
N GLU B 183 -26.22 -34.45 2.12
CA GLU B 183 -27.67 -34.71 2.37
C GLU B 183 -27.93 -34.29 3.81
N VAL B 184 -29.08 -33.71 4.10
CA VAL B 184 -29.34 -33.08 5.43
C VAL B 184 -29.20 -34.12 6.55
N GLU B 185 -29.55 -35.37 6.30
CA GLU B 185 -29.47 -36.45 7.33
CA GLU B 185 -29.48 -36.46 7.33
C GLU B 185 -28.00 -36.72 7.72
N GLU B 186 -27.03 -36.37 6.86
CA GLU B 186 -25.59 -36.63 7.12
C GLU B 186 -24.86 -35.36 7.58
N LEU B 187 -25.53 -34.23 7.58
CA LEU B 187 -24.86 -32.90 7.74
C LEU B 187 -24.15 -32.84 9.08
N GLU B 188 -24.88 -33.12 10.16
CA GLU B 188 -24.33 -33.03 11.52
C GLU B 188 -23.12 -33.94 11.67
N ASP B 189 -23.20 -35.22 11.31
CA ASP B 189 -22.05 -36.13 11.53
C ASP B 189 -20.85 -35.72 10.66
N PHE B 190 -21.08 -35.34 9.42
CA PHE B 190 -19.97 -34.98 8.49
C PHE B 190 -19.21 -33.81 9.10
N THR B 191 -19.96 -32.82 9.57
CA THR B 191 -19.38 -31.58 10.16
C THR B 191 -18.64 -31.92 11.46
N LEU B 192 -19.25 -32.72 12.35
CA LEU B 192 -18.56 -33.07 13.61
C LEU B 192 -17.28 -33.84 13.32
N GLN B 193 -17.28 -34.79 12.41
CA GLN B 193 -16.01 -35.55 12.16
C GLN B 193 -14.92 -34.61 11.66
N MET B 194 -15.26 -33.64 10.82
CA MET B 194 -14.23 -32.69 10.33
C MET B 194 -13.72 -31.83 11.50
N ALA B 195 -14.60 -31.39 12.41
CA ALA B 195 -14.23 -30.55 13.58
C ALA B 195 -13.36 -31.39 14.50
N HIS B 196 -13.75 -32.65 14.78
CA HIS B 196 -12.93 -33.48 15.71
CA HIS B 196 -12.94 -33.52 15.68
C HIS B 196 -11.54 -33.68 15.09
N HIS B 197 -11.47 -33.85 13.78
CA HIS B 197 -10.20 -34.11 13.08
C HIS B 197 -9.32 -32.87 13.24
N ILE B 198 -9.85 -31.70 12.95
CA ILE B 198 -9.07 -30.44 13.10
C ILE B 198 -8.58 -30.28 14.54
N SER B 199 -9.38 -30.73 15.50
CA SER B 199 -9.08 -30.56 16.94
CA SER B 199 -9.08 -30.55 16.94
C SER B 199 -7.90 -31.45 17.35
N GLU B 200 -7.45 -32.38 16.51
CA GLU B 200 -6.24 -33.18 16.86
C GLU B 200 -4.97 -32.42 16.42
N LYS B 201 -5.11 -31.37 15.63
CA LYS B 201 -3.91 -30.71 15.06
C LYS B 201 -3.39 -29.64 16.00
N ALA B 202 -2.25 -29.02 15.67
CA ALA B 202 -1.54 -28.06 16.52
C ALA B 202 -2.29 -26.73 16.58
N PRO B 203 -2.88 -26.38 17.76
CA PRO B 203 -3.73 -25.20 17.85
C PRO B 203 -3.00 -23.88 17.69
N LEU B 204 -1.72 -23.81 18.08
CA LEU B 204 -0.97 -22.55 17.98
C LEU B 204 -0.61 -22.29 16.53
N ALA B 205 -0.33 -23.36 15.79
CA ALA B 205 -0.04 -23.35 14.33
C ALA B 205 -1.33 -22.91 13.62
N ILE B 206 -2.44 -23.50 13.96
CA ILE B 206 -3.73 -23.11 13.34
C ILE B 206 -3.96 -21.62 13.57
N ALA B 207 -3.83 -21.15 14.79
CA ALA B 207 -4.17 -19.76 15.13
C ALA B 207 -3.29 -18.77 14.34
N VAL B 208 -1.99 -19.00 14.28
CA VAL B 208 -1.10 -18.02 13.61
C VAL B 208 -1.34 -18.07 12.10
N ILE B 209 -1.61 -19.24 11.52
CA ILE B 209 -1.91 -19.33 10.08
C ILE B 209 -3.26 -18.66 9.78
N LYS B 210 -4.23 -18.86 10.65
CA LYS B 210 -5.54 -18.15 10.48
C LYS B 210 -5.32 -16.62 10.50
N GLU B 211 -4.49 -16.12 11.43
CA GLU B 211 -4.23 -14.66 11.60
C GLU B 211 -3.45 -14.18 10.39
N GLU B 212 -2.51 -14.97 9.86
CA GLU B 212 -1.75 -14.58 8.66
C GLU B 212 -2.72 -14.47 7.48
N LEU B 213 -3.61 -15.44 7.31
CA LEU B 213 -4.62 -15.37 6.23
C LEU B 213 -5.54 -14.15 6.43
N ARG B 214 -5.94 -13.84 7.66
CA ARG B 214 -6.78 -12.66 7.92
C ARG B 214 -6.08 -11.37 7.46
N VAL B 215 -4.83 -11.16 7.86
CA VAL B 215 -4.14 -9.87 7.51
CA VAL B 215 -4.02 -9.94 7.52
C VAL B 215 -3.78 -9.86 6.01
N LEU B 216 -3.45 -10.98 5.39
CA LEU B 216 -3.24 -10.96 3.91
C LEU B 216 -4.58 -10.66 3.21
N GLY B 217 -5.66 -11.25 3.68
CA GLY B 217 -7.01 -10.97 3.13
C GLY B 217 -7.41 -9.52 3.26
N GLU B 218 -6.97 -8.82 4.32
CA GLU B 218 -7.34 -7.39 4.51
CA GLU B 218 -7.30 -7.39 4.56
C GLU B 218 -6.39 -6.46 3.74
N ALA B 219 -5.26 -6.97 3.26
CA ALA B 219 -4.09 -6.16 2.80
C ALA B 219 -4.35 -5.66 1.37
N HIS B 220 -5.56 -5.18 1.10
CA HIS B 220 -5.89 -4.41 -0.11
C HIS B 220 -5.96 -2.97 0.36
N THR B 221 -4.98 -2.13 0.01
CA THR B 221 -4.79 -0.83 0.66
C THR B 221 -5.08 0.29 -0.35
N MET B 222 -5.58 1.40 0.17
CA MET B 222 -5.91 2.61 -0.63
CA MET B 222 -5.91 2.60 -0.64
C MET B 222 -5.55 3.85 0.18
N ASN B 223 -5.49 4.99 -0.49
CA ASN B 223 -5.23 6.27 0.21
C ASN B 223 -6.51 6.83 0.85
N SER B 224 -6.35 7.84 1.71
CA SER B 224 -7.46 8.48 2.44
C SER B 224 -8.47 9.06 1.48
N ASP B 225 -8.04 9.69 0.39
CA ASP B 225 -8.95 10.36 -0.53
C ASP B 225 -9.91 9.31 -1.11
N GLU B 226 -9.42 8.13 -1.46
CA GLU B 226 -10.27 7.08 -2.07
CA GLU B 226 -10.29 7.10 -2.08
C GLU B 226 -11.33 6.66 -1.05
N PHE B 227 -10.91 6.44 0.19
CA PHE B 227 -11.87 6.02 1.24
CA PHE B 227 -11.90 6.01 1.21
C PHE B 227 -12.93 7.12 1.43
N GLU B 228 -12.49 8.38 1.51
CA GLU B 228 -13.45 9.50 1.78
C GLU B 228 -14.43 9.67 0.62
N ARG B 229 -13.94 9.45 -0.60
CA ARG B 229 -14.78 9.55 -1.81
C ARG B 229 -15.85 8.45 -1.78
N ILE B 230 -15.47 7.22 -1.41
CA ILE B 230 -16.47 6.12 -1.26
C ILE B 230 -17.46 6.48 -0.17
N GLN B 231 -16.97 6.92 0.98
CA GLN B 231 -17.86 7.32 2.08
C GLN B 231 -18.86 8.40 1.64
N GLY B 232 -18.45 9.39 0.85
CA GLY B 232 -19.39 10.41 0.32
C GLY B 232 -20.46 9.77 -0.56
N MET B 233 -20.06 8.83 -1.42
CA MET B 233 -21.01 8.11 -2.31
C MET B 233 -21.99 7.30 -1.43
N ARG B 234 -21.49 6.64 -0.38
CA ARG B 234 -22.38 5.82 0.50
C ARG B 234 -23.40 6.75 1.18
N ARG B 235 -22.94 7.92 1.64
CA ARG B 235 -23.84 8.86 2.33
C ARG B 235 -24.92 9.31 1.37
N ALA B 236 -24.57 9.60 0.12
CA ALA B 236 -25.59 10.01 -0.88
C ALA B 236 -26.62 8.90 -1.02
N VAL B 237 -26.25 7.64 -0.90
CA VAL B 237 -27.22 6.52 -1.02
C VAL B 237 -28.09 6.49 0.24
N TYR B 238 -27.50 6.59 1.42
CA TYR B 238 -28.33 6.49 2.66
C TYR B 238 -29.12 7.80 2.88
N ASP B 239 -28.83 8.89 2.15
CA ASP B 239 -29.68 10.12 2.14
C ASP B 239 -30.78 10.04 1.07
N SER B 240 -30.85 8.98 0.25
CA SER B 240 -31.65 8.96 -0.99
C SER B 240 -33.11 8.67 -0.67
N GLU B 241 -33.99 9.05 -1.57
CA GLU B 241 -35.43 8.64 -1.50
C GLU B 241 -35.52 7.11 -1.67
N ASP B 242 -34.74 6.56 -2.60
CA ASP B 242 -34.72 5.09 -2.87
C ASP B 242 -34.49 4.34 -1.55
N TYR B 243 -33.57 4.81 -0.70
CA TYR B 243 -33.24 4.08 0.53
C TYR B 243 -34.51 4.03 1.40
N GLN B 244 -35.20 5.16 1.57
CA GLN B 244 -36.47 5.22 2.36
C GLN B 244 -37.49 4.26 1.74
N GLU B 245 -37.69 4.37 0.42
CA GLU B 245 -38.61 3.47 -0.33
C GLU B 245 -38.25 2.00 -0.08
N GLY B 246 -36.97 1.61 -0.16
CA GLY B 246 -36.60 0.21 0.06
C GLY B 246 -36.96 -0.28 1.47
N MET B 247 -36.70 0.52 2.49
CA MET B 247 -36.99 0.14 3.90
C MET B 247 -38.52 0.01 4.06
N ASN B 248 -39.26 1.04 3.65
CA ASN B 248 -40.74 1.10 3.78
C ASN B 248 -41.38 -0.07 3.02
N ALA B 249 -40.94 -0.33 1.78
CA ALA B 249 -41.49 -1.42 0.96
C ALA B 249 -41.32 -2.75 1.71
N PHE B 250 -40.16 -2.99 2.35
CA PHE B 250 -39.90 -4.27 3.02
C PHE B 250 -40.87 -4.44 4.19
N LEU B 251 -41.00 -3.42 5.02
CA LEU B 251 -41.85 -3.41 6.25
C LEU B 251 -43.34 -3.52 5.86
N GLU B 252 -43.77 -2.91 4.75
CA GLU B 252 -45.18 -2.93 4.25
C GLU B 252 -45.45 -4.16 3.37
N LYS B 253 -44.44 -4.99 3.10
CA LYS B 253 -44.54 -6.22 2.28
C LYS B 253 -45.15 -5.89 0.90
N ARG B 254 -44.58 -4.90 0.21
CA ARG B 254 -44.89 -4.57 -1.20
C ARG B 254 -43.58 -4.47 -1.99
N LYS B 255 -43.71 -4.42 -3.31
CA LYS B 255 -42.57 -4.26 -4.23
C LYS B 255 -42.10 -2.82 -4.14
N PRO B 256 -40.80 -2.49 -3.94
CA PRO B 256 -40.38 -1.10 -3.96
C PRO B 256 -40.43 -0.53 -5.38
N ASN B 257 -40.54 0.79 -5.49
CA ASN B 257 -40.47 1.47 -6.80
C ASN B 257 -39.23 2.34 -6.78
N PHE B 258 -38.06 1.85 -7.25
CA PHE B 258 -36.80 2.64 -7.22
C PHE B 258 -36.72 3.59 -8.42
N VAL B 259 -36.25 4.81 -8.19
CA VAL B 259 -36.24 5.84 -9.28
C VAL B 259 -34.84 6.43 -9.51
N GLY B 260 -33.86 6.12 -8.66
CA GLY B 260 -32.47 6.58 -8.85
C GLY B 260 -32.20 7.96 -8.26
N HIS B 261 -32.90 8.33 -7.20
CA HIS B 261 -32.52 9.48 -6.32
C HIS B 261 -33.07 9.22 -4.93
N ALA C 2 25.50 -33.78 -15.17
CA ALA C 2 26.29 -32.74 -14.44
C ALA C 2 25.78 -32.55 -13.01
N TYR C 3 24.66 -33.18 -12.60
CA TYR C 3 24.10 -32.97 -11.23
C TYR C 3 23.90 -34.30 -10.53
N GLN C 4 24.25 -34.36 -9.24
CA GLN C 4 24.03 -35.57 -8.42
C GLN C 4 22.54 -35.78 -8.23
N TYR C 5 21.76 -34.72 -7.95
CA TYR C 5 20.43 -34.91 -7.31
C TYR C 5 19.30 -34.59 -8.29
N VAL C 6 19.62 -34.17 -9.52
CA VAL C 6 18.60 -34.02 -10.60
C VAL C 6 19.18 -34.55 -11.92
N ASN C 7 18.30 -34.91 -12.84
CA ASN C 7 18.67 -35.26 -14.24
C ASN C 7 17.94 -34.31 -15.18
N VAL C 8 18.60 -33.86 -16.24
CA VAL C 8 18.03 -32.85 -17.17
C VAL C 8 18.01 -33.42 -18.60
N VAL C 9 16.85 -33.47 -19.20
CA VAL C 9 16.69 -33.87 -20.64
C VAL C 9 16.18 -32.66 -21.45
N THR C 10 16.85 -32.30 -22.54
CA THR C 10 16.45 -31.15 -23.38
C THR C 10 15.84 -31.68 -24.69
N ILE C 11 14.57 -31.35 -24.94
CA ILE C 11 13.85 -31.73 -26.17
C ILE C 11 13.46 -30.46 -26.92
N ASN C 12 14.20 -30.13 -27.96
CA ASN C 12 13.99 -28.90 -28.76
C ASN C 12 14.19 -27.74 -27.78
N LYS C 13 13.17 -26.96 -27.45
CA LYS C 13 13.33 -25.78 -26.54
C LYS C 13 12.77 -26.07 -25.14
N VAL C 14 12.41 -27.32 -24.87
CA VAL C 14 11.86 -27.71 -23.54
C VAL C 14 12.91 -28.47 -22.73
N ALA C 15 13.13 -28.09 -21.45
CA ALA C 15 14.02 -28.80 -20.53
C ALA C 15 13.19 -29.49 -19.45
N VAL C 16 13.39 -30.77 -19.28
CA VAL C 16 12.69 -31.62 -18.28
C VAL C 16 13.66 -31.91 -17.15
N ILE C 17 13.35 -31.38 -15.96
CA ILE C 17 14.22 -31.54 -14.78
C ILE C 17 13.56 -32.63 -13.94
N GLU C 18 14.24 -33.77 -13.81
CA GLU C 18 13.73 -34.96 -13.08
CA GLU C 18 13.76 -34.97 -13.08
C GLU C 18 14.44 -35.04 -11.73
N PHE C 19 13.67 -35.10 -10.66
CA PHE C 19 14.27 -35.30 -9.31
C PHE C 19 15.02 -36.66 -9.24
N ASN C 20 16.19 -36.65 -8.63
CA ASN C 20 17.03 -37.87 -8.42
C ASN C 20 17.43 -37.97 -6.93
N TYR C 21 16.47 -37.85 -6.01
CA TYR C 21 16.72 -37.86 -4.54
C TYR C 21 15.82 -38.90 -3.91
N GLY C 22 15.64 -40.03 -4.56
CA GLY C 22 14.70 -41.10 -4.15
C GLY C 22 14.99 -41.65 -2.77
N ARG C 23 16.23 -41.55 -2.29
CA ARG C 23 16.69 -42.00 -0.94
C ARG C 23 15.82 -41.34 0.15
N LYS C 24 15.43 -40.07 -0.01
CA LYS C 24 14.54 -39.36 0.93
C LYS C 24 13.22 -39.00 0.23
N LEU C 25 12.77 -39.77 -0.76
CA LEU C 25 11.49 -39.49 -1.48
C LEU C 25 11.43 -38.01 -1.92
N ASN C 26 12.55 -37.46 -2.40
CA ASN C 26 12.65 -36.09 -2.99
C ASN C 26 12.25 -35.05 -1.94
N ALA C 27 12.43 -35.36 -0.66
CA ALA C 27 12.37 -34.35 0.42
C ALA C 27 13.27 -33.16 0.07
N LEU C 28 12.92 -31.95 0.53
CA LEU C 28 13.58 -30.68 0.11
C LEU C 28 14.84 -30.42 0.95
N SER C 29 15.73 -31.41 1.06
CA SER C 29 17.08 -31.24 1.65
C SER C 29 17.86 -30.15 0.93
N LYS C 30 18.68 -29.40 1.65
CA LYS C 30 19.57 -28.40 1.04
C LYS C 30 20.32 -28.99 -0.14
N VAL C 31 20.89 -30.20 -0.07
CA VAL C 31 21.77 -30.70 -1.17
C VAL C 31 20.95 -30.88 -2.45
N PHE C 32 19.71 -31.35 -2.34
CA PHE C 32 18.78 -31.55 -3.47
C PHE C 32 18.37 -30.17 -4.03
N ILE C 33 17.90 -29.29 -3.18
CA ILE C 33 17.45 -27.95 -3.63
C ILE C 33 18.59 -27.17 -4.25
N ASP C 34 19.82 -27.22 -3.69
CA ASP C 34 20.95 -26.51 -4.33
C ASP C 34 21.17 -27.05 -5.75
N ASP C 35 21.03 -28.36 -5.97
CA ASP C 35 21.24 -28.95 -7.32
C ASP C 35 20.06 -28.55 -8.23
N LEU C 36 18.84 -28.52 -7.70
CA LEU C 36 17.66 -28.08 -8.50
C LEU C 36 17.85 -26.62 -8.93
N MET C 37 18.28 -25.75 -8.02
CA MET C 37 18.48 -24.33 -8.36
C MET C 37 19.65 -24.17 -9.33
N GLN C 38 20.71 -24.96 -9.21
CA GLN C 38 21.86 -24.87 -10.16
C GLN C 38 21.37 -25.26 -11.56
N ALA C 39 20.66 -26.37 -11.69
CA ALA C 39 20.14 -26.88 -12.98
C ALA C 39 19.25 -25.82 -13.62
N LEU C 40 18.34 -25.20 -12.85
CA LEU C 40 17.45 -24.10 -13.34
CA LEU C 40 17.45 -24.13 -13.35
C LEU C 40 18.31 -22.94 -13.81
N SER C 41 19.26 -22.49 -13.00
CA SER C 41 20.11 -21.34 -13.37
C SER C 41 20.81 -21.64 -14.72
N ASP C 42 21.35 -22.84 -14.86
CA ASP C 42 22.13 -23.31 -16.03
C ASP C 42 21.22 -23.34 -17.26
N LEU C 43 19.89 -23.45 -17.08
CA LEU C 43 18.90 -23.45 -18.18
C LEU C 43 18.42 -22.04 -18.51
N ASN C 44 18.93 -20.98 -17.87
CA ASN C 44 18.48 -19.61 -18.15
C ASN C 44 19.24 -19.08 -19.37
N ARG C 45 18.90 -19.60 -20.52
CA ARG C 45 19.56 -19.40 -21.83
CA ARG C 45 19.54 -19.20 -21.78
C ARG C 45 18.48 -19.11 -22.86
N PRO C 46 18.75 -18.30 -23.90
CA PRO C 46 17.70 -17.92 -24.83
C PRO C 46 17.06 -19.06 -25.65
N GLU C 47 17.81 -20.15 -25.86
CA GLU C 47 17.33 -21.34 -26.64
C GLU C 47 16.48 -22.27 -25.77
N ILE C 48 16.38 -22.00 -24.46
CA ILE C 48 15.43 -22.77 -23.59
C ILE C 48 14.20 -21.90 -23.39
N ARG C 49 12.99 -22.42 -23.58
CA ARG C 49 11.77 -21.60 -23.57
CA ARG C 49 11.75 -21.61 -23.60
C ARG C 49 10.75 -22.07 -22.53
N CYS C 50 10.89 -23.29 -22.03
CA CYS C 50 9.91 -23.82 -21.06
C CYS C 50 10.57 -24.92 -20.25
N ILE C 51 10.23 -24.99 -18.97
CA ILE C 51 10.77 -25.99 -18.03
C ILE C 51 9.64 -26.89 -17.55
N ILE C 52 9.94 -28.18 -17.39
CA ILE C 52 9.02 -29.14 -16.71
C ILE C 52 9.77 -29.65 -15.50
N LEU C 53 9.13 -29.66 -14.32
CA LEU C 53 9.68 -30.29 -13.11
C LEU C 53 8.90 -31.58 -12.91
N ARG C 54 9.57 -32.69 -12.62
CA ARG C 54 8.89 -34.01 -12.47
C ARG C 54 9.65 -34.87 -11.49
N ALA C 55 8.94 -35.78 -10.86
CA ALA C 55 9.56 -36.96 -10.21
C ALA C 55 9.75 -38.06 -11.26
N PRO C 56 10.64 -39.03 -11.01
CA PRO C 56 10.77 -40.17 -11.93
C PRO C 56 9.41 -40.81 -12.26
N SER C 57 9.28 -41.23 -13.51
CA SER C 57 8.12 -41.98 -14.02
C SER C 57 7.84 -43.15 -13.07
N GLY C 58 6.61 -43.38 -12.65
CA GLY C 58 6.30 -44.47 -11.73
C GLY C 58 6.41 -44.10 -10.26
N SER C 59 6.79 -42.88 -9.90
CA SER C 59 6.96 -42.51 -8.46
C SER C 59 5.63 -42.61 -7.71
N LYS C 60 5.63 -43.32 -6.60
CA LYS C 60 4.57 -43.24 -5.58
C LYS C 60 4.57 -41.85 -4.92
N VAL C 61 5.74 -41.34 -4.54
CA VAL C 61 5.85 -40.03 -3.83
C VAL C 61 6.53 -39.03 -4.78
N PHE C 62 5.82 -37.97 -5.14
CA PHE C 62 6.41 -36.88 -5.95
C PHE C 62 7.51 -36.20 -5.12
N SER C 63 7.16 -35.71 -3.94
CA SER C 63 8.12 -35.17 -2.94
C SER C 63 7.47 -35.27 -1.55
N ALA C 64 8.26 -35.71 -0.58
CA ALA C 64 7.83 -35.86 0.83
C ALA C 64 7.90 -34.53 1.59
N GLY C 65 8.20 -33.42 0.92
CA GLY C 65 8.15 -32.08 1.54
C GLY C 65 9.45 -31.71 2.22
N HIS C 66 9.36 -30.77 3.14
CA HIS C 66 10.50 -30.20 3.90
C HIS C 66 11.28 -31.35 4.54
N ASP C 67 12.61 -31.29 4.53
CA ASP C 67 13.44 -32.31 5.23
C ASP C 67 13.29 -32.01 6.73
N ILE C 68 12.56 -32.85 7.45
CA ILE C 68 12.25 -32.57 8.89
C ILE C 68 13.53 -32.69 9.72
N HIS C 69 14.49 -33.51 9.31
CA HIS C 69 15.81 -33.63 9.98
C HIS C 69 16.62 -32.32 9.87
N GLU C 70 16.35 -31.45 8.89
CA GLU C 70 17.12 -30.18 8.71
C GLU C 70 16.39 -28.98 9.32
N LEU C 71 15.07 -29.02 9.51
CA LEU C 71 14.31 -27.90 10.16
C LEU C 71 14.99 -27.59 11.49
N PRO C 72 15.42 -26.33 11.76
CA PRO C 72 15.90 -25.94 13.09
C PRO C 72 14.83 -26.12 14.19
N SER C 73 15.20 -26.84 15.27
CA SER C 73 14.41 -26.98 16.53
C SER C 73 15.02 -26.06 17.59
N GLY C 74 14.49 -26.10 18.82
CA GLY C 74 14.62 -24.98 19.77
C GLY C 74 14.03 -23.73 19.16
N GLY C 75 14.63 -22.57 19.42
CA GLY C 75 13.99 -21.25 19.19
C GLY C 75 14.58 -20.52 17.99
N ARG C 76 14.76 -21.24 16.86
CA ARG C 76 15.26 -20.70 15.56
C ARG C 76 14.09 -20.73 14.55
N ASP C 77 13.90 -19.69 13.72
CA ASP C 77 12.80 -19.65 12.73
C ASP C 77 13.08 -20.74 11.68
N PRO C 78 12.17 -21.74 11.52
CA PRO C 78 12.37 -22.82 10.55
C PRO C 78 12.20 -22.45 9.06
N LEU C 79 11.63 -21.29 8.82
CA LEU C 79 11.20 -20.83 7.47
C LEU C 79 11.74 -19.42 7.28
N SER C 80 13.01 -19.22 7.61
CA SER C 80 13.74 -17.97 7.38
C SER C 80 14.00 -17.76 5.88
N TYR C 81 14.41 -16.55 5.53
CA TYR C 81 14.45 -16.10 4.13
C TYR C 81 15.34 -17.02 3.29
N ASP C 82 16.45 -17.51 3.85
CA ASP C 82 17.36 -18.33 2.98
CA ASP C 82 17.53 -18.33 3.24
C ASP C 82 17.24 -19.84 3.29
N ASP C 83 16.16 -20.31 3.90
CA ASP C 83 15.81 -21.75 4.00
C ASP C 83 15.63 -22.27 2.56
N PRO C 84 16.01 -23.53 2.25
CA PRO C 84 15.89 -24.04 0.88
C PRO C 84 14.49 -23.90 0.27
N LEU C 85 13.41 -24.23 1.00
CA LEU C 85 12.03 -24.09 0.42
C LEU C 85 11.79 -22.62 0.04
N ARG C 86 12.22 -21.66 0.87
CA ARG C 86 11.99 -20.21 0.63
C ARG C 86 12.84 -19.78 -0.59
N GLN C 87 14.06 -20.30 -0.76
CA GLN C 87 14.89 -19.95 -1.94
C GLN C 87 14.25 -20.50 -3.23
N ILE C 88 13.79 -21.74 -3.22
CA ILE C 88 13.35 -22.42 -4.47
C ILE C 88 12.05 -21.78 -4.95
N THR C 89 11.15 -21.39 -4.05
CA THR C 89 9.89 -20.75 -4.49
C THR C 89 10.20 -19.36 -5.08
N ARG C 90 11.14 -18.58 -4.50
CA ARG C 90 11.52 -17.28 -5.10
C ARG C 90 12.10 -17.52 -6.48
N MET C 91 12.99 -18.50 -6.61
CA MET C 91 13.70 -18.72 -7.88
C MET C 91 12.71 -19.14 -8.97
N ILE C 92 11.81 -20.05 -8.66
CA ILE C 92 10.74 -20.49 -9.62
C ILE C 92 9.92 -19.27 -10.06
N GLN C 93 9.52 -18.40 -9.15
CA GLN C 93 8.60 -17.27 -9.44
C GLN C 93 9.35 -16.20 -10.26
N LYS C 94 10.65 -16.03 -10.04
CA LYS C 94 11.45 -14.99 -10.74
C LYS C 94 12.03 -15.51 -12.06
N PHE C 95 11.95 -16.81 -12.32
CA PHE C 95 12.57 -17.45 -13.49
C PHE C 95 11.84 -16.95 -14.73
N PRO C 96 12.54 -16.39 -15.73
CA PRO C 96 11.85 -15.74 -16.83
C PRO C 96 11.24 -16.66 -17.88
N LYS C 97 11.12 -17.96 -17.58
CA LYS C 97 10.48 -18.92 -18.50
C LYS C 97 9.38 -19.59 -17.70
N PRO C 98 8.31 -20.05 -18.34
CA PRO C 98 7.32 -20.84 -17.65
C PRO C 98 7.92 -22.13 -17.09
N ILE C 99 7.45 -22.48 -15.90
CA ILE C 99 7.81 -23.70 -15.17
C ILE C 99 6.52 -24.46 -14.91
N ILE C 100 6.44 -25.66 -15.49
CA ILE C 100 5.27 -26.54 -15.37
C ILE C 100 5.66 -27.66 -14.42
N SER C 101 4.86 -27.80 -13.38
CA SER C 101 4.96 -28.97 -12.47
C SER C 101 4.15 -30.10 -13.07
N MET C 102 4.83 -31.21 -13.41
CA MET C 102 4.18 -32.41 -14.00
C MET C 102 4.18 -33.50 -12.92
N VAL C 103 3.02 -33.74 -12.35
CA VAL C 103 2.92 -34.44 -11.05
C VAL C 103 2.38 -35.87 -11.21
N GLU C 104 3.20 -36.80 -10.77
CA GLU C 104 2.86 -38.23 -10.52
C GLU C 104 3.20 -38.50 -9.04
N GLY C 105 2.27 -39.08 -8.31
CA GLY C 105 2.48 -39.48 -6.91
C GLY C 105 1.93 -38.48 -5.91
N SER C 106 2.33 -38.63 -4.65
CA SER C 106 1.82 -37.85 -3.50
C SER C 106 2.73 -36.64 -3.27
N VAL C 107 2.07 -35.51 -3.01
CA VAL C 107 2.71 -34.21 -2.82
C VAL C 107 2.42 -33.71 -1.42
N TRP C 108 3.48 -33.41 -0.65
CA TRP C 108 3.35 -33.12 0.81
C TRP C 108 3.93 -31.76 1.18
N GLY C 109 3.16 -30.97 1.91
CA GLY C 109 3.67 -29.81 2.66
C GLY C 109 4.43 -28.83 1.78
N GLY C 110 5.71 -28.63 2.07
CA GLY C 110 6.55 -27.67 1.36
C GLY C 110 6.61 -27.98 -0.11
N ALA C 111 6.52 -29.25 -0.50
CA ALA C 111 6.49 -29.65 -1.93
C ALA C 111 5.18 -29.18 -2.55
N PHE C 112 4.11 -29.10 -1.79
CA PHE C 112 2.83 -28.58 -2.32
C PHE C 112 2.99 -27.07 -2.55
N GLU C 113 3.54 -26.36 -1.57
CA GLU C 113 3.83 -24.91 -1.77
C GLU C 113 4.72 -24.75 -3.01
N MET C 114 5.77 -25.58 -3.16
CA MET C 114 6.69 -25.51 -4.32
C MET C 114 5.91 -25.60 -5.63
N ILE C 115 5.05 -26.62 -5.82
CA ILE C 115 4.28 -26.75 -7.11
C ILE C 115 3.28 -25.60 -7.20
N MET C 116 2.75 -25.11 -6.10
CA MET C 116 1.80 -23.95 -6.20
C MET C 116 2.53 -22.68 -6.66
N SER C 117 3.84 -22.55 -6.36
CA SER C 117 4.66 -21.41 -6.79
C SER C 117 4.97 -21.46 -8.30
N SER C 118 4.95 -22.63 -8.92
CA SER C 118 5.16 -22.81 -10.36
C SER C 118 3.96 -22.32 -11.19
N ASP C 119 4.14 -22.19 -12.50
CA ASP C 119 3.21 -21.47 -13.40
C ASP C 119 1.96 -22.31 -13.76
N LEU C 120 2.14 -23.61 -14.01
CA LEU C 120 1.02 -24.53 -14.39
C LEU C 120 1.29 -25.84 -13.66
N ILE C 121 0.24 -26.54 -13.33
CA ILE C 121 0.34 -27.90 -12.74
C ILE C 121 -0.54 -28.84 -13.57
N ILE C 122 0.07 -29.90 -14.08
CA ILE C 122 -0.63 -30.96 -14.85
C ILE C 122 -0.37 -32.23 -14.05
N ALA C 123 -1.41 -32.96 -13.68
CA ALA C 123 -1.24 -34.08 -12.73
C ALA C 123 -1.86 -35.37 -13.24
N ALA C 124 -1.30 -36.50 -12.78
CA ALA C 124 -1.93 -37.83 -12.96
C ALA C 124 -3.21 -37.93 -12.13
N SER C 125 -4.18 -38.69 -12.64
CA SER C 125 -5.49 -38.91 -11.98
C SER C 125 -5.27 -39.58 -10.61
N THR C 126 -4.16 -40.24 -10.33
CA THR C 126 -3.88 -40.95 -9.04
C THR C 126 -3.05 -40.11 -8.06
N SER C 127 -2.61 -38.91 -8.47
CA SER C 127 -1.79 -38.00 -7.64
C SER C 127 -2.65 -37.45 -6.49
N THR C 128 -2.03 -37.10 -5.38
CA THR C 128 -2.71 -36.60 -4.16
C THR C 128 -1.89 -35.48 -3.53
N PHE C 129 -2.55 -34.62 -2.74
CA PHE C 129 -1.99 -33.32 -2.33
C PHE C 129 -2.38 -33.03 -0.90
N SER C 130 -1.41 -32.72 -0.05
CA SER C 130 -1.72 -32.26 1.32
CA SER C 130 -1.67 -32.32 1.36
C SER C 130 -0.77 -31.14 1.76
N MET C 131 -1.28 -30.29 2.63
CA MET C 131 -0.51 -29.19 3.25
C MET C 131 -0.43 -29.51 4.75
N THR C 132 0.78 -29.65 5.30
CA THR C 132 0.98 -30.39 6.58
C THR C 132 1.48 -29.58 7.79
N PRO C 133 1.76 -28.26 7.80
CA PRO C 133 2.35 -27.65 9.01
C PRO C 133 1.59 -27.90 10.33
N VAL C 134 0.25 -28.03 10.30
CA VAL C 134 -0.50 -28.20 11.57
C VAL C 134 -0.31 -29.63 12.11
N ASN C 135 0.26 -30.58 11.36
CA ASN C 135 0.64 -31.90 11.89
C ASN C 135 1.90 -31.75 12.74
N LEU C 136 2.71 -30.73 12.50
CA LEU C 136 4.04 -30.57 13.13
C LEU C 136 4.09 -29.44 14.16
N GLY C 137 3.06 -28.58 14.23
CA GLY C 137 3.10 -27.37 15.06
C GLY C 137 3.91 -26.24 14.46
N VAL C 138 4.14 -26.25 13.16
CA VAL C 138 5.02 -25.24 12.49
C VAL C 138 4.25 -23.96 12.29
N PRO C 139 4.80 -22.77 12.65
CA PRO C 139 4.19 -21.49 12.26
C PRO C 139 4.63 -21.10 10.83
N TYR C 140 3.85 -21.48 9.84
CA TYR C 140 4.19 -21.18 8.43
C TYR C 140 4.37 -19.66 8.30
N ASN C 141 5.23 -19.23 7.40
CA ASN C 141 5.55 -17.79 7.23
C ASN C 141 4.56 -17.12 6.27
N LEU C 142 4.49 -15.80 6.31
CA LEU C 142 3.54 -15.01 5.50
C LEU C 142 3.71 -15.31 4.00
N VAL C 143 4.94 -15.23 3.50
CA VAL C 143 5.19 -15.43 2.04
C VAL C 143 4.74 -16.84 1.63
N GLY C 144 5.06 -17.85 2.44
CA GLY C 144 4.68 -19.25 2.18
C GLY C 144 3.17 -19.37 2.09
N ILE C 145 2.46 -18.81 3.07
CA ILE C 145 0.96 -18.85 3.08
C ILE C 145 0.42 -18.14 1.85
N HIS C 146 0.90 -16.94 1.56
CA HIS C 146 0.50 -16.12 0.39
CA HIS C 146 0.45 -16.14 0.40
C HIS C 146 0.59 -16.97 -0.89
N ASN C 147 1.65 -17.78 -1.00
CA ASN C 147 1.91 -18.63 -2.18
C ASN C 147 0.78 -19.65 -2.40
N LEU C 148 -0.03 -19.90 -1.37
CA LEU C 148 -1.12 -20.91 -1.39
C LEU C 148 -2.48 -20.30 -1.68
N THR C 149 -2.60 -18.98 -1.86
CA THR C 149 -3.90 -18.25 -1.85
C THR C 149 -4.28 -17.73 -3.24
N ARG C 150 -3.53 -18.06 -4.30
CA ARG C 150 -3.72 -17.41 -5.62
C ARG C 150 -4.55 -18.27 -6.57
N ASP C 151 -4.98 -19.46 -6.13
CA ASP C 151 -5.66 -20.47 -7.00
C ASP C 151 -7.04 -20.84 -6.45
N ALA C 152 -7.12 -21.52 -5.33
CA ALA C 152 -8.42 -21.83 -4.70
C ALA C 152 -8.80 -20.70 -3.73
N GLY C 153 -10.08 -20.63 -3.40
CA GLY C 153 -10.60 -19.63 -2.46
C GLY C 153 -10.16 -19.87 -1.02
N PHE C 154 -10.43 -18.88 -0.17
CA PHE C 154 -10.04 -18.85 1.24
C PHE C 154 -10.61 -20.07 1.98
N HIS C 155 -11.91 -20.34 1.86
CA HIS C 155 -12.54 -21.47 2.60
C HIS C 155 -11.83 -22.77 2.23
N ILE C 156 -11.52 -22.98 0.96
CA ILE C 156 -10.87 -24.24 0.52
C ILE C 156 -9.46 -24.27 1.10
N VAL C 157 -8.69 -23.20 1.01
CA VAL C 157 -7.29 -23.15 1.53
C VAL C 157 -7.30 -23.47 3.04
N LYS C 158 -8.25 -22.90 3.79
CA LYS C 158 -8.34 -23.14 5.25
C LYS C 158 -8.70 -24.58 5.54
N GLU C 159 -9.54 -25.21 4.73
CA GLU C 159 -9.83 -26.65 4.91
C GLU C 159 -8.54 -27.44 4.73
N LEU C 160 -7.82 -27.18 3.65
CA LEU C 160 -6.54 -27.89 3.31
CA LEU C 160 -6.56 -27.91 3.31
C LEU C 160 -5.55 -27.75 4.46
N ILE C 161 -5.36 -26.55 4.96
CA ILE C 161 -4.32 -26.28 5.97
C ILE C 161 -4.79 -26.77 7.35
N PHE C 162 -6.03 -26.55 7.74
CA PHE C 162 -6.46 -26.87 9.13
C PHE C 162 -6.65 -28.38 9.27
N THR C 163 -7.01 -29.08 8.20
CA THR C 163 -7.20 -30.55 8.28
C THR C 163 -5.88 -31.28 8.00
N ALA C 164 -5.02 -30.70 7.17
CA ALA C 164 -3.84 -31.43 6.65
C ALA C 164 -4.26 -32.77 6.02
N SER C 165 -5.50 -32.89 5.54
CA SER C 165 -6.00 -34.09 4.86
C SER C 165 -5.62 -34.01 3.39
N PRO C 166 -5.29 -35.16 2.80
CA PRO C 166 -5.02 -35.23 1.38
C PRO C 166 -6.27 -34.99 0.54
N ILE C 167 -6.10 -34.32 -0.60
CA ILE C 167 -7.19 -34.24 -1.61
C ILE C 167 -6.75 -34.95 -2.87
N THR C 168 -7.75 -35.40 -3.62
CA THR C 168 -7.54 -36.12 -4.88
C THR C 168 -7.17 -35.09 -5.96
N ALA C 169 -6.60 -35.56 -7.07
CA ALA C 169 -6.39 -34.74 -8.28
C ALA C 169 -7.73 -34.18 -8.77
N GLN C 170 -8.80 -34.97 -8.75
CA GLN C 170 -10.13 -34.56 -9.23
C GLN C 170 -10.59 -33.34 -8.43
N ARG C 171 -10.46 -33.39 -7.12
CA ARG C 171 -10.89 -32.27 -6.25
C ARG C 171 -9.95 -31.10 -6.49
N ALA C 172 -8.64 -31.35 -6.57
CA ALA C 172 -7.68 -30.24 -6.80
C ALA C 172 -8.00 -29.51 -8.12
N LEU C 173 -8.41 -30.23 -9.16
CA LEU C 173 -8.84 -29.61 -10.43
C LEU C 173 -10.13 -28.81 -10.19
N ALA C 174 -11.07 -29.38 -9.44
CA ALA C 174 -12.40 -28.75 -9.27
C ALA C 174 -12.27 -27.42 -8.50
N VAL C 175 -11.33 -27.29 -7.57
CA VAL C 175 -11.21 -26.06 -6.74
C VAL C 175 -10.23 -25.05 -7.35
N GLY C 176 -9.61 -25.38 -8.47
CA GLY C 176 -8.80 -24.42 -9.25
C GLY C 176 -7.31 -24.53 -8.96
N ILE C 177 -6.85 -25.54 -8.21
CA ILE C 177 -5.38 -25.72 -7.93
C ILE C 177 -4.65 -26.22 -9.20
N LEU C 178 -5.21 -27.18 -9.91
CA LEU C 178 -4.57 -27.86 -11.07
C LEU C 178 -5.10 -27.27 -12.37
N ASN C 179 -4.27 -27.24 -13.41
CA ASN C 179 -4.72 -26.92 -14.80
C ASN C 179 -5.45 -28.12 -15.43
N HIS C 180 -4.81 -29.29 -15.43
CA HIS C 180 -5.32 -30.52 -16.11
C HIS C 180 -5.01 -31.74 -15.26
N VAL C 181 -5.93 -32.69 -15.32
CA VAL C 181 -5.72 -34.06 -14.80
C VAL C 181 -5.82 -35.04 -15.96
N VAL C 182 -4.83 -35.90 -16.12
CA VAL C 182 -4.81 -36.89 -17.23
C VAL C 182 -4.51 -38.29 -16.64
N GLU C 183 -4.81 -39.36 -17.37
CA GLU C 183 -4.35 -40.73 -16.99
C GLU C 183 -2.81 -40.76 -16.99
N VAL C 184 -2.19 -41.50 -16.09
CA VAL C 184 -0.70 -41.48 -15.91
C VAL C 184 0.01 -41.81 -17.23
N GLU C 185 -0.59 -42.64 -18.07
CA GLU C 185 0.03 -43.08 -19.35
CA GLU C 185 0.06 -43.07 -19.34
C GLU C 185 0.11 -41.89 -20.32
N GLU C 186 -0.72 -40.86 -20.14
CA GLU C 186 -0.82 -39.65 -21.05
C GLU C 186 -0.07 -38.44 -20.49
N LEU C 187 0.41 -38.51 -19.25
CA LEU C 187 1.02 -37.36 -18.54
C LEU C 187 2.17 -36.76 -19.36
N GLU C 188 3.15 -37.54 -19.82
CA GLU C 188 4.28 -36.99 -20.58
C GLU C 188 3.81 -36.38 -21.90
N ASP C 189 2.98 -37.11 -22.65
CA ASP C 189 2.50 -36.66 -23.98
C ASP C 189 1.76 -35.32 -23.80
N PHE C 190 0.81 -35.25 -22.86
CA PHE C 190 -0.04 -34.03 -22.69
C PHE C 190 0.85 -32.84 -22.29
N THR C 191 1.74 -33.04 -21.32
CA THR C 191 2.57 -31.97 -20.74
C THR C 191 3.57 -31.45 -21.78
N LEU C 192 4.22 -32.37 -22.50
CA LEU C 192 5.22 -31.98 -23.52
C LEU C 192 4.53 -31.27 -24.67
N GLN C 193 3.35 -31.73 -25.11
CA GLN C 193 2.64 -31.03 -26.20
C GLN C 193 2.42 -29.56 -25.79
N MET C 194 1.95 -29.32 -24.58
CA MET C 194 1.71 -27.93 -24.11
C MET C 194 3.04 -27.16 -23.97
N ALA C 195 4.08 -27.79 -23.43
CA ALA C 195 5.39 -27.11 -23.27
C ALA C 195 5.96 -26.73 -24.64
N HIS C 196 5.89 -27.64 -25.63
CA HIS C 196 6.34 -27.37 -27.01
CA HIS C 196 6.35 -27.37 -27.00
C HIS C 196 5.55 -26.20 -27.62
N HIS C 197 4.25 -26.18 -27.41
CA HIS C 197 3.36 -25.10 -27.93
C HIS C 197 3.80 -23.75 -27.35
N ILE C 198 3.97 -23.70 -26.02
CA ILE C 198 4.44 -22.46 -25.33
C ILE C 198 5.78 -22.01 -25.91
N SER C 199 6.65 -22.95 -26.28
CA SER C 199 8.02 -22.62 -26.75
C SER C 199 7.99 -22.02 -28.16
N GLU C 200 6.85 -22.03 -28.87
CA GLU C 200 6.83 -21.32 -30.18
CA GLU C 200 6.68 -21.35 -30.19
C GLU C 200 6.33 -19.87 -29.98
N LYS C 201 5.99 -19.49 -28.76
CA LYS C 201 5.46 -18.12 -28.51
C LYS C 201 6.59 -17.15 -28.16
N ALA C 202 6.25 -15.87 -28.01
CA ALA C 202 7.27 -14.82 -27.84
C ALA C 202 7.81 -14.85 -26.41
N PRO C 203 9.08 -15.26 -26.21
CA PRO C 203 9.62 -15.45 -24.87
C PRO C 203 9.71 -14.15 -24.04
N LEU C 204 10.03 -13.00 -24.64
CA LEU C 204 10.20 -11.74 -23.89
C LEU C 204 8.83 -11.25 -23.42
N ALA C 205 7.76 -11.46 -24.18
CA ALA C 205 6.37 -11.14 -23.76
C ALA C 205 5.98 -12.09 -22.62
N ILE C 206 6.26 -13.37 -22.77
CA ILE C 206 5.98 -14.35 -21.67
C ILE C 206 6.72 -13.89 -20.40
N ALA C 207 8.03 -13.60 -20.47
CA ALA C 207 8.80 -13.22 -19.27
C ALA C 207 8.18 -12.00 -18.60
N VAL C 208 7.91 -10.94 -19.35
CA VAL C 208 7.48 -9.69 -18.67
C VAL C 208 6.07 -9.91 -18.08
N ILE C 209 5.20 -10.64 -18.75
CA ILE C 209 3.84 -10.94 -18.20
C ILE C 209 4.00 -11.79 -16.94
N LYS C 210 4.88 -12.80 -16.94
CA LYS C 210 5.05 -13.63 -15.72
C LYS C 210 5.45 -12.71 -14.55
N GLU C 211 6.38 -11.78 -14.81
CA GLU C 211 6.95 -10.87 -13.78
C GLU C 211 5.87 -9.87 -13.32
N GLU C 212 5.01 -9.40 -14.24
CA GLU C 212 3.82 -8.56 -13.90
C GLU C 212 2.90 -9.33 -12.96
N LEU C 213 2.66 -10.60 -13.24
CA LEU C 213 1.80 -11.44 -12.38
C LEU C 213 2.48 -11.65 -11.03
N ARG C 214 3.79 -11.88 -11.01
CA ARG C 214 4.49 -12.09 -9.74
C ARG C 214 4.28 -10.87 -8.87
N VAL C 215 4.56 -9.67 -9.39
CA VAL C 215 4.53 -8.45 -8.52
CA VAL C 215 4.51 -8.39 -8.61
C VAL C 215 3.07 -8.12 -8.14
N LEU C 216 2.09 -8.35 -9.00
CA LEU C 216 0.66 -8.13 -8.66
C LEU C 216 0.28 -9.15 -7.58
N GLY C 217 0.76 -10.38 -7.69
CA GLY C 217 0.47 -11.41 -6.68
C GLY C 217 1.03 -11.04 -5.33
N GLU C 218 2.21 -10.40 -5.27
CA GLU C 218 2.86 -10.01 -4.01
C GLU C 218 2.27 -8.71 -3.44
N ALA C 219 1.49 -7.96 -4.21
CA ALA C 219 1.13 -6.55 -3.90
C ALA C 219 -0.06 -6.49 -2.91
N HIS C 220 -0.01 -7.32 -1.88
CA HIS C 220 -0.85 -7.24 -0.65
C HIS C 220 0.05 -6.63 0.41
N THR C 221 -0.10 -5.36 0.69
CA THR C 221 0.88 -4.62 1.51
C THR C 221 0.32 -4.35 2.90
N MET C 222 1.24 -4.20 3.85
CA MET C 222 0.93 -3.97 5.27
CA MET C 222 0.93 -3.97 5.27
C MET C 222 2.01 -3.08 5.88
N ASN C 223 1.72 -2.49 7.03
CA ASN C 223 2.69 -1.62 7.74
C ASN C 223 3.66 -2.47 8.59
N SER C 224 4.77 -1.85 9.00
CA SER C 224 5.84 -2.53 9.75
C SER C 224 5.24 -3.09 11.04
N ASP C 225 4.30 -2.37 11.69
CA ASP C 225 3.81 -2.84 13.01
C ASP C 225 3.09 -4.17 12.81
N GLU C 226 2.27 -4.31 11.76
CA GLU C 226 1.53 -5.56 11.51
CA GLU C 226 1.52 -5.56 11.48
C GLU C 226 2.51 -6.72 11.26
N PHE C 227 3.52 -6.51 10.42
CA PHE C 227 4.58 -7.54 10.20
CA PHE C 227 4.56 -7.56 10.20
C PHE C 227 5.26 -7.95 11.52
N GLU C 228 5.69 -6.96 12.33
CA GLU C 228 6.43 -7.29 13.58
C GLU C 228 5.49 -8.03 14.55
N ARG C 229 4.21 -7.67 14.54
CA ARG C 229 3.20 -8.35 15.41
C ARG C 229 3.12 -9.84 15.01
N ILE C 230 2.91 -10.12 13.72
CA ILE C 230 2.87 -11.50 13.18
C ILE C 230 4.17 -12.22 13.53
N GLN C 231 5.33 -11.58 13.35
CA GLN C 231 6.60 -12.27 13.66
CA GLN C 231 6.64 -12.21 13.69
C GLN C 231 6.65 -12.64 15.16
N GLY C 232 6.14 -11.78 16.04
CA GLY C 232 6.07 -12.12 17.48
C GLY C 232 5.20 -13.33 17.72
N MET C 233 4.06 -13.40 17.05
CA MET C 233 3.18 -14.57 17.19
C MET C 233 3.88 -15.83 16.65
N ARG C 234 4.53 -15.73 15.51
CA ARG C 234 5.33 -16.83 14.91
C ARG C 234 6.38 -17.32 15.92
N ARG C 235 7.08 -16.39 16.56
CA ARG C 235 8.15 -16.75 17.52
C ARG C 235 7.55 -17.50 18.72
N ALA C 236 6.40 -17.10 19.21
CA ALA C 236 5.70 -17.80 20.33
C ALA C 236 5.39 -19.24 19.92
N VAL C 237 5.01 -19.48 18.67
CA VAL C 237 4.73 -20.87 18.21
C VAL C 237 6.06 -21.63 18.12
N TYR C 238 7.09 -21.10 17.51
CA TYR C 238 8.34 -21.91 17.36
C TYR C 238 9.09 -22.01 18.71
N ASP C 239 8.71 -21.26 19.74
CA ASP C 239 9.21 -21.43 21.14
C ASP C 239 8.34 -22.43 21.91
N SER C 240 7.24 -22.95 21.36
CA SER C 240 6.18 -23.66 22.13
C SER C 240 6.64 -25.08 22.46
N GLU C 241 6.07 -25.67 23.50
CA GLU C 241 6.19 -27.13 23.73
C GLU C 241 5.58 -27.93 22.56
N ASP C 242 4.45 -27.48 22.01
CA ASP C 242 3.75 -28.18 20.89
C ASP C 242 4.68 -28.33 19.70
N TYR C 243 5.51 -27.32 19.43
CA TYR C 243 6.41 -27.37 18.25
C TYR C 243 7.43 -28.48 18.50
N GLN C 244 7.97 -28.57 19.70
CA GLN C 244 8.95 -29.65 20.02
C GLN C 244 8.25 -31.00 19.88
N GLU C 245 7.00 -31.08 20.36
CA GLU C 245 6.20 -32.33 20.32
C GLU C 245 5.96 -32.71 18.86
N GLY C 246 5.61 -31.76 17.99
CA GLY C 246 5.36 -32.06 16.58
C GLY C 246 6.60 -32.64 15.93
N MET C 247 7.78 -32.07 16.18
CA MET C 247 9.06 -32.54 15.59
C MET C 247 9.41 -33.93 16.14
N ASN C 248 9.34 -34.09 17.47
CA ASN C 248 9.67 -35.37 18.14
C ASN C 248 8.75 -36.47 17.63
N ALA C 249 7.44 -36.24 17.62
CA ALA C 249 6.45 -37.21 17.12
C ALA C 249 6.76 -37.62 15.68
N PHE C 250 7.08 -36.67 14.80
CA PHE C 250 7.44 -37.03 13.42
C PHE C 250 8.68 -37.95 13.43
N LEU C 251 9.74 -37.59 14.16
CA LEU C 251 10.99 -38.41 14.21
C LEU C 251 10.74 -39.77 14.89
N GLU C 252 9.85 -39.87 15.87
CA GLU C 252 9.56 -41.15 16.56
C GLU C 252 8.44 -41.92 15.83
N LYS C 253 7.97 -41.44 14.67
CA LYS C 253 6.88 -42.10 13.88
C LYS C 253 5.65 -42.45 14.76
N ARG C 254 5.19 -41.50 15.58
CA ARG C 254 4.00 -41.60 16.45
C ARG C 254 3.09 -40.39 16.24
N LYS C 255 1.86 -40.49 16.74
CA LYS C 255 0.87 -39.39 16.72
C LYS C 255 1.27 -38.32 17.72
N PRO C 256 1.39 -37.02 17.31
CA PRO C 256 1.58 -35.96 18.27
C PRO C 256 0.36 -35.74 19.18
N ASN C 257 0.63 -35.40 20.41
CA ASN C 257 -0.40 -34.93 21.38
C ASN C 257 -0.16 -33.45 21.67
N PHE C 258 -0.93 -32.56 21.06
CA PHE C 258 -0.78 -31.09 21.23
C PHE C 258 -1.64 -30.60 22.41
N VAL C 259 -1.14 -29.61 23.17
CA VAL C 259 -1.82 -29.11 24.38
C VAL C 259 -2.05 -27.59 24.37
N GLY C 260 -1.56 -26.83 23.38
CA GLY C 260 -1.91 -25.40 23.31
C GLY C 260 -0.89 -24.51 24.01
N HIS C 261 0.30 -25.02 24.28
CA HIS C 261 1.45 -24.17 24.74
C HIS C 261 2.75 -24.82 24.30
N ALA D 2 0.43 3.74 44.43
CA ALA D 2 1.83 4.20 44.39
C ALA D 2 2.64 3.26 43.49
N TYR D 3 3.85 3.70 43.11
CA TYR D 3 4.71 2.99 42.15
C TYR D 3 6.11 2.97 42.74
N GLN D 4 6.85 1.90 42.53
CA GLN D 4 8.27 1.82 42.94
C GLN D 4 9.19 2.71 42.09
N TYR D 5 8.96 2.79 40.78
CA TYR D 5 9.94 3.36 39.82
C TYR D 5 9.48 4.68 39.20
N VAL D 6 8.25 5.12 39.47
CA VAL D 6 7.81 6.49 39.09
C VAL D 6 7.04 7.17 40.23
N ASN D 7 6.93 8.48 40.12
CA ASN D 7 6.13 9.34 41.03
C ASN D 7 5.14 10.12 40.17
N VAL D 8 3.86 10.07 40.49
CA VAL D 8 2.82 10.76 39.70
C VAL D 8 2.23 11.91 40.53
N VAL D 9 2.17 13.11 39.98
CA VAL D 9 1.45 14.25 40.60
C VAL D 9 0.41 14.74 39.59
N THR D 10 -0.86 14.84 39.97
CA THR D 10 -1.92 15.42 39.11
C THR D 10 -2.40 16.72 39.74
N ILE D 11 -2.49 17.79 38.97
CA ILE D 11 -3.21 19.01 39.44
C ILE D 11 -4.19 19.40 38.35
N ASN D 12 -5.45 19.49 38.73
CA ASN D 12 -6.52 19.87 37.78
C ASN D 12 -6.54 18.72 36.75
N LYS D 13 -6.22 19.00 35.49
CA LYS D 13 -6.38 17.99 34.41
C LYS D 13 -5.03 17.51 33.88
N VAL D 14 -3.92 17.91 34.52
CA VAL D 14 -2.58 17.57 34.01
C VAL D 14 -1.91 16.59 34.98
N ALA D 15 -1.30 15.52 34.47
CA ALA D 15 -0.54 14.55 35.27
C ALA D 15 0.94 14.58 34.88
N VAL D 16 1.82 14.75 35.86
CA VAL D 16 3.29 14.67 35.64
C VAL D 16 3.77 13.31 36.13
N ILE D 17 4.37 12.53 35.23
CA ILE D 17 4.97 11.22 35.58
C ILE D 17 6.47 11.48 35.66
N GLU D 18 7.00 11.41 36.87
CA GLU D 18 8.45 11.66 37.11
C GLU D 18 9.17 10.32 37.28
N PHE D 19 10.25 10.11 36.57
CA PHE D 19 11.03 8.86 36.71
C PHE D 19 11.59 8.80 38.14
N ASN D 20 11.60 7.60 38.73
CA ASN D 20 12.23 7.39 40.06
C ASN D 20 13.17 6.18 39.98
N TYR D 21 14.16 6.23 39.08
CA TYR D 21 15.07 5.08 38.82
C TYR D 21 16.45 5.62 38.58
N GLY D 22 16.77 6.75 39.24
CA GLY D 22 18.06 7.45 39.09
C GLY D 22 19.27 6.62 39.47
N ARG D 23 19.13 5.63 40.36
CA ARG D 23 20.30 4.79 40.72
C ARG D 23 20.72 3.98 39.50
N LYS D 24 19.84 3.80 38.51
CA LYS D 24 20.24 3.14 37.22
C LYS D 24 20.13 4.10 36.04
N LEU D 25 20.17 5.42 36.31
CA LEU D 25 20.09 6.49 35.29
C LEU D 25 18.85 6.29 34.42
N ASN D 26 17.76 5.86 35.02
CA ASN D 26 16.41 5.72 34.38
C ASN D 26 16.55 4.86 33.13
N ALA D 27 17.46 3.87 33.17
CA ALA D 27 17.56 2.88 32.08
C ALA D 27 16.18 2.24 31.88
N LEU D 28 15.87 1.81 30.66
CA LEU D 28 14.54 1.27 30.31
C LEU D 28 14.47 -0.23 30.62
N SER D 29 14.72 -0.62 31.87
CA SER D 29 14.59 -1.98 32.41
CA SER D 29 14.59 -2.01 32.35
C SER D 29 13.11 -2.39 32.33
N LYS D 30 12.83 -3.70 32.22
CA LYS D 30 11.43 -4.18 32.26
C LYS D 30 10.71 -3.66 33.50
N VAL D 31 11.33 -3.64 34.68
CA VAL D 31 10.57 -3.29 35.92
C VAL D 31 10.19 -1.80 35.86
N PHE D 32 11.06 -0.97 35.29
CA PHE D 32 10.82 0.49 35.14
C PHE D 32 9.70 0.72 34.11
N ILE D 33 9.83 0.13 32.92
CA ILE D 33 8.79 0.30 31.86
C ILE D 33 7.44 -0.25 32.34
N ASP D 34 7.40 -1.41 33.04
CA ASP D 34 6.08 -1.96 33.47
C ASP D 34 5.39 -0.93 34.40
N ASP D 35 6.16 -0.26 35.25
CA ASP D 35 5.58 0.74 36.19
C ASP D 35 5.13 1.99 35.45
N LEU D 36 5.93 2.47 34.51
CA LEU D 36 5.56 3.62 33.65
C LEU D 36 4.25 3.31 32.90
N MET D 37 4.13 2.10 32.35
CA MET D 37 2.91 1.71 31.58
C MET D 37 1.70 1.59 32.52
N GLN D 38 1.91 1.09 33.73
CA GLN D 38 0.80 0.98 34.70
C GLN D 38 0.34 2.39 35.07
N ALA D 39 1.27 3.28 35.35
CA ALA D 39 0.98 4.69 35.72
C ALA D 39 0.19 5.36 34.58
N LEU D 40 0.59 5.15 33.32
CA LEU D 40 -0.14 5.76 32.17
C LEU D 40 -1.55 5.17 32.09
N SER D 41 -1.67 3.84 32.21
CA SER D 41 -2.99 3.17 32.19
C SER D 41 -3.93 3.69 33.31
N ASP D 42 -3.41 3.84 34.54
CA ASP D 42 -4.17 4.39 35.71
C ASP D 42 -4.64 5.82 35.40
N LEU D 43 -3.90 6.57 34.56
CA LEU D 43 -4.25 7.99 34.18
C LEU D 43 -5.20 8.06 32.96
N ASN D 44 -5.61 6.94 32.37
CA ASN D 44 -6.54 6.92 31.22
C ASN D 44 -7.97 7.09 31.73
N ARG D 45 -8.26 8.28 32.24
CA ARG D 45 -9.56 8.68 32.86
C ARG D 45 -9.96 10.02 32.28
N PRO D 46 -11.28 10.29 32.22
CA PRO D 46 -11.80 11.45 31.51
C PRO D 46 -11.37 12.81 32.07
N GLU D 47 -11.09 12.86 33.36
CA GLU D 47 -10.65 14.09 34.08
C GLU D 47 -9.15 14.35 33.87
N ILE D 48 -8.38 13.42 33.27
CA ILE D 48 -6.95 13.68 32.92
C ILE D 48 -6.90 14.02 31.44
N ARG D 49 -6.28 15.13 31.07
CA ARG D 49 -6.31 15.60 29.68
C ARG D 49 -4.92 15.70 29.02
N CYS D 50 -3.84 15.70 29.78
CA CYS D 50 -2.48 15.88 29.23
C CYS D 50 -1.49 15.25 30.21
N ILE D 51 -0.46 14.58 29.70
CA ILE D 51 0.59 13.94 30.50
C ILE D 51 1.87 14.64 30.18
N ILE D 52 2.71 14.79 31.20
CA ILE D 52 4.13 15.17 31.05
C ILE D 52 4.96 14.01 31.54
N LEU D 53 5.99 13.64 30.79
CA LEU D 53 7.03 12.69 31.24
C LEU D 53 8.27 13.49 31.56
N ARG D 54 8.85 13.27 32.72
CA ARG D 54 10.10 14.01 33.11
C ARG D 54 11.01 13.15 33.97
N ALA D 55 12.30 13.53 33.99
CA ALA D 55 13.27 13.06 34.99
C ALA D 55 13.25 14.03 36.18
N PRO D 56 13.72 13.61 37.37
CA PRO D 56 13.83 14.54 38.48
C PRO D 56 14.60 15.84 38.16
N SER D 57 14.23 16.95 38.82
CA SER D 57 14.95 18.24 38.69
CA SER D 57 14.95 18.24 38.73
C SER D 57 16.42 18.03 39.06
N GLY D 58 17.30 18.57 38.23
CA GLY D 58 18.78 18.50 38.28
C GLY D 58 19.38 17.24 37.70
N SER D 59 18.60 16.34 37.10
CA SER D 59 19.15 15.11 36.44
C SER D 59 20.22 15.48 35.42
N LYS D 60 21.36 14.82 35.51
CA LYS D 60 22.41 14.89 34.49
C LYS D 60 21.99 13.99 33.32
N VAL D 61 21.38 12.87 33.64
CA VAL D 61 20.97 11.86 32.62
C VAL D 61 19.45 11.75 32.69
N PHE D 62 18.75 12.17 31.63
CA PHE D 62 17.29 11.93 31.55
C PHE D 62 17.00 10.42 31.56
N SER D 63 17.58 9.66 30.60
CA SER D 63 17.53 8.18 30.54
C SER D 63 18.73 7.63 29.77
N ALA D 64 19.39 6.62 30.34
CA ALA D 64 20.55 5.91 29.75
C ALA D 64 20.10 4.92 28.65
N GLY D 65 18.80 4.85 28.36
CA GLY D 65 18.23 4.04 27.28
C GLY D 65 18.05 2.61 27.71
N HIS D 66 18.06 1.70 26.74
CA HIS D 66 17.83 0.26 26.95
C HIS D 66 18.80 -0.22 28.02
N ASP D 67 18.33 -1.05 28.94
CA ASP D 67 19.23 -1.67 29.94
C ASP D 67 20.09 -2.71 29.20
N ILE D 68 21.38 -2.47 29.07
CA ILE D 68 22.23 -3.33 28.20
C ILE D 68 22.34 -4.74 28.80
N HIS D 69 22.22 -4.90 30.12
CA HIS D 69 22.15 -6.25 30.79
C HIS D 69 20.93 -7.07 30.33
N GLU D 70 19.81 -6.47 29.97
CA GLU D 70 18.57 -7.20 29.58
C GLU D 70 18.53 -7.44 28.06
N LEU D 71 19.49 -6.94 27.26
CA LEU D 71 19.59 -7.30 25.81
C LEU D 71 19.94 -8.79 25.72
N PRO D 72 19.17 -9.60 24.93
CA PRO D 72 19.52 -11.01 24.72
C PRO D 72 20.78 -11.10 23.85
N SER D 73 21.72 -11.99 24.23
CA SER D 73 22.97 -12.27 23.47
C SER D 73 22.98 -13.75 23.04
N GLY D 74 21.80 -14.40 23.07
CA GLY D 74 21.64 -15.85 22.81
C GLY D 74 21.11 -16.15 21.42
N GLY D 75 21.31 -15.25 20.45
CA GLY D 75 20.82 -15.40 19.05
C GLY D 75 19.32 -15.10 18.92
N ARG D 76 18.78 -14.32 19.85
CA ARG D 76 17.35 -13.87 19.88
C ARG D 76 17.27 -12.39 19.48
N ASP D 77 16.16 -12.00 18.87
CA ASP D 77 15.91 -10.61 18.45
C ASP D 77 15.91 -9.72 19.69
N PRO D 78 16.81 -8.72 19.78
CA PRO D 78 16.80 -7.81 20.90
C PRO D 78 15.62 -6.82 20.93
N LEU D 79 14.90 -6.69 19.83
CA LEU D 79 13.87 -5.63 19.71
C LEU D 79 12.60 -6.26 19.12
N SER D 80 12.17 -7.35 19.74
CA SER D 80 10.95 -8.07 19.33
C SER D 80 9.74 -7.31 19.83
N TYR D 81 8.56 -7.69 19.37
CA TYR D 81 7.34 -6.87 19.49
C TYR D 81 7.04 -6.62 20.97
N ASP D 82 7.29 -7.61 21.85
CA ASP D 82 6.96 -7.49 23.30
C ASP D 82 8.19 -7.11 24.11
N ASP D 83 9.26 -6.60 23.53
CA ASP D 83 10.39 -5.96 24.28
CA ASP D 83 10.34 -6.05 24.38
C ASP D 83 9.85 -4.71 24.96
N PRO D 84 10.30 -4.36 26.19
CA PRO D 84 9.81 -3.16 26.88
C PRO D 84 9.86 -1.83 26.10
N LEU D 85 10.94 -1.55 25.39
CA LEU D 85 11.03 -0.33 24.53
C LEU D 85 9.89 -0.35 23.49
N ARG D 86 9.63 -1.51 22.88
CA ARG D 86 8.65 -1.66 21.77
C ARG D 86 7.26 -1.48 22.37
N GLN D 87 7.01 -2.00 23.57
CA GLN D 87 5.68 -1.87 24.22
C GLN D 87 5.41 -0.39 24.57
N ILE D 88 6.38 0.32 25.14
CA ILE D 88 6.13 1.71 25.69
C ILE D 88 5.92 2.69 24.53
N THR D 89 6.63 2.55 23.43
CA THR D 89 6.43 3.44 22.24
C THR D 89 5.03 3.19 21.67
N ARG D 90 4.56 1.93 21.56
CA ARG D 90 3.18 1.71 21.08
C ARG D 90 2.20 2.34 22.05
N MET D 91 2.39 2.11 23.34
CA MET D 91 1.41 2.60 24.32
C MET D 91 1.38 4.15 24.29
N ILE D 92 2.51 4.81 24.25
CA ILE D 92 2.53 6.31 24.14
C ILE D 92 1.72 6.75 22.89
N GLN D 93 1.95 6.07 21.76
CA GLN D 93 1.38 6.50 20.46
C GLN D 93 -0.13 6.24 20.43
N LYS D 94 -0.61 5.23 21.15
CA LYS D 94 -2.04 4.84 21.14
C LYS D 94 -2.78 5.56 22.26
N PHE D 95 -2.08 6.19 23.18
CA PHE D 95 -2.69 6.82 24.38
C PHE D 95 -3.55 7.98 23.93
N PRO D 96 -4.84 8.06 24.35
CA PRO D 96 -5.77 9.02 23.78
C PRO D 96 -5.64 10.43 24.37
N LYS D 97 -4.52 10.73 25.02
CA LYS D 97 -4.24 12.08 25.56
C LYS D 97 -2.88 12.48 25.02
N PRO D 98 -2.62 13.77 24.85
CA PRO D 98 -1.26 14.21 24.52
C PRO D 98 -0.27 13.85 25.63
N ILE D 99 0.91 13.39 25.23
CA ILE D 99 2.07 13.08 26.10
C ILE D 99 3.22 14.00 25.69
N ILE D 100 3.63 14.89 26.59
CA ILE D 100 4.78 15.79 26.40
C ILE D 100 5.99 15.21 27.12
N SER D 101 7.10 15.04 26.41
CA SER D 101 8.43 14.80 27.02
C SER D 101 9.07 16.13 27.44
N MET D 102 9.32 16.30 28.74
CA MET D 102 9.99 17.47 29.33
C MET D 102 11.39 17.05 29.74
N VAL D 103 12.39 17.48 28.99
CA VAL D 103 13.72 16.84 29.00
C VAL D 103 14.72 17.75 29.70
N GLU D 104 15.30 17.21 30.75
CA GLU D 104 16.53 17.78 31.35
C GLU D 104 17.55 16.66 31.32
N GLY D 105 18.78 16.96 30.95
CA GLY D 105 19.87 15.97 30.96
C GLY D 105 20.04 15.29 29.62
N SER D 106 20.93 14.29 29.58
CA SER D 106 21.31 13.57 28.35
C SER D 106 20.32 12.44 28.07
N VAL D 107 20.05 12.21 26.79
CA VAL D 107 19.06 11.23 26.29
C VAL D 107 19.81 10.29 25.35
N TRP D 108 19.67 8.98 25.59
CA TRP D 108 20.48 7.94 24.91
C TRP D 108 19.59 6.86 24.28
N GLY D 109 19.81 6.57 22.98
CA GLY D 109 19.38 5.30 22.33
C GLY D 109 17.87 5.11 22.37
N GLY D 110 17.39 4.03 23.02
CA GLY D 110 15.95 3.76 23.16
C GLY D 110 15.19 4.90 23.82
N ALA D 111 15.83 5.62 24.73
CA ALA D 111 15.17 6.76 25.40
C ALA D 111 14.95 7.87 24.36
N PHE D 112 15.85 8.04 23.42
CA PHE D 112 15.68 9.03 22.33
C PHE D 112 14.46 8.59 21.50
N GLU D 113 14.37 7.30 21.16
CA GLU D 113 13.17 6.81 20.40
C GLU D 113 11.91 7.05 21.24
N MET D 114 11.96 6.80 22.54
CA MET D 114 10.81 6.94 23.42
C MET D 114 10.32 8.39 23.36
N ILE D 115 11.19 9.38 23.53
CA ILE D 115 10.71 10.81 23.48
C ILE D 115 10.26 11.12 22.05
N MET D 116 10.87 10.52 21.03
CA MET D 116 10.45 10.85 19.63
C MET D 116 9.03 10.30 19.40
N SER D 117 8.64 9.23 20.10
CA SER D 117 7.29 8.63 19.96
C SER D 117 6.22 9.48 20.65
N SER D 118 6.60 10.32 21.61
CA SER D 118 5.67 11.24 22.30
C SER D 118 5.26 12.38 21.36
N ASP D 119 4.30 13.16 21.79
CA ASP D 119 3.59 14.15 20.94
C ASP D 119 4.36 15.46 20.84
N LEU D 120 4.92 15.95 21.94
CA LEU D 120 5.75 17.19 21.92
C LEU D 120 6.98 16.95 22.78
N ILE D 121 8.05 17.61 22.47
CA ILE D 121 9.30 17.58 23.28
C ILE D 121 9.66 19.03 23.62
N ILE D 122 9.76 19.32 24.91
CA ILE D 122 10.28 20.62 25.41
C ILE D 122 11.53 20.34 26.21
N ALA D 123 12.61 21.01 25.90
CA ALA D 123 13.92 20.63 26.44
C ALA D 123 14.68 21.82 27.04
N ALA D 124 15.47 21.52 28.04
CA ALA D 124 16.48 22.47 28.57
C ALA D 124 17.55 22.74 27.53
N SER D 125 18.09 23.95 27.56
CA SER D 125 19.15 24.42 26.65
C SER D 125 20.44 23.58 26.85
N THR D 126 20.60 22.89 27.96
CA THR D 126 21.80 22.07 28.27
C THR D 126 21.57 20.57 27.96
N SER D 127 20.37 20.18 27.58
CA SER D 127 20.04 18.77 27.23
C SER D 127 20.77 18.35 25.97
N THR D 128 21.07 17.07 25.87
CA THR D 128 21.78 16.47 24.71
C THR D 128 21.12 15.15 24.32
N PHE D 129 21.32 14.75 23.07
CA PHE D 129 20.57 13.63 22.45
C PHE D 129 21.50 12.80 21.58
N SER D 130 21.54 11.49 21.82
CA SER D 130 22.32 10.54 20.99
C SER D 130 21.46 9.34 20.61
N MET D 131 21.72 8.79 19.44
CA MET D 131 21.11 7.52 18.97
C MET D 131 22.27 6.55 18.82
N THR D 132 22.27 5.43 19.56
CA THR D 132 23.48 4.62 19.86
C THR D 132 23.51 3.19 19.31
N PRO D 133 22.58 2.60 18.51
CA PRO D 133 22.75 1.19 18.10
C PRO D 133 24.07 0.84 17.40
N VAL D 134 24.67 1.76 16.65
CA VAL D 134 25.92 1.42 15.92
C VAL D 134 27.10 1.38 16.89
N ASN D 135 26.92 1.81 18.13
CA ASN D 135 27.95 1.70 19.20
C ASN D 135 27.93 0.28 19.77
N LEU D 136 26.82 -0.43 19.62
CA LEU D 136 26.62 -1.76 20.25
C LEU D 136 26.53 -2.87 19.19
N GLY D 137 26.38 -2.53 17.90
CA GLY D 137 26.17 -3.53 16.84
C GLY D 137 24.72 -4.05 16.78
N VAL D 138 23.77 -3.29 17.29
CA VAL D 138 22.34 -3.69 17.39
C VAL D 138 21.66 -3.44 16.04
N PRO D 139 20.89 -4.42 15.51
CA PRO D 139 20.11 -4.18 14.29
C PRO D 139 18.75 -3.61 14.70
N TYR D 140 18.63 -2.30 14.68
CA TYR D 140 17.38 -1.61 15.07
C TYR D 140 16.26 -2.20 14.20
N ASN D 141 15.05 -2.28 14.73
CA ASN D 141 13.88 -2.80 13.98
C ASN D 141 13.21 -1.71 13.14
N LEU D 142 12.44 -2.13 12.13
CA LEU D 142 11.72 -1.23 11.20
C LEU D 142 10.82 -0.24 11.95
N VAL D 143 9.98 -0.70 12.87
CA VAL D 143 9.06 0.21 13.63
C VAL D 143 9.89 1.26 14.38
N GLY D 144 10.97 0.83 15.05
CA GLY D 144 11.84 1.73 15.85
C GLY D 144 12.46 2.77 14.96
N ILE D 145 12.99 2.38 13.80
CA ILE D 145 13.62 3.34 12.83
C ILE D 145 12.56 4.30 12.31
N HIS D 146 11.38 3.81 11.98
CA HIS D 146 10.27 4.64 11.46
C HIS D 146 9.92 5.74 12.48
N ASN D 147 9.90 5.40 13.77
CA ASN D 147 9.60 6.35 14.88
C ASN D 147 10.60 7.52 14.89
N LEU D 148 11.78 7.38 14.26
CA LEU D 148 12.83 8.42 14.24
C LEU D 148 12.78 9.30 12.98
N THR D 149 11.83 9.10 12.05
CA THR D 149 11.87 9.69 10.70
C THR D 149 10.75 10.69 10.46
N ARG D 150 9.98 11.06 11.47
CA ARG D 150 8.76 11.89 11.26
C ARG D 150 9.04 13.36 11.60
N ASP D 151 10.28 13.72 11.96
CA ASP D 151 10.54 15.10 12.45
C ASP D 151 11.69 15.70 11.64
N ALA D 152 12.90 15.18 11.78
CA ALA D 152 14.08 15.60 11.01
C ALA D 152 14.11 14.82 9.68
N GLY D 153 14.79 15.38 8.68
CA GLY D 153 14.94 14.73 7.38
C GLY D 153 15.89 13.55 7.39
N PHE D 154 15.93 12.82 6.28
CA PHE D 154 16.72 11.58 6.13
C PHE D 154 18.21 11.86 6.35
N HIS D 155 18.79 12.85 5.71
CA HIS D 155 20.26 13.10 5.87
C HIS D 155 20.59 13.32 7.35
N ILE D 156 19.71 14.03 8.08
CA ILE D 156 20.00 14.41 9.49
C ILE D 156 19.90 13.12 10.32
N VAL D 157 18.86 12.35 10.10
CA VAL D 157 18.64 11.07 10.83
C VAL D 157 19.83 10.12 10.59
N LYS D 158 20.35 10.04 9.37
CA LYS D 158 21.47 9.13 9.06
C LYS D 158 22.76 9.63 9.72
N GLU D 159 22.94 10.95 9.83
CA GLU D 159 24.10 11.48 10.60
C GLU D 159 24.00 11.01 12.04
N LEU D 160 22.82 11.19 12.66
CA LEU D 160 22.59 10.91 14.10
CA LEU D 160 22.58 10.91 14.11
C LEU D 160 22.88 9.42 14.34
N ILE D 161 22.34 8.56 13.49
CA ILE D 161 22.48 7.09 13.68
C ILE D 161 23.91 6.63 13.31
N PHE D 162 24.46 7.06 12.17
CA PHE D 162 25.76 6.51 11.69
C PHE D 162 26.91 7.03 12.57
N THR D 163 26.82 8.25 13.14
CA THR D 163 27.92 8.79 13.99
C THR D 163 27.68 8.39 15.44
N ALA D 164 26.44 8.21 15.85
CA ALA D 164 26.08 8.03 17.27
C ALA D 164 26.59 9.23 18.11
N SER D 165 26.85 10.38 17.51
CA SER D 165 27.41 11.55 18.19
C SER D 165 26.27 12.33 18.83
N PRO D 166 26.45 12.87 20.04
CA PRO D 166 25.42 13.69 20.67
C PRO D 166 25.18 15.00 19.88
N ILE D 167 23.93 15.43 19.87
CA ILE D 167 23.64 16.81 19.35
C ILE D 167 23.06 17.63 20.50
N THR D 168 23.24 18.95 20.40
CA THR D 168 22.78 19.95 21.38
C THR D 168 21.27 20.12 21.20
N ALA D 169 20.62 20.64 22.23
CA ALA D 169 19.22 21.07 22.17
C ALA D 169 19.05 22.14 21.08
N GLN D 170 20.03 23.01 20.89
CA GLN D 170 19.91 24.08 19.83
C GLN D 170 19.84 23.42 18.45
N ARG D 171 20.72 22.47 18.16
CA ARG D 171 20.67 21.77 16.86
C ARG D 171 19.40 20.90 16.75
N ALA D 172 18.98 20.25 17.84
CA ALA D 172 17.78 19.41 17.83
C ALA D 172 16.54 20.28 17.53
N LEU D 173 16.52 21.55 18.00
CA LEU D 173 15.44 22.49 17.65
C LEU D 173 15.52 22.86 16.16
N ALA D 174 16.72 23.18 15.68
CA ALA D 174 16.97 23.70 14.32
C ALA D 174 16.55 22.63 13.29
N VAL D 175 16.75 21.34 13.58
CA VAL D 175 16.50 20.28 12.55
C VAL D 175 15.04 19.75 12.64
N GLY D 176 14.24 20.21 13.59
CA GLY D 176 12.80 19.88 13.73
C GLY D 176 12.49 18.78 14.72
N ILE D 177 13.43 18.33 15.54
CA ILE D 177 13.17 17.25 16.54
C ILE D 177 12.41 17.83 17.76
N LEU D 178 12.78 19.02 18.24
CA LEU D 178 12.19 19.64 19.47
C LEU D 178 11.13 20.68 19.09
N ASN D 179 10.17 20.86 19.98
CA ASN D 179 9.18 21.96 19.88
C ASN D 179 9.77 23.26 20.41
N HIS D 180 10.37 23.20 21.59
CA HIS D 180 10.88 24.40 22.30
C HIS D 180 12.15 24.04 23.07
N VAL D 181 13.07 24.99 23.12
CA VAL D 181 14.23 24.93 24.05
C VAL D 181 14.14 26.13 24.97
N VAL D 182 14.27 25.88 26.26
CA VAL D 182 14.20 26.98 27.27
C VAL D 182 15.34 26.79 28.27
N GLU D 183 15.71 27.86 28.97
CA GLU D 183 16.70 27.78 30.08
C GLU D 183 16.13 26.82 31.13
N VAL D 184 16.98 26.04 31.75
CA VAL D 184 16.48 24.94 32.65
C VAL D 184 15.58 25.52 33.75
N GLU D 185 15.82 26.75 34.23
CA GLU D 185 15.04 27.34 35.33
C GLU D 185 13.62 27.71 34.88
N GLU D 186 13.36 27.71 33.56
CA GLU D 186 12.02 28.01 32.98
CA GLU D 186 12.04 28.02 32.94
C GLU D 186 11.33 26.73 32.48
N LEU D 187 12.01 25.58 32.56
CA LEU D 187 11.54 24.35 31.89
C LEU D 187 10.18 23.92 32.47
N GLU D 188 10.09 23.79 33.79
CA GLU D 188 8.83 23.29 34.40
CA GLU D 188 8.84 23.32 34.42
C GLU D 188 7.71 24.31 34.13
N ASP D 189 7.92 25.60 34.40
CA ASP D 189 6.85 26.61 34.22
C ASP D 189 6.38 26.64 32.75
N PHE D 190 7.30 26.64 31.80
CA PHE D 190 6.95 26.69 30.36
C PHE D 190 6.10 25.47 30.01
N THR D 191 6.54 24.28 30.45
CA THR D 191 5.87 23.01 30.09
C THR D 191 4.48 22.94 30.76
N LEU D 192 4.37 23.29 32.04
CA LEU D 192 3.05 23.25 32.73
C LEU D 192 2.09 24.24 32.10
N GLN D 193 2.55 25.42 31.66
CA GLN D 193 1.66 26.41 31.02
C GLN D 193 1.07 25.78 29.75
N MET D 194 1.90 25.14 28.97
CA MET D 194 1.42 24.55 27.69
C MET D 194 0.50 23.35 27.96
N ALA D 195 0.84 22.48 28.90
CA ALA D 195 0.02 21.29 29.26
C ALA D 195 -1.37 21.74 29.76
N HIS D 196 -1.41 22.71 30.68
CA HIS D 196 -2.70 23.19 31.24
CA HIS D 196 -2.68 23.23 31.24
C HIS D 196 -3.50 23.89 30.13
N HIS D 197 -2.87 24.63 29.24
CA HIS D 197 -3.54 25.21 28.06
C HIS D 197 -4.22 24.09 27.24
N ILE D 198 -3.45 23.07 26.88
CA ILE D 198 -3.99 21.94 26.04
C ILE D 198 -5.19 21.30 26.74
N SER D 199 -5.19 21.23 28.06
CA SER D 199 -6.21 20.50 28.84
CA SER D 199 -6.20 20.53 28.89
C SER D 199 -7.56 21.26 28.82
N GLU D 200 -7.58 22.51 28.35
CA GLU D 200 -8.83 23.29 28.23
C GLU D 200 -9.49 23.00 26.87
N LYS D 201 -8.80 22.31 25.96
CA LYS D 201 -9.33 22.07 24.59
C LYS D 201 -10.15 20.80 24.57
N ALA D 202 -10.78 20.48 23.43
CA ALA D 202 -11.76 19.39 23.33
C ALA D 202 -11.05 18.06 23.32
N PRO D 203 -11.19 17.22 24.35
CA PRO D 203 -10.35 16.03 24.46
C PRO D 203 -10.67 15.00 23.39
N LEU D 204 -11.94 14.90 22.98
CA LEU D 204 -12.33 13.85 21.99
C LEU D 204 -11.79 14.20 20.60
N ALA D 205 -11.73 15.49 20.29
CA ALA D 205 -11.16 15.98 19.04
C ALA D 205 -9.65 15.73 19.10
N ILE D 206 -9.01 16.04 20.23
CA ILE D 206 -7.54 15.79 20.33
C ILE D 206 -7.28 14.28 20.13
N ALA D 207 -8.05 13.41 20.77
CA ALA D 207 -7.80 11.96 20.73
C ALA D 207 -7.93 11.46 19.28
N VAL D 208 -9.02 11.79 18.58
CA VAL D 208 -9.16 11.25 17.20
C VAL D 208 -8.11 11.86 16.26
N ILE D 209 -7.70 13.11 16.44
CA ILE D 209 -6.66 13.71 15.55
C ILE D 209 -5.32 13.02 15.83
N LYS D 210 -4.99 12.78 17.11
CA LYS D 210 -3.76 12.04 17.44
C LYS D 210 -3.78 10.63 16.78
N GLU D 211 -4.93 9.96 16.78
CA GLU D 211 -5.04 8.58 16.24
C GLU D 211 -4.93 8.64 14.70
N GLU D 212 -5.52 9.63 14.06
CA GLU D 212 -5.37 9.89 12.60
C GLU D 212 -3.91 10.11 12.24
N LEU D 213 -3.20 10.93 12.99
CA LEU D 213 -1.74 11.14 12.79
C LEU D 213 -0.99 9.82 12.98
N ARG D 214 -1.34 9.03 13.99
CA ARG D 214 -0.63 7.78 14.25
C ARG D 214 -0.76 6.87 13.03
N VAL D 215 -1.97 6.67 12.55
CA VAL D 215 -2.29 5.76 11.41
CA VAL D 215 -2.17 5.69 11.45
C VAL D 215 -1.58 6.26 10.14
N LEU D 216 -1.65 7.56 9.88
CA LEU D 216 -1.00 8.12 8.68
C LEU D 216 0.50 7.93 8.80
N GLY D 217 1.05 8.10 9.99
CA GLY D 217 2.50 7.97 10.22
C GLY D 217 2.96 6.55 10.00
N GLU D 218 2.14 5.55 10.34
CA GLU D 218 2.45 4.14 10.12
C GLU D 218 2.15 3.67 8.69
N ALA D 219 1.48 4.48 7.87
CA ALA D 219 0.88 4.03 6.58
C ALA D 219 1.94 4.02 5.47
N HIS D 220 3.14 3.51 5.76
CA HIS D 220 4.23 3.22 4.80
C HIS D 220 4.23 1.70 4.64
N THR D 221 3.65 1.20 3.56
CA THR D 221 3.33 -0.24 3.46
C THR D 221 4.31 -0.92 2.49
N MET D 222 4.56 -2.20 2.72
CA MET D 222 5.48 -3.03 1.91
CA MET D 222 5.47 -3.03 1.91
C MET D 222 4.89 -4.45 1.86
N ASN D 223 5.37 -5.25 0.92
CA ASN D 223 4.91 -6.64 0.75
C ASN D 223 5.64 -7.57 1.70
N SER D 224 5.09 -8.78 1.90
CA SER D 224 5.64 -9.75 2.86
C SER D 224 7.08 -10.12 2.52
N ASP D 225 7.42 -10.24 1.23
CA ASP D 225 8.79 -10.65 0.86
C ASP D 225 9.76 -9.59 1.38
N GLU D 226 9.46 -8.30 1.19
CA GLU D 226 10.38 -7.23 1.63
C GLU D 226 10.58 -7.31 3.15
N PHE D 227 9.54 -7.48 3.91
CA PHE D 227 9.66 -7.61 5.39
CA PHE D 227 9.63 -7.63 5.39
C PHE D 227 10.52 -8.84 5.74
N GLU D 228 10.25 -9.99 5.11
CA GLU D 228 10.98 -11.21 5.46
C GLU D 228 12.46 -11.05 5.06
N ARG D 229 12.75 -10.34 3.96
CA ARG D 229 14.14 -10.08 3.51
C ARG D 229 14.87 -9.25 4.58
N ILE D 230 14.23 -8.18 5.03
CA ILE D 230 14.73 -7.31 6.14
C ILE D 230 14.93 -8.16 7.39
N GLN D 231 13.97 -8.99 7.77
CA GLN D 231 14.13 -9.81 9.00
CA GLN D 231 14.07 -9.89 8.97
C GLN D 231 15.36 -10.73 8.88
N GLY D 232 15.62 -11.29 7.69
CA GLY D 232 16.82 -12.13 7.48
C GLY D 232 18.09 -11.31 7.67
N MET D 233 18.07 -10.06 7.22
CA MET D 233 19.28 -9.21 7.36
C MET D 233 19.50 -8.91 8.84
N ARG D 234 18.42 -8.62 9.57
CA ARG D 234 18.49 -8.27 11.02
C ARG D 234 19.02 -9.51 11.75
N ARG D 235 18.53 -10.68 11.40
CA ARG D 235 18.95 -11.94 12.07
C ARG D 235 20.46 -12.16 11.92
N ALA D 236 21.01 -11.92 10.72
CA ALA D 236 22.45 -12.05 10.43
C ALA D 236 23.21 -11.07 11.34
N VAL D 237 22.63 -9.91 11.62
CA VAL D 237 23.30 -8.93 12.52
C VAL D 237 23.22 -9.47 13.95
N TYR D 238 22.08 -9.94 14.42
CA TYR D 238 22.00 -10.31 15.86
C TYR D 238 22.69 -11.68 16.06
N ASP D 239 23.10 -12.35 14.97
CA ASP D 239 23.91 -13.59 15.01
C ASP D 239 25.41 -13.28 14.90
N SER D 240 25.78 -11.99 14.80
CA SER D 240 27.16 -11.55 14.45
CA SER D 240 27.16 -11.55 14.45
C SER D 240 28.09 -11.64 15.66
N GLU D 241 29.38 -11.83 15.37
CA GLU D 241 30.54 -11.62 16.29
C GLU D 241 30.44 -10.17 16.79
N ASP D 242 30.22 -9.22 15.89
CA ASP D 242 30.17 -7.77 16.24
C ASP D 242 29.10 -7.49 17.30
N TYR D 243 27.92 -8.12 17.21
CA TYR D 243 26.85 -7.90 18.20
C TYR D 243 27.31 -8.42 19.56
N GLN D 244 27.97 -9.59 19.62
CA GLN D 244 28.55 -10.12 20.88
C GLN D 244 29.63 -9.14 21.40
N GLU D 245 30.50 -8.67 20.51
CA GLU D 245 31.59 -7.69 20.86
C GLU D 245 30.98 -6.39 21.41
N GLY D 246 29.90 -5.88 20.80
CA GLY D 246 29.25 -4.65 21.28
C GLY D 246 28.82 -4.77 22.72
N MET D 247 28.16 -5.89 23.04
CA MET D 247 27.63 -6.09 24.41
CA MET D 247 27.62 -6.21 24.40
C MET D 247 28.79 -6.35 25.38
N ASN D 248 29.76 -7.19 25.00
CA ASN D 248 30.97 -7.54 25.80
C ASN D 248 31.74 -6.26 26.15
N ALA D 249 32.02 -5.41 25.16
CA ALA D 249 32.76 -4.15 25.37
C ALA D 249 32.01 -3.29 26.38
N PHE D 250 30.68 -3.22 26.29
CA PHE D 250 29.91 -2.35 27.20
C PHE D 250 30.11 -2.81 28.64
N LEU D 251 30.00 -4.10 28.90
CA LEU D 251 30.05 -4.54 30.31
C LEU D 251 31.50 -4.66 30.79
N GLU D 252 32.49 -4.70 29.88
CA GLU D 252 33.93 -4.64 30.27
C GLU D 252 34.44 -3.20 30.37
N LYS D 253 33.59 -2.21 30.09
CA LYS D 253 33.90 -0.75 30.11
C LYS D 253 35.11 -0.48 29.20
N ARG D 254 35.03 -0.93 27.96
CA ARG D 254 36.11 -0.68 26.98
C ARG D 254 35.46 -0.34 25.64
N LYS D 255 36.27 0.14 24.70
CA LYS D 255 35.77 0.43 23.34
C LYS D 255 35.65 -0.83 22.49
N PRO D 256 34.49 -1.05 21.84
CA PRO D 256 34.36 -2.21 20.99
C PRO D 256 35.29 -2.12 19.79
N ASN D 257 35.73 -3.27 19.36
CA ASN D 257 36.44 -3.43 18.10
C ASN D 257 35.58 -4.16 17.07
N PHE D 258 34.94 -3.44 16.15
CA PHE D 258 34.03 -4.05 15.15
C PHE D 258 34.82 -4.47 13.92
N VAL D 259 34.45 -5.60 13.32
CA VAL D 259 35.19 -6.20 12.17
C VAL D 259 34.31 -6.55 10.96
N GLY D 260 32.99 -6.50 11.04
CA GLY D 260 32.15 -6.73 9.84
C GLY D 260 31.74 -8.19 9.68
N HIS D 261 31.63 -8.93 10.81
CA HIS D 261 31.19 -10.36 10.93
C HIS D 261 30.55 -10.57 12.29
N ALA E 2 -17.10 38.16 -14.57
CA ALA E 2 -16.98 38.68 -13.19
C ALA E 2 -17.60 37.68 -12.20
N TYR E 3 -17.26 37.89 -10.94
CA TYR E 3 -17.64 36.97 -9.83
C TYR E 3 -18.12 37.88 -8.70
N GLN E 4 -19.06 37.42 -7.89
CA GLN E 4 -19.56 38.25 -6.78
C GLN E 4 -18.48 38.26 -5.70
N TYR E 5 -17.71 37.18 -5.49
CA TYR E 5 -16.93 37.05 -4.23
C TYR E 5 -15.42 36.95 -4.47
N VAL E 6 -14.93 37.06 -5.72
CA VAL E 6 -13.49 37.24 -5.99
C VAL E 6 -13.32 38.28 -7.11
N ASN E 7 -12.14 38.85 -7.17
CA ASN E 7 -11.73 39.80 -8.24
C ASN E 7 -10.52 39.20 -8.92
N VAL E 8 -10.55 39.03 -10.24
CA VAL E 8 -9.40 38.39 -10.93
C VAL E 8 -8.69 39.44 -11.78
N VAL E 9 -7.37 39.48 -11.70
CA VAL E 9 -6.52 40.31 -12.59
C VAL E 9 -5.54 39.38 -13.29
N THR E 10 -5.27 39.58 -14.58
CA THR E 10 -4.26 38.79 -15.30
CA THR E 10 -4.24 38.79 -15.26
C THR E 10 -3.17 39.76 -15.76
N ILE E 11 -1.91 39.39 -15.52
CA ILE E 11 -0.71 40.13 -15.93
C ILE E 11 0.16 39.17 -16.74
N ASN E 12 0.05 39.20 -18.07
CA ASN E 12 0.75 38.26 -18.98
C ASN E 12 0.29 36.84 -18.64
N LYS E 13 1.17 36.03 -18.11
CA LYS E 13 0.93 34.60 -17.80
C LYS E 13 0.52 34.42 -16.34
N VAL E 14 0.51 35.46 -15.51
CA VAL E 14 0.18 35.32 -14.06
C VAL E 14 -1.25 35.79 -13.82
N ALA E 15 -2.04 35.02 -13.11
CA ALA E 15 -3.38 35.41 -12.64
C ALA E 15 -3.38 35.61 -11.12
N VAL E 16 -3.93 36.72 -10.64
CA VAL E 16 -4.13 37.02 -9.20
C VAL E 16 -5.61 36.92 -8.89
N ILE E 17 -6.00 36.02 -7.98
CA ILE E 17 -7.39 35.88 -7.48
C ILE E 17 -7.42 36.51 -6.09
N GLU E 18 -8.17 37.60 -5.92
CA GLU E 18 -8.26 38.36 -4.66
C GLU E 18 -9.61 38.13 -4.05
N PHE E 19 -9.66 37.70 -2.78
CA PHE E 19 -10.93 37.44 -2.11
C PHE E 19 -11.74 38.75 -2.05
N ASN E 20 -13.05 38.64 -2.23
CA ASN E 20 -13.97 39.82 -2.07
C ASN E 20 -15.12 39.41 -1.16
N TYR E 21 -14.80 39.04 0.09
CA TYR E 21 -15.78 38.51 1.06
C TYR E 21 -15.41 38.99 2.45
N GLY E 22 -14.95 40.25 2.52
CA GLY E 22 -14.52 40.92 3.76
C GLY E 22 -15.67 41.08 4.75
N ARG E 23 -16.89 41.18 4.26
CA ARG E 23 -18.18 41.13 5.02
C ARG E 23 -18.09 40.01 6.07
N LYS E 24 -17.56 38.83 5.71
CA LYS E 24 -17.46 37.66 6.61
C LYS E 24 -15.99 37.28 6.83
N LEU E 25 -15.08 38.23 6.63
CA LEU E 25 -13.62 38.01 6.86
C LEU E 25 -13.14 36.80 6.03
N ASN E 26 -13.70 36.61 4.82
CA ASN E 26 -13.22 35.62 3.83
C ASN E 26 -13.40 34.22 4.44
N ALA E 27 -14.44 34.03 5.25
CA ALA E 27 -14.82 32.70 5.75
C ALA E 27 -15.18 31.82 4.54
N LEU E 28 -14.93 30.51 4.60
CA LEU E 28 -14.95 29.58 3.45
C LEU E 28 -16.41 29.16 3.24
N SER E 29 -17.32 30.14 3.16
CA SER E 29 -18.77 29.89 2.91
C SER E 29 -18.91 29.18 1.56
N LYS E 30 -19.98 28.42 1.37
CA LYS E 30 -20.22 27.76 0.05
C LYS E 30 -20.20 28.80 -1.10
N VAL E 31 -20.85 29.95 -0.96
CA VAL E 31 -20.99 30.90 -2.09
C VAL E 31 -19.62 31.50 -2.46
N PHE E 32 -18.75 31.68 -1.47
CA PHE E 32 -17.39 32.22 -1.66
C PHE E 32 -16.52 31.16 -2.35
N ILE E 33 -16.54 29.94 -1.85
CA ILE E 33 -15.71 28.83 -2.41
C ILE E 33 -16.17 28.49 -3.82
N ASP E 34 -17.49 28.50 -4.09
CA ASP E 34 -17.97 28.18 -5.44
C ASP E 34 -17.44 29.23 -6.43
N ASP E 35 -17.41 30.51 -6.10
CA ASP E 35 -16.84 31.56 -6.97
C ASP E 35 -15.33 31.37 -7.11
N LEU E 36 -14.64 31.07 -6.04
CA LEU E 36 -13.17 30.82 -6.10
C LEU E 36 -12.89 29.64 -7.07
N MET E 37 -13.63 28.53 -6.95
CA MET E 37 -13.43 27.38 -7.82
C MET E 37 -13.80 27.72 -9.28
N GLN E 38 -14.92 28.42 -9.51
CA GLN E 38 -15.27 28.88 -10.89
C GLN E 38 -14.14 29.76 -11.45
N ALA E 39 -13.60 30.69 -10.68
CA ALA E 39 -12.48 31.54 -11.13
C ALA E 39 -11.28 30.69 -11.52
N LEU E 40 -10.91 29.70 -10.71
CA LEU E 40 -9.72 28.85 -11.04
C LEU E 40 -9.99 28.09 -12.34
N SER E 41 -11.18 27.53 -12.46
CA SER E 41 -11.56 26.67 -13.62
C SER E 41 -11.46 27.56 -14.86
N ASP E 42 -11.98 28.78 -14.78
CA ASP E 42 -11.97 29.72 -15.94
C ASP E 42 -10.52 30.01 -16.35
N LEU E 43 -9.55 29.96 -15.41
CA LEU E 43 -8.12 30.29 -15.64
C LEU E 43 -7.33 29.06 -16.11
N ASN E 44 -7.99 27.91 -16.26
CA ASN E 44 -7.31 26.67 -16.72
C ASN E 44 -7.19 26.74 -18.24
N ARG E 45 -6.25 27.56 -18.72
CA ARG E 45 -6.04 27.92 -20.14
C ARG E 45 -4.53 27.89 -20.33
N PRO E 46 -4.05 27.46 -21.50
CA PRO E 46 -2.61 27.33 -21.81
C PRO E 46 -1.74 28.59 -21.61
N GLU E 47 -2.35 29.76 -21.78
CA GLU E 47 -1.63 31.06 -21.73
C GLU E 47 -1.55 31.56 -20.28
N ILE E 48 -2.22 30.91 -19.33
CA ILE E 48 -2.04 31.18 -17.87
C ILE E 48 -1.07 30.15 -17.32
N ARG E 49 -0.05 30.59 -16.57
CA ARG E 49 1.04 29.68 -16.13
C ARG E 49 1.17 29.60 -14.60
N CYS E 50 0.66 30.57 -13.87
CA CYS E 50 0.87 30.66 -12.41
C CYS E 50 -0.29 31.45 -11.79
N ILE E 51 -0.80 30.98 -10.66
CA ILE E 51 -1.91 31.60 -9.93
C ILE E 51 -1.38 32.15 -8.61
N ILE E 52 -1.84 33.33 -8.19
CA ILE E 52 -1.67 33.87 -6.82
C ILE E 52 -3.05 34.00 -6.18
N LEU E 53 -3.24 33.49 -4.95
CA LEU E 53 -4.43 33.68 -4.09
C LEU E 53 -4.04 34.70 -3.03
N ARG E 54 -4.84 35.73 -2.83
CA ARG E 54 -4.51 36.79 -1.84
C ARG E 54 -5.82 37.37 -1.32
N ALA E 55 -5.73 37.92 -0.13
CA ALA E 55 -6.76 38.79 0.45
C ALA E 55 -6.42 40.20 -0.02
N PRO E 56 -7.39 41.11 0.00
CA PRO E 56 -7.08 42.49 -0.39
C PRO E 56 -5.93 43.08 0.42
N SER E 57 -5.18 44.00 -0.19
CA SER E 57 -4.08 44.74 0.46
C SER E 57 -4.59 45.39 1.75
N GLY E 58 -3.86 45.27 2.84
CA GLY E 58 -4.22 45.82 4.16
C GLY E 58 -5.09 44.92 5.02
N SER E 59 -5.48 43.72 4.58
CA SER E 59 -6.42 42.89 5.36
C SER E 59 -5.79 42.56 6.71
N LYS E 60 -6.54 42.75 7.79
CA LYS E 60 -6.24 42.20 9.14
C LYS E 60 -6.44 40.68 9.17
N VAL E 61 -7.48 40.17 8.53
CA VAL E 61 -7.82 38.72 8.52
C VAL E 61 -7.70 38.23 7.08
N PHE E 62 -6.74 37.35 6.81
CA PHE E 62 -6.63 36.70 5.48
C PHE E 62 -7.90 35.90 5.24
N SER E 63 -8.22 35.00 6.19
CA SER E 63 -9.48 34.21 6.17
C SER E 63 -9.74 33.66 7.56
N ALA E 64 -10.99 33.79 8.01
CA ALA E 64 -11.48 33.33 9.32
C ALA E 64 -11.80 31.83 9.32
N GLY E 65 -11.53 31.11 8.23
CA GLY E 65 -11.63 29.65 8.13
C GLY E 65 -13.04 29.21 7.81
N HIS E 66 -13.40 27.98 8.22
CA HIS E 66 -14.72 27.40 7.90
CA HIS E 66 -14.73 27.39 7.93
C HIS E 66 -15.82 28.36 8.38
N ASP E 67 -16.87 28.53 7.60
CA ASP E 67 -18.05 29.31 8.05
C ASP E 67 -18.75 28.47 9.11
N ILE E 68 -18.69 28.86 10.37
CA ILE E 68 -19.19 28.03 11.50
CA ILE E 68 -19.18 27.96 11.45
C ILE E 68 -20.73 27.91 11.40
N HIS E 69 -21.39 28.91 10.82
CA HIS E 69 -22.87 28.92 10.62
C HIS E 69 -23.32 27.86 9.58
N GLU E 70 -22.42 27.32 8.75
CA GLU E 70 -22.74 26.28 7.74
C GLU E 70 -22.28 24.89 8.24
N LEU E 71 -21.61 24.80 9.40
CA LEU E 71 -21.16 23.51 9.96
C LEU E 71 -22.41 22.74 10.37
N PRO E 72 -22.58 21.47 9.91
CA PRO E 72 -23.68 20.62 10.36
C PRO E 72 -23.71 20.39 11.88
N SER E 73 -24.86 20.69 12.48
CA SER E 73 -25.22 20.40 13.89
C SER E 73 -25.84 19.00 13.96
N GLY E 74 -25.82 18.38 15.15
CA GLY E 74 -26.20 16.98 15.37
C GLY E 74 -25.16 16.03 14.80
N GLY E 75 -25.58 14.81 14.46
CA GLY E 75 -24.70 13.73 14.00
C GLY E 75 -24.53 13.71 12.49
N ARG E 76 -24.13 14.83 11.87
CA ARG E 76 -23.78 14.88 10.43
C ARG E 76 -22.27 15.20 10.33
N ASP E 77 -21.57 14.51 9.43
CA ASP E 77 -20.10 14.71 9.26
C ASP E 77 -19.90 16.12 8.74
N PRO E 78 -19.22 16.98 9.51
CA PRO E 78 -18.96 18.35 9.04
C PRO E 78 -17.88 18.53 7.95
N LEU E 79 -17.10 17.48 7.69
CA LEU E 79 -15.99 17.56 6.72
C LEU E 79 -16.09 16.39 5.73
N SER E 80 -17.29 16.20 5.17
CA SER E 80 -17.59 15.19 4.13
CA SER E 80 -17.55 15.15 4.14
C SER E 80 -16.93 15.59 2.80
N TYR E 81 -16.86 14.65 1.86
CA TYR E 81 -16.11 14.79 0.61
C TYR E 81 -16.48 16.06 -0.16
N ASP E 82 -17.77 16.45 -0.17
CA ASP E 82 -18.14 17.60 -1.03
CA ASP E 82 -18.35 17.55 -0.98
C ASP E 82 -18.44 18.85 -0.17
N ASP E 83 -17.97 18.90 1.07
CA ASP E 83 -17.89 20.15 1.89
CA ASP E 83 -17.99 20.17 1.82
C ASP E 83 -17.02 21.12 1.12
N PRO E 84 -17.31 22.44 1.12
CA PRO E 84 -16.48 23.40 0.38
C PRO E 84 -14.97 23.37 0.66
N LEU E 85 -14.54 23.24 1.91
CA LEU E 85 -13.09 23.22 2.22
C LEU E 85 -12.48 21.96 1.55
N ARG E 86 -13.15 20.83 1.65
CA ARG E 86 -12.67 19.55 1.04
C ARG E 86 -12.60 19.70 -0.50
N GLN E 87 -13.57 20.37 -1.13
CA GLN E 87 -13.56 20.63 -2.58
C GLN E 87 -12.41 21.55 -3.00
N ILE E 88 -12.16 22.65 -2.30
CA ILE E 88 -11.18 23.66 -2.79
C ILE E 88 -9.76 23.08 -2.58
N THR E 89 -9.49 22.30 -1.53
CA THR E 89 -8.13 21.73 -1.34
C THR E 89 -7.87 20.73 -2.47
N ARG E 90 -8.84 19.91 -2.84
CA ARG E 90 -8.61 18.93 -3.94
C ARG E 90 -8.39 19.69 -5.24
N MET E 91 -9.19 20.70 -5.51
CA MET E 91 -9.04 21.51 -6.76
C MET E 91 -7.65 22.18 -6.83
N ILE E 92 -7.19 22.81 -5.76
CA ILE E 92 -5.85 23.47 -5.72
C ILE E 92 -4.78 22.43 -6.04
N GLN E 93 -4.88 21.26 -5.42
CA GLN E 93 -3.83 20.21 -5.52
C GLN E 93 -3.85 19.59 -6.93
N LYS E 94 -5.01 19.45 -7.56
CA LYS E 94 -5.11 18.84 -8.93
C LYS E 94 -4.88 19.86 -10.05
N PHE E 95 -4.80 21.14 -9.73
CA PHE E 95 -4.76 22.21 -10.75
C PHE E 95 -3.40 22.17 -11.41
N PRO E 96 -3.33 22.11 -12.76
CA PRO E 96 -2.05 21.85 -13.45
C PRO E 96 -1.07 23.02 -13.58
N LYS E 97 -1.24 24.02 -12.73
CA LYS E 97 -0.37 25.21 -12.69
C LYS E 97 -0.04 25.45 -11.22
N PRO E 98 1.12 26.00 -10.90
CA PRO E 98 1.43 26.32 -9.52
C PRO E 98 0.43 27.34 -8.98
N ILE E 99 0.03 27.17 -7.73
CA ILE E 99 -0.83 28.12 -6.97
C ILE E 99 -0.02 28.60 -5.76
N ILE E 100 0.27 29.90 -5.72
CA ILE E 100 1.03 30.57 -4.62
C ILE E 100 0.02 31.27 -3.72
N SER E 101 0.01 30.94 -2.44
CA SER E 101 -0.77 31.68 -1.42
C SER E 101 0.09 32.85 -0.97
N MET E 102 -0.36 34.07 -1.26
CA MET E 102 0.30 35.32 -0.82
C MET E 102 -0.47 35.88 0.37
N VAL E 103 0.12 35.78 1.55
CA VAL E 103 -0.62 35.92 2.82
C VAL E 103 -0.30 37.24 3.51
N GLU E 104 -1.36 38.01 3.72
CA GLU E 104 -1.36 39.22 4.60
C GLU E 104 -2.48 39.00 5.58
N GLY E 105 -2.23 39.17 6.87
CA GLY E 105 -3.28 39.01 7.88
C GLY E 105 -3.21 37.67 8.59
N SER E 106 -4.20 37.46 9.41
CA SER E 106 -4.32 36.24 10.23
C SER E 106 -5.03 35.13 9.45
N VAL E 107 -4.57 33.89 9.65
CA VAL E 107 -5.06 32.68 8.93
C VAL E 107 -5.55 31.67 9.96
N TRP E 108 -6.80 31.22 9.82
CA TRP E 108 -7.49 30.38 10.82
C TRP E 108 -7.97 29.05 10.24
N GLY E 109 -7.69 27.97 10.97
CA GLY E 109 -8.38 26.68 10.79
C GLY E 109 -8.34 26.18 9.34
N GLY E 110 -9.51 26.01 8.75
CA GLY E 110 -9.62 25.49 7.37
C GLY E 110 -8.87 26.36 6.39
N ALA E 111 -8.73 27.68 6.62
CA ALA E 111 -7.98 28.55 5.70
C ALA E 111 -6.48 28.23 5.83
N PHE E 112 -6.04 27.76 7.00
CA PHE E 112 -4.62 27.32 7.16
C PHE E 112 -4.41 26.03 6.33
N GLU E 113 -5.35 25.08 6.43
CA GLU E 113 -5.28 23.86 5.61
C GLU E 113 -5.36 24.24 4.13
N MET E 114 -6.15 25.26 3.77
CA MET E 114 -6.23 25.70 2.36
C MET E 114 -4.86 26.22 1.88
N ILE E 115 -4.17 27.08 2.60
CA ILE E 115 -2.85 27.59 2.11
C ILE E 115 -1.83 26.48 2.15
N MET E 116 -1.92 25.54 3.11
CA MET E 116 -0.98 24.40 3.17
C MET E 116 -1.14 23.51 1.93
N SER E 117 -2.35 23.38 1.38
CA SER E 117 -2.59 22.55 0.17
C SER E 117 -2.03 23.22 -1.07
N SER E 118 -1.79 24.53 -1.08
CA SER E 118 -1.20 25.23 -2.24
C SER E 118 0.28 24.88 -2.36
N ASP E 119 0.92 25.33 -3.45
CA ASP E 119 2.29 24.91 -3.83
C ASP E 119 3.35 25.70 -3.07
N LEU E 120 3.17 27.03 -2.90
CA LEU E 120 4.17 27.90 -2.23
C LEU E 120 3.38 28.86 -1.36
N ILE E 121 3.95 29.27 -0.24
CA ILE E 121 3.35 30.30 0.66
C ILE E 121 4.39 31.40 0.85
N ILE E 122 4.02 32.62 0.49
CA ILE E 122 4.85 33.82 0.70
C ILE E 122 4.01 34.75 1.59
N ALA E 123 4.55 35.18 2.72
CA ALA E 123 3.75 35.88 3.74
C ALA E 123 4.44 37.16 4.24
N ALA E 124 3.58 38.08 4.65
CA ALA E 124 3.96 39.33 5.37
C ALA E 124 4.59 38.95 6.70
N SER E 125 5.60 39.69 7.11
CA SER E 125 6.26 39.56 8.44
C SER E 125 5.23 39.65 9.59
N THR E 126 4.06 40.28 9.41
CA THR E 126 3.07 40.43 10.48
C THR E 126 1.94 39.40 10.42
N SER E 127 1.96 38.46 9.48
CA SER E 127 0.87 37.47 9.30
C SER E 127 1.00 36.44 10.45
N THR E 128 -0.08 35.80 10.81
CA THR E 128 -0.12 34.79 11.91
C THR E 128 -0.99 33.62 11.46
N PHE E 129 -0.79 32.47 12.08
CA PHE E 129 -1.31 31.16 11.60
C PHE E 129 -1.79 30.35 12.80
N SER E 130 -3.02 29.84 12.75
CA SER E 130 -3.62 28.99 13.81
CA SER E 130 -3.53 28.92 13.80
C SER E 130 -4.39 27.82 13.17
N MET E 131 -4.37 26.66 13.82
CA MET E 131 -5.19 25.51 13.44
C MET E 131 -6.14 25.21 14.59
N THR E 132 -7.47 25.32 14.40
CA THR E 132 -8.45 25.52 15.51
C THR E 132 -9.51 24.44 15.74
N PRO E 133 -9.51 23.22 15.18
CA PRO E 133 -10.60 22.28 15.46
C PRO E 133 -10.74 21.91 16.94
N VAL E 134 -9.66 21.93 17.72
CA VAL E 134 -9.77 21.49 19.13
C VAL E 134 -10.48 22.60 19.94
N ASN E 135 -10.57 23.82 19.40
CA ASN E 135 -11.37 24.89 20.07
C ASN E 135 -12.86 24.57 20.01
N LEU E 136 -13.31 23.87 18.97
CA LEU E 136 -14.74 23.68 18.64
C LEU E 136 -15.17 22.23 18.90
N GLY E 137 -14.22 21.31 19.09
CA GLY E 137 -14.53 19.89 19.30
C GLY E 137 -14.75 19.14 18.00
N VAL E 138 -14.22 19.65 16.88
CA VAL E 138 -14.45 19.12 15.51
C VAL E 138 -13.55 17.91 15.31
N PRO E 139 -14.06 16.75 14.85
CA PRO E 139 -13.17 15.65 14.43
C PRO E 139 -12.64 15.87 13.01
N TYR E 140 -11.46 16.47 12.90
CA TYR E 140 -10.88 16.77 11.58
C TYR E 140 -10.75 15.46 10.80
N ASN E 141 -10.90 15.50 9.48
CA ASN E 141 -10.87 14.29 8.63
C ASN E 141 -9.43 13.90 8.26
N LEU E 142 -9.23 12.64 7.88
CA LEU E 142 -7.91 12.08 7.52
C LEU E 142 -7.27 12.93 6.43
N VAL E 143 -7.97 13.15 5.32
CA VAL E 143 -7.37 13.89 4.16
C VAL E 143 -6.92 15.28 4.64
N GLY E 144 -7.77 15.95 5.43
CA GLY E 144 -7.50 17.32 5.96
C GLY E 144 -6.25 17.32 6.85
N ILE E 145 -6.12 16.35 7.76
CA ILE E 145 -4.91 16.21 8.61
C ILE E 145 -3.68 15.93 7.78
N HIS E 146 -3.81 15.04 6.78
CA HIS E 146 -2.70 14.63 5.91
C HIS E 146 -2.17 15.88 5.21
N ASN E 147 -3.04 16.77 4.80
CA ASN E 147 -2.64 18.03 4.11
C ASN E 147 -1.75 18.90 5.02
N LEU E 148 -1.79 18.72 6.33
CA LEU E 148 -0.99 19.54 7.27
C LEU E 148 0.37 18.92 7.61
N THR E 149 0.72 17.76 7.06
CA THR E 149 1.88 16.96 7.50
C THR E 149 3.05 16.94 6.52
N ARG E 150 3.02 17.72 5.43
CA ARG E 150 4.02 17.58 4.35
C ARG E 150 5.09 18.66 4.41
N ASP E 151 5.09 19.51 5.45
CA ASP E 151 6.03 20.66 5.53
C ASP E 151 6.77 20.64 6.87
N ALA E 152 6.10 20.82 7.98
CA ALA E 152 6.71 20.74 9.33
C ALA E 152 6.58 19.31 9.87
N GLY E 153 7.44 18.93 10.79
CA GLY E 153 7.43 17.58 11.38
C GLY E 153 6.27 17.31 12.33
N PHE E 154 6.10 16.04 12.72
CA PHE E 154 4.96 15.58 13.53
C PHE E 154 4.87 16.33 14.85
N HIS E 155 5.97 16.53 15.57
CA HIS E 155 5.89 17.19 16.89
C HIS E 155 5.37 18.63 16.70
N ILE E 156 5.87 19.33 15.69
CA ILE E 156 5.42 20.73 15.43
C ILE E 156 3.93 20.72 15.07
N VAL E 157 3.53 19.87 14.15
CA VAL E 157 2.10 19.78 13.73
C VAL E 157 1.24 19.51 14.97
N LYS E 158 1.63 18.57 15.82
CA LYS E 158 0.82 18.27 17.03
C LYS E 158 0.76 19.47 17.99
N GLU E 159 1.84 20.23 18.15
CA GLU E 159 1.78 21.48 18.95
C GLU E 159 0.70 22.39 18.35
N LEU E 160 0.74 22.61 17.03
CA LEU E 160 -0.18 23.56 16.38
C LEU E 160 -1.63 23.12 16.62
N ILE E 161 -1.90 21.84 16.41
CA ILE E 161 -3.30 21.35 16.48
C ILE E 161 -3.72 21.23 17.95
N PHE E 162 -2.87 20.70 18.83
CA PHE E 162 -3.33 20.45 20.23
C PHE E 162 -3.45 21.76 21.02
N THR E 163 -2.71 22.79 20.68
CA THR E 163 -2.73 24.10 21.41
C THR E 163 -3.75 25.03 20.77
N ALA E 164 -3.94 24.93 19.46
CA ALA E 164 -4.69 25.90 18.66
C ALA E 164 -4.11 27.30 18.85
N SER E 165 -2.84 27.43 19.22
CA SER E 165 -2.23 28.74 19.48
C SER E 165 -1.66 29.26 18.17
N PRO E 166 -1.69 30.59 17.96
CA PRO E 166 -1.15 31.18 16.75
C PRO E 166 0.38 31.15 16.76
N ILE E 167 0.97 31.01 15.56
CA ILE E 167 2.43 31.16 15.41
C ILE E 167 2.68 32.35 14.49
N THR E 168 3.81 32.99 14.69
CA THR E 168 4.29 34.10 13.84
C THR E 168 4.71 33.57 12.47
N ALA E 169 4.90 34.49 11.54
CA ALA E 169 5.45 34.20 10.21
C ALA E 169 6.89 33.75 10.36
N GLN E 170 7.64 34.34 11.30
CA GLN E 170 9.05 33.98 11.55
C GLN E 170 9.14 32.49 11.97
N ARG E 171 8.30 32.04 12.88
CA ARG E 171 8.34 30.63 13.31
C ARG E 171 7.83 29.74 12.18
N ALA E 172 6.79 30.16 11.45
CA ALA E 172 6.24 29.37 10.33
C ALA E 172 7.31 29.18 9.26
N LEU E 173 8.19 30.17 9.06
CA LEU E 173 9.35 30.03 8.16
C LEU E 173 10.35 29.01 8.74
N ALA E 174 10.73 29.18 9.99
CA ALA E 174 11.73 28.33 10.66
C ALA E 174 11.27 26.87 10.66
N VAL E 175 9.98 26.57 10.78
CA VAL E 175 9.60 25.13 10.91
C VAL E 175 9.29 24.52 9.52
N GLY E 176 9.39 25.31 8.44
CA GLY E 176 9.23 24.86 7.05
C GLY E 176 7.84 24.98 6.47
N ILE E 177 6.89 25.66 7.14
CA ILE E 177 5.53 25.92 6.58
C ILE E 177 5.64 26.94 5.40
N LEU E 178 6.40 28.00 5.56
CA LEU E 178 6.46 29.11 4.59
C LEU E 178 7.71 28.99 3.71
N ASN E 179 7.62 29.53 2.50
CA ASN E 179 8.78 29.70 1.59
C ASN E 179 9.58 30.95 1.92
N HIS E 180 8.90 32.06 2.02
CA HIS E 180 9.52 33.38 2.27
C HIS E 180 8.63 34.23 3.17
N VAL E 181 9.29 35.07 3.96
CA VAL E 181 8.64 36.13 4.75
C VAL E 181 9.18 37.47 4.27
N VAL E 182 8.32 38.42 3.97
CA VAL E 182 8.83 39.74 3.49
CA VAL E 182 8.65 39.72 3.31
C VAL E 182 8.01 40.84 4.16
N GLU E 183 8.58 42.04 4.17
CA GLU E 183 7.85 43.21 4.74
C GLU E 183 6.57 43.39 3.91
N VAL E 184 5.48 43.78 4.53
CA VAL E 184 4.17 43.84 3.82
C VAL E 184 4.25 44.75 2.57
N GLU E 185 5.05 45.83 2.61
CA GLU E 185 5.07 46.81 1.49
CA GLU E 185 5.13 46.83 1.51
C GLU E 185 5.80 46.19 0.28
N GLU E 186 6.59 45.11 0.48
CA GLU E 186 7.27 44.38 -0.62
C GLU E 186 6.53 43.08 -1.04
N LEU E 187 5.48 42.67 -0.35
CA LEU E 187 4.87 41.31 -0.53
C LEU E 187 4.40 41.11 -1.98
N GLU E 188 3.59 42.02 -2.49
CA GLU E 188 3.03 41.95 -3.87
CA GLU E 188 3.03 41.93 -3.86
C GLU E 188 4.17 41.88 -4.89
N ASP E 189 5.10 42.81 -4.79
CA ASP E 189 6.18 42.92 -5.81
C ASP E 189 6.97 41.61 -5.85
N PHE E 190 7.35 41.13 -4.66
CA PHE E 190 8.19 39.92 -4.44
C PHE E 190 7.49 38.68 -5.04
N THR E 191 6.19 38.55 -4.76
CA THR E 191 5.38 37.39 -5.17
C THR E 191 5.18 37.43 -6.70
N LEU E 192 4.83 38.59 -7.25
CA LEU E 192 4.66 38.74 -8.72
C LEU E 192 5.98 38.44 -9.43
N GLN E 193 7.11 38.88 -8.92
CA GLN E 193 8.39 38.61 -9.59
C GLN E 193 8.65 37.10 -9.68
N MET E 194 8.39 36.39 -8.60
CA MET E 194 8.56 34.92 -8.59
C MET E 194 7.56 34.26 -9.55
N ALA E 195 6.30 34.67 -9.53
CA ALA E 195 5.26 34.12 -10.42
C ALA E 195 5.64 34.38 -11.88
N HIS E 196 6.10 35.58 -12.23
CA HIS E 196 6.49 35.83 -13.65
CA HIS E 196 6.51 35.84 -13.64
C HIS E 196 7.66 34.91 -14.01
N HIS E 197 8.61 34.69 -13.09
CA HIS E 197 9.81 33.85 -13.35
CA HIS E 197 9.82 33.84 -13.33
C HIS E 197 9.40 32.38 -13.58
N ILE E 198 8.54 31.83 -12.73
CA ILE E 198 8.01 30.45 -12.93
C ILE E 198 7.34 30.40 -14.30
N SER E 199 6.63 31.48 -14.69
CA SER E 199 5.81 31.49 -15.94
C SER E 199 6.69 31.40 -17.18
N GLU E 200 8.02 31.54 -17.05
CA GLU E 200 8.97 31.45 -18.19
C GLU E 200 9.38 29.99 -18.40
N LYS E 201 9.06 29.14 -17.44
CA LYS E 201 9.54 27.73 -17.43
C LYS E 201 8.54 26.86 -18.20
N ALA E 202 8.85 25.58 -18.34
CA ALA E 202 8.07 24.65 -19.19
C ALA E 202 6.83 24.19 -18.45
N PRO E 203 5.62 24.61 -18.92
CA PRO E 203 4.42 24.33 -18.12
C PRO E 203 4.05 22.86 -18.03
N LEU E 204 4.31 22.08 -19.09
CA LEU E 204 3.94 20.65 -19.07
C LEU E 204 4.84 19.90 -18.08
N ALA E 205 6.10 20.31 -17.96
CA ALA E 205 7.03 19.71 -16.99
C ALA E 205 6.56 20.06 -15.59
N ILE E 206 6.24 21.35 -15.35
CA ILE E 206 5.68 21.80 -14.04
C ILE E 206 4.45 20.96 -13.71
N ALA E 207 3.52 20.80 -14.65
CA ALA E 207 2.23 20.14 -14.36
C ALA E 207 2.48 18.69 -13.98
N VAL E 208 3.35 17.97 -14.72
CA VAL E 208 3.50 16.52 -14.41
C VAL E 208 4.28 16.39 -13.09
N ILE E 209 5.26 17.23 -12.84
CA ILE E 209 5.98 17.16 -11.55
C ILE E 209 5.03 17.49 -10.39
N LYS E 210 4.16 18.49 -10.55
CA LYS E 210 3.17 18.79 -9.48
C LYS E 210 2.31 17.56 -9.22
N GLU E 211 1.85 16.87 -10.27
CA GLU E 211 0.94 15.71 -10.11
C GLU E 211 1.66 14.53 -9.50
N GLU E 212 2.94 14.34 -9.83
CA GLU E 212 3.81 13.31 -9.24
C GLU E 212 3.95 13.59 -7.74
N LEU E 213 4.17 14.85 -7.37
CA LEU E 213 4.24 15.17 -5.92
C LEU E 213 2.88 14.99 -5.24
N ARG E 214 1.78 15.32 -5.90
CA ARG E 214 0.44 15.11 -5.31
C ARG E 214 0.28 13.61 -5.02
N VAL E 215 0.53 12.75 -6.00
CA VAL E 215 0.33 11.27 -5.91
CA VAL E 215 0.24 11.30 -5.81
C VAL E 215 1.22 10.71 -4.80
N LEU E 216 2.49 11.11 -4.79
CA LEU E 216 3.42 10.65 -3.72
C LEU E 216 2.98 11.14 -2.35
N GLY E 217 2.53 12.39 -2.25
CA GLY E 217 1.99 12.93 -0.99
C GLY E 217 0.83 12.12 -0.48
N GLU E 218 -0.02 11.62 -1.37
CA GLU E 218 -1.27 10.91 -1.00
CA GLU E 218 -1.26 10.92 -0.96
C GLU E 218 -0.97 9.44 -0.69
N ALA E 219 0.22 8.95 -1.06
CA ALA E 219 0.52 7.48 -1.14
C ALA E 219 0.87 6.89 0.24
N HIS E 220 0.09 7.24 1.25
CA HIS E 220 0.09 6.64 2.61
C HIS E 220 -1.16 5.75 2.64
N THR E 221 -1.03 4.44 2.52
CA THR E 221 -2.19 3.58 2.22
C THR E 221 -2.50 2.71 3.45
N MET E 222 -3.78 2.38 3.61
CA MET E 222 -4.28 1.60 4.77
CA MET E 222 -4.32 1.63 4.79
C MET E 222 -5.42 0.70 4.29
N ASN E 223 -5.78 -0.30 5.10
CA ASN E 223 -6.84 -1.24 4.70
C ASN E 223 -8.21 -0.62 5.05
N SER E 224 -9.27 -1.19 4.50
CA SER E 224 -10.65 -0.71 4.73
C SER E 224 -10.98 -0.73 6.22
N ASP E 225 -10.59 -1.76 6.95
CA ASP E 225 -10.97 -1.85 8.39
C ASP E 225 -10.42 -0.63 9.13
N GLU E 226 -9.17 -0.25 8.89
CA GLU E 226 -8.55 0.91 9.59
C GLU E 226 -9.36 2.16 9.25
N PHE E 227 -9.71 2.36 7.98
CA PHE E 227 -10.49 3.56 7.61
CA PHE E 227 -10.51 3.54 7.58
C PHE E 227 -11.87 3.54 8.29
N GLU E 228 -12.53 2.39 8.36
CA GLU E 228 -13.88 2.30 8.95
C GLU E 228 -13.78 2.49 10.47
N ARG E 229 -12.68 2.05 11.07
CA ARG E 229 -12.47 2.23 12.54
C ARG E 229 -12.32 3.72 12.84
N ILE E 230 -11.49 4.43 12.07
CA ILE E 230 -11.28 5.89 12.19
C ILE E 230 -12.63 6.58 11.99
N GLN E 231 -13.38 6.23 10.95
N GLN E 231 -13.39 6.22 10.96
CA GLN E 231 -14.73 6.84 10.69
CA GLN E 231 -14.70 6.86 10.72
C GLN E 231 -15.64 6.65 11.93
C GLN E 231 -15.64 6.65 11.93
N GLY E 232 -15.63 5.47 12.57
CA GLY E 232 -16.44 5.24 13.78
C GLY E 232 -16.02 6.14 14.94
N MET E 233 -14.71 6.33 15.11
CA MET E 233 -14.19 7.27 16.12
C MET E 233 -14.66 8.69 15.78
N ARG E 234 -14.61 9.12 14.51
CA ARG E 234 -14.99 10.50 14.15
C ARG E 234 -16.50 10.68 14.41
N ARG E 235 -17.32 9.70 14.06
CA ARG E 235 -18.78 9.81 14.33
C ARG E 235 -19.06 9.93 15.85
N ALA E 236 -18.35 9.21 16.69
CA ALA E 236 -18.53 9.33 18.16
C ALA E 236 -18.26 10.78 18.54
N VAL E 237 -17.28 11.43 17.90
CA VAL E 237 -16.94 12.84 18.25
C VAL E 237 -18.07 13.75 17.76
N TYR E 238 -18.55 13.60 16.53
CA TYR E 238 -19.55 14.57 16.03
C TYR E 238 -20.92 14.22 16.63
N ASP E 239 -21.05 13.10 17.33
CA ASP E 239 -22.29 12.75 18.07
C ASP E 239 -22.19 13.25 19.51
N SER E 240 -21.06 13.82 19.95
CA SER E 240 -20.77 14.06 21.38
C SER E 240 -21.43 15.37 21.85
N GLU E 241 -21.62 15.47 23.15
CA GLU E 241 -22.05 16.71 23.85
C GLU E 241 -21.01 17.80 23.63
N ASP E 242 -19.73 17.43 23.69
CA ASP E 242 -18.60 18.36 23.50
C ASP E 242 -18.67 19.04 22.14
N TYR E 243 -19.03 18.32 21.08
CA TYR E 243 -19.13 18.95 19.74
C TYR E 243 -20.24 20.01 19.78
N GLN E 244 -21.38 19.70 20.40
CA GLN E 244 -22.51 20.68 20.47
C GLN E 244 -22.06 21.90 21.28
N GLU E 245 -21.42 21.62 22.41
CA GLU E 245 -20.89 22.67 23.32
C GLU E 245 -19.91 23.56 22.55
N GLY E 246 -19.01 23.00 21.73
CA GLY E 246 -18.02 23.82 21.03
C GLY E 246 -18.66 24.77 20.04
N MET E 247 -19.61 24.26 19.25
CA MET E 247 -20.35 25.04 18.23
C MET E 247 -21.13 26.15 18.95
N ASN E 248 -21.83 25.79 20.03
CA ASN E 248 -22.68 26.74 20.78
C ASN E 248 -21.83 27.86 21.38
N ALA E 249 -20.69 27.50 21.98
CA ALA E 249 -19.80 28.42 22.70
C ALA E 249 -19.25 29.41 21.68
N PHE E 250 -18.89 28.93 20.50
CA PHE E 250 -18.41 29.82 19.41
C PHE E 250 -19.52 30.87 19.10
N LEU E 251 -20.75 30.43 18.82
CA LEU E 251 -21.90 31.30 18.43
C LEU E 251 -22.26 32.28 19.57
N GLU E 252 -22.25 31.85 20.83
CA GLU E 252 -22.63 32.67 22.02
C GLU E 252 -21.45 33.51 22.49
N LYS E 253 -20.30 33.42 21.82
CA LYS E 253 -19.02 34.11 22.17
C LYS E 253 -18.67 33.92 23.65
N ARG E 254 -18.65 32.68 24.12
CA ARG E 254 -18.20 32.32 25.50
C ARG E 254 -17.13 31.22 25.39
N LYS E 255 -16.37 30.99 26.46
CA LYS E 255 -15.40 29.87 26.54
C LYS E 255 -16.18 28.57 26.64
N PRO E 256 -15.85 27.53 25.82
CA PRO E 256 -16.57 26.26 25.90
C PRO E 256 -16.19 25.49 27.17
N ASN E 257 -17.10 24.65 27.67
CA ASN E 257 -16.82 23.77 28.82
C ASN E 257 -16.84 22.32 28.35
N PHE E 258 -15.68 21.75 28.04
CA PHE E 258 -15.59 20.38 27.49
C PHE E 258 -15.54 19.38 28.65
N VAL E 259 -16.19 18.23 28.55
CA VAL E 259 -16.30 17.20 29.64
C VAL E 259 -15.83 15.82 29.17
N GLY E 260 -15.44 15.61 27.92
CA GLY E 260 -14.97 14.28 27.50
C GLY E 260 -16.09 13.32 27.14
N HIS E 261 -17.31 13.79 26.86
CA HIS E 261 -18.33 12.96 26.19
C HIS E 261 -19.27 13.82 25.36
N ALA F 2 43.62 3.67 -12.40
CA ALA F 2 42.72 2.48 -12.53
C ALA F 2 41.39 2.84 -13.21
N TYR F 3 40.93 4.09 -13.16
CA TYR F 3 39.70 4.54 -13.86
C TYR F 3 40.06 5.77 -14.69
N GLN F 4 39.45 5.93 -15.83
CA GLN F 4 39.69 7.12 -16.68
C GLN F 4 39.04 8.38 -16.07
N TYR F 5 37.86 8.27 -15.45
CA TYR F 5 36.99 9.44 -15.14
C TYR F 5 36.82 9.67 -13.64
N VAL F 6 37.45 8.87 -12.77
CA VAL F 6 37.51 9.16 -11.30
C VAL F 6 38.91 8.79 -10.80
N ASN F 7 39.30 9.40 -9.67
CA ASN F 7 40.52 9.05 -8.91
C ASN F 7 40.05 8.57 -7.54
N VAL F 8 40.56 7.43 -7.08
CA VAL F 8 40.21 6.87 -5.75
C VAL F 8 41.45 6.92 -4.87
N VAL F 9 41.31 7.45 -3.66
CA VAL F 9 42.35 7.28 -2.62
C VAL F 9 41.71 6.67 -1.38
N THR F 10 42.40 5.75 -0.73
CA THR F 10 41.94 5.18 0.57
C THR F 10 42.88 5.65 1.70
N ILE F 11 42.28 6.01 2.83
CA ILE F 11 42.96 6.51 4.06
C ILE F 11 42.41 5.68 5.22
N ASN F 12 43.17 4.70 5.71
CA ASN F 12 42.70 3.68 6.71
C ASN F 12 41.41 3.08 6.12
N LYS F 13 40.24 3.27 6.72
CA LYS F 13 38.98 2.58 6.29
C LYS F 13 38.09 3.51 5.47
N VAL F 14 38.59 4.66 5.04
CA VAL F 14 37.79 5.65 4.29
C VAL F 14 38.27 5.67 2.84
N ALA F 15 37.36 5.60 1.90
CA ALA F 15 37.71 5.78 0.47
C ALA F 15 37.10 7.09 -0.03
N VAL F 16 37.88 7.83 -0.79
CA VAL F 16 37.49 9.12 -1.39
C VAL F 16 37.48 8.89 -2.88
N ILE F 17 36.29 9.00 -3.49
CA ILE F 17 36.14 8.90 -4.96
C ILE F 17 36.05 10.35 -5.46
N GLU F 18 37.07 10.77 -6.21
CA GLU F 18 37.15 12.16 -6.73
C GLU F 18 36.84 12.17 -8.22
N PHE F 19 35.96 13.04 -8.66
CA PHE F 19 35.58 13.12 -10.09
C PHE F 19 36.83 13.53 -10.90
N ASN F 20 36.97 13.02 -12.11
CA ASN F 20 38.05 13.44 -13.04
C ASN F 20 37.47 13.59 -14.45
N TYR F 21 36.47 14.46 -14.61
CA TYR F 21 35.73 14.69 -15.87
C TYR F 21 35.51 16.19 -16.03
N GLY F 22 36.50 16.96 -15.59
CA GLY F 22 36.40 18.45 -15.50
C GLY F 22 36.22 19.12 -16.86
N ARG F 23 36.61 18.45 -17.93
CA ARG F 23 36.49 19.00 -19.30
C ARG F 23 35.00 19.03 -19.70
N LYS F 24 34.13 18.25 -19.03
CA LYS F 24 32.65 18.34 -19.24
C LYS F 24 31.97 18.72 -17.92
N LEU F 25 32.71 19.37 -17.02
CA LEU F 25 32.22 19.88 -15.70
C LEU F 25 31.53 18.73 -14.94
N ASN F 26 32.08 17.52 -15.05
CA ASN F 26 31.59 16.33 -14.33
C ASN F 26 30.10 16.10 -14.66
N ALA F 27 29.67 16.41 -15.88
CA ALA F 27 28.33 16.02 -16.38
C ALA F 27 28.16 14.50 -16.25
N LEU F 28 26.92 14.02 -16.09
CA LEU F 28 26.68 12.59 -15.75
C LEU F 28 26.56 11.77 -17.05
N SER F 29 27.57 11.83 -17.92
CA SER F 29 27.66 11.01 -19.15
C SER F 29 27.70 9.54 -18.77
N LYS F 30 27.19 8.67 -19.63
CA LYS F 30 27.32 7.20 -19.43
C LYS F 30 28.77 6.83 -19.06
N VAL F 31 29.78 7.33 -19.74
CA VAL F 31 31.19 6.86 -19.50
C VAL F 31 31.61 7.24 -18.09
N PHE F 32 31.24 8.43 -17.63
CA PHE F 32 31.57 8.89 -16.26
C PHE F 32 30.86 8.02 -15.21
N ILE F 33 29.54 7.83 -15.37
CA ILE F 33 28.73 7.08 -14.38
C ILE F 33 29.16 5.61 -14.35
N ASP F 34 29.46 5.03 -15.50
CA ASP F 34 29.98 3.63 -15.55
C ASP F 34 31.26 3.52 -14.72
N ASP F 35 32.16 4.49 -14.81
CA ASP F 35 33.41 4.48 -14.01
C ASP F 35 33.12 4.72 -12.52
N LEU F 36 32.22 5.67 -12.19
CA LEU F 36 31.83 5.91 -10.77
C LEU F 36 31.22 4.61 -10.20
N MET F 37 30.35 3.92 -10.95
CA MET F 37 29.73 2.68 -10.44
C MET F 37 30.78 1.57 -10.31
N GLN F 38 31.74 1.50 -11.23
CA GLN F 38 32.80 0.45 -11.11
C GLN F 38 33.65 0.72 -9.86
N ALA F 39 34.01 1.98 -9.63
CA ALA F 39 34.82 2.39 -8.45
C ALA F 39 34.08 2.02 -7.17
N LEU F 40 32.77 2.29 -7.09
CA LEU F 40 31.97 1.95 -5.88
C LEU F 40 31.96 0.45 -5.67
N SER F 41 31.68 -0.31 -6.73
CA SER F 41 31.60 -1.78 -6.65
C SER F 41 32.96 -2.30 -6.17
N ASP F 42 34.05 -1.75 -6.67
CA ASP F 42 35.41 -2.22 -6.30
C ASP F 42 35.70 -1.95 -4.82
N LEU F 43 35.02 -0.96 -4.22
CA LEU F 43 35.19 -0.53 -2.80
C LEU F 43 34.22 -1.27 -1.88
N ASN F 44 33.42 -2.19 -2.37
CA ASN F 44 32.48 -2.93 -1.50
C ASN F 44 33.26 -4.06 -0.85
N ARG F 45 34.14 -3.72 0.09
CA ARG F 45 35.16 -4.62 0.69
C ARG F 45 35.09 -4.44 2.19
N PRO F 46 35.38 -5.50 3.00
CA PRO F 46 35.20 -5.45 4.45
CA PRO F 46 35.13 -5.37 4.43
C PRO F 46 36.12 -4.40 5.10
N GLU F 47 37.24 -4.08 4.47
CA GLU F 47 38.22 -3.13 5.02
C GLU F 47 37.84 -1.69 4.65
N ILE F 48 36.76 -1.48 3.90
CA ILE F 48 36.32 -0.09 3.56
C ILE F 48 35.04 0.14 4.37
N ARG F 49 34.92 1.25 5.11
CA ARG F 49 33.77 1.43 6.03
CA ARG F 49 33.81 1.47 6.06
C ARG F 49 32.94 2.67 5.67
N CYS F 50 33.50 3.62 4.90
CA CYS F 50 32.82 4.89 4.58
C CYS F 50 33.36 5.42 3.26
N ILE F 51 32.46 5.94 2.44
CA ILE F 51 32.82 6.55 1.14
C ILE F 51 32.58 8.04 1.21
N ILE F 52 33.47 8.81 0.58
CA ILE F 52 33.24 10.24 0.28
C ILE F 52 33.28 10.43 -1.24
N LEU F 53 32.27 11.08 -1.80
CA LEU F 53 32.25 11.54 -3.21
C LEU F 53 32.63 13.02 -3.21
N ARG F 54 33.51 13.43 -4.10
CA ARG F 54 33.88 14.86 -4.22
C ARG F 54 34.27 15.19 -5.65
N ALA F 55 34.20 16.47 -5.96
CA ALA F 55 34.90 17.06 -7.13
C ALA F 55 36.31 17.48 -6.70
N PRO F 56 37.22 17.72 -7.66
CA PRO F 56 38.56 18.21 -7.30
C PRO F 56 38.52 19.52 -6.50
N SER F 57 39.47 19.66 -5.60
CA SER F 57 39.74 20.91 -4.86
C SER F 57 39.74 22.12 -5.82
N GLY F 58 39.05 23.20 -5.47
CA GLY F 58 38.99 24.43 -6.30
C GLY F 58 37.90 24.41 -7.35
N SER F 59 37.18 23.30 -7.54
CA SER F 59 36.13 23.18 -8.58
C SER F 59 35.11 24.31 -8.45
N LYS F 60 34.86 25.02 -9.53
CA LYS F 60 33.76 26.00 -9.58
C LYS F 60 32.43 25.24 -9.77
N VAL F 61 32.46 24.17 -10.54
CA VAL F 61 31.27 23.32 -10.85
C VAL F 61 31.49 21.93 -10.26
N PHE F 62 30.66 21.55 -9.29
CA PHE F 62 30.70 20.19 -8.72
C PHE F 62 30.30 19.21 -9.81
N SER F 63 29.11 19.39 -10.37
CA SER F 63 28.63 18.63 -11.54
C SER F 63 27.57 19.43 -12.28
N ALA F 64 27.64 19.48 -13.62
CA ALA F 64 26.71 20.21 -14.47
C ALA F 64 25.48 19.34 -14.74
N GLY F 65 25.36 18.21 -14.07
CA GLY F 65 24.11 17.43 -14.11
C GLY F 65 24.07 16.49 -15.31
N HIS F 66 22.87 16.13 -15.73
CA HIS F 66 22.67 15.17 -16.85
C HIS F 66 23.40 15.67 -18.09
N ASP F 67 24.04 14.77 -18.82
CA ASP F 67 24.62 15.10 -20.14
C ASP F 67 23.46 15.32 -21.12
N ILE F 68 23.25 16.57 -21.52
CA ILE F 68 22.03 16.97 -22.28
C ILE F 68 22.16 16.41 -23.70
N HIS F 69 23.38 16.22 -24.20
CA HIS F 69 23.63 15.57 -25.51
C HIS F 69 23.14 14.12 -25.48
N GLU F 70 23.09 13.47 -24.31
CA GLU F 70 22.76 12.01 -24.22
C GLU F 70 21.27 11.81 -24.00
N LEU F 71 20.45 12.86 -23.81
CA LEU F 71 18.98 12.72 -23.66
C LEU F 71 18.40 12.40 -25.04
N PRO F 72 17.46 11.44 -25.15
CA PRO F 72 16.81 11.16 -26.43
C PRO F 72 15.90 12.32 -26.85
N SER F 73 15.80 12.57 -28.16
CA SER F 73 14.91 13.62 -28.71
C SER F 73 13.52 13.03 -29.01
N GLY F 74 13.46 11.97 -29.83
CA GLY F 74 12.28 11.68 -30.68
C GLY F 74 11.21 10.85 -30.00
N GLY F 75 10.61 11.32 -28.88
CA GLY F 75 9.43 10.64 -28.27
C GLY F 75 9.82 9.36 -27.54
N ARG F 76 10.94 9.43 -26.83
CA ARG F 76 11.53 8.36 -25.98
C ARG F 76 11.56 8.89 -24.54
N ASP F 77 11.25 8.04 -23.56
CA ASP F 77 11.38 8.42 -22.14
C ASP F 77 12.85 8.79 -21.88
N PRO F 78 13.16 10.00 -21.40
CA PRO F 78 14.55 10.34 -21.06
C PRO F 78 15.09 9.88 -19.69
N LEU F 79 14.23 9.31 -18.85
CA LEU F 79 14.64 8.87 -17.49
C LEU F 79 14.06 7.48 -17.22
N SER F 80 14.41 6.56 -18.11
CA SER F 80 14.04 5.13 -18.01
C SER F 80 14.90 4.48 -16.92
N TYR F 81 14.49 3.30 -16.49
CA TYR F 81 15.06 2.59 -15.34
C TYR F 81 16.56 2.39 -15.53
N ASP F 82 17.05 2.17 -16.75
CA ASP F 82 18.52 1.89 -16.86
C ASP F 82 19.29 3.12 -17.40
N ASP F 83 18.73 4.31 -17.36
N ASP F 83 18.71 4.33 -17.36
CA ASP F 83 19.52 5.50 -17.76
CA ASP F 83 19.43 5.62 -17.62
C ASP F 83 20.53 5.74 -16.63
C ASP F 83 20.55 5.72 -16.59
N PRO F 84 21.73 6.27 -16.93
CA PRO F 84 22.82 6.37 -15.93
C PRO F 84 22.50 7.07 -14.60
N LEU F 85 21.75 8.17 -14.63
CA LEU F 85 21.31 8.86 -13.38
C LEU F 85 20.46 7.90 -12.53
N ARG F 86 19.58 7.14 -13.17
CA ARG F 86 18.65 6.21 -12.45
C ARG F 86 19.49 5.08 -11.86
N GLN F 87 20.52 4.60 -12.57
CA GLN F 87 21.37 3.51 -12.07
C GLN F 87 22.18 3.99 -10.86
N ILE F 88 22.77 5.17 -10.92
CA ILE F 88 23.74 5.60 -9.87
C ILE F 88 22.95 5.89 -8.58
N THR F 89 21.74 6.46 -8.65
CA THR F 89 20.97 6.75 -7.42
C THR F 89 20.60 5.42 -6.75
N ARG F 90 20.18 4.40 -7.49
CA ARG F 90 19.86 3.08 -6.88
C ARG F 90 21.12 2.54 -6.24
N MET F 91 22.24 2.61 -6.95
CA MET F 91 23.48 1.97 -6.45
C MET F 91 23.93 2.66 -5.16
N ILE F 92 23.87 4.00 -5.11
CA ILE F 92 24.23 4.77 -3.88
C ILE F 92 23.31 4.31 -2.73
N GLN F 93 22.00 4.19 -2.99
CA GLN F 93 21.00 3.91 -1.94
C GLN F 93 21.11 2.48 -1.44
N LYS F 94 21.50 1.55 -2.31
CA LYS F 94 21.63 0.12 -1.92
C LYS F 94 23.03 -0.19 -1.37
N PHE F 95 23.98 0.70 -1.51
CA PHE F 95 25.38 0.43 -1.09
C PHE F 95 25.43 0.24 0.42
N PRO F 96 26.04 -0.85 0.93
CA PRO F 96 25.97 -1.17 2.35
C PRO F 96 26.93 -0.42 3.26
N LYS F 97 27.52 0.68 2.79
CA LYS F 97 28.39 1.57 3.59
C LYS F 97 27.82 2.98 3.42
N PRO F 98 28.05 3.87 4.39
CA PRO F 98 27.62 5.25 4.26
C PRO F 98 28.39 5.89 3.11
N ILE F 99 27.67 6.66 2.33
CA ILE F 99 28.24 7.54 1.28
C ILE F 99 27.97 9.00 1.61
N ILE F 100 29.07 9.76 1.80
CA ILE F 100 29.00 11.21 2.11
C ILE F 100 29.32 12.01 0.85
N SER F 101 28.44 12.94 0.44
CA SER F 101 28.70 13.87 -0.68
C SER F 101 29.38 15.11 -0.08
N MET F 102 30.63 15.34 -0.45
CA MET F 102 31.43 16.49 0.04
C MET F 102 31.47 17.49 -1.11
N VAL F 103 30.75 18.59 -0.98
CA VAL F 103 30.41 19.47 -2.13
C VAL F 103 31.19 20.78 -2.06
N GLU F 104 31.93 21.04 -3.12
CA GLU F 104 32.55 22.34 -3.47
C GLU F 104 32.07 22.70 -4.86
N GLY F 105 31.56 23.92 -5.05
CA GLY F 105 31.12 24.40 -6.36
C GLY F 105 29.60 24.28 -6.55
N SER F 106 29.14 24.51 -7.75
CA SER F 106 27.69 24.54 -8.06
C SER F 106 27.24 23.13 -8.44
N VAL F 107 25.98 22.82 -8.08
CA VAL F 107 25.37 21.50 -8.27
C VAL F 107 24.09 21.68 -9.10
N TRP F 108 23.97 20.99 -10.24
CA TRP F 108 22.84 21.14 -11.18
C TRP F 108 22.06 19.85 -11.43
N GLY F 109 20.73 19.96 -11.33
CA GLY F 109 19.77 19.01 -11.91
C GLY F 109 20.01 17.60 -11.42
N GLY F 110 20.33 16.67 -12.32
CA GLY F 110 20.51 15.27 -11.91
C GLY F 110 21.63 15.14 -10.89
N ALA F 111 22.63 16.05 -10.90
CA ALA F 111 23.69 16.01 -9.87
C ALA F 111 23.13 16.33 -8.49
N PHE F 112 22.10 17.18 -8.42
CA PHE F 112 21.44 17.52 -7.15
C PHE F 112 20.69 16.25 -6.69
N GLU F 113 19.99 15.58 -7.62
CA GLU F 113 19.29 14.32 -7.20
C GLU F 113 20.33 13.32 -6.70
N MET F 114 21.46 13.21 -7.39
CA MET F 114 22.54 12.27 -7.00
C MET F 114 23.01 12.53 -5.56
N ILE F 115 23.37 13.76 -5.22
CA ILE F 115 23.80 14.04 -3.81
C ILE F 115 22.64 13.84 -2.82
N MET F 116 21.39 14.12 -3.21
CA MET F 116 20.25 13.91 -2.31
C MET F 116 20.11 12.40 -2.03
N SER F 117 20.45 11.55 -2.99
CA SER F 117 20.32 10.08 -2.84
C SER F 117 21.41 9.54 -1.88
N SER F 118 22.50 10.29 -1.65
CA SER F 118 23.57 9.89 -0.72
C SER F 118 23.12 10.07 0.74
N ASP F 119 23.95 9.64 1.68
CA ASP F 119 23.53 9.50 3.09
C ASP F 119 23.69 10.82 3.83
N LEU F 120 24.77 11.55 3.60
CA LEU F 120 25.06 12.83 4.28
C LEU F 120 25.56 13.78 3.20
N ILE F 121 25.35 15.07 3.39
CA ILE F 121 25.90 16.11 2.47
C ILE F 121 26.61 17.17 3.32
N ILE F 122 27.92 17.29 3.15
CA ILE F 122 28.70 18.38 3.80
CA ILE F 122 28.79 18.32 3.79
C ILE F 122 29.18 19.31 2.67
N ALA F 123 28.95 20.61 2.82
CA ALA F 123 29.16 21.52 1.69
C ALA F 123 29.97 22.75 2.09
N ALA F 124 30.69 23.29 1.10
CA ALA F 124 31.38 24.58 1.23
C ALA F 124 30.35 25.72 1.35
N SER F 125 30.68 26.75 2.10
CA SER F 125 29.85 27.97 2.29
C SER F 125 29.52 28.63 0.95
N THR F 126 30.29 28.38 -0.11
CA THR F 126 30.15 29.06 -1.43
C THR F 126 29.47 28.17 -2.44
N SER F 127 29.05 26.97 -2.00
CA SER F 127 28.42 25.98 -2.91
CA SER F 127 28.40 25.97 -2.90
C SER F 127 26.99 26.45 -3.19
N THR F 128 26.43 26.09 -4.34
CA THR F 128 25.05 26.46 -4.74
C THR F 128 24.37 25.27 -5.37
N PHE F 129 23.04 25.23 -5.34
CA PHE F 129 22.23 24.04 -5.68
C PHE F 129 21.00 24.44 -6.49
N SER F 130 20.75 23.78 -7.62
CA SER F 130 19.51 24.03 -8.40
CA SER F 130 19.59 24.04 -8.50
C SER F 130 18.97 22.71 -8.98
N MET F 131 17.65 22.65 -9.14
CA MET F 131 16.96 21.53 -9.78
C MET F 131 16.34 22.06 -11.06
N THR F 132 16.73 21.54 -12.22
CA THR F 132 16.58 22.24 -13.53
C THR F 132 15.61 21.62 -14.54
N PRO F 133 14.83 20.52 -14.32
CA PRO F 133 14.06 20.01 -15.47
C PRO F 133 13.07 20.98 -16.14
N VAL F 134 12.52 21.94 -15.42
CA VAL F 134 11.51 22.88 -15.98
C VAL F 134 12.23 23.88 -16.93
N ASN F 135 13.57 23.98 -16.86
CA ASN F 135 14.34 24.80 -17.82
C ASN F 135 14.32 24.13 -19.20
N LEU F 136 14.20 22.81 -19.24
CA LEU F 136 14.38 22.01 -20.47
C LEU F 136 13.06 21.38 -20.92
N GLY F 137 12.02 21.40 -20.11
CA GLY F 137 10.75 20.75 -20.48
C GLY F 137 10.76 19.26 -20.18
N VAL F 138 11.65 18.80 -19.32
CA VAL F 138 11.83 17.35 -19.02
C VAL F 138 10.77 16.85 -18.07
N PRO F 139 10.08 15.73 -18.39
CA PRO F 139 9.15 15.13 -17.44
C PRO F 139 9.92 14.22 -16.47
N TYR F 140 10.32 14.77 -15.34
CA TYR F 140 11.06 14.00 -14.31
C TYR F 140 10.21 12.80 -13.92
N ASN F 141 10.85 11.72 -13.52
CA ASN F 141 10.17 10.45 -13.16
C ASN F 141 9.83 10.41 -11.67
N LEU F 142 8.84 9.59 -11.32
CA LEU F 142 8.36 9.43 -9.94
C LEU F 142 9.53 9.11 -8.99
N VAL F 143 10.32 8.07 -9.27
CA VAL F 143 11.43 7.69 -8.36
C VAL F 143 12.33 8.91 -8.15
N GLY F 144 12.65 9.61 -9.23
CA GLY F 144 13.58 10.77 -9.18
C GLY F 144 13.03 11.84 -8.28
N ILE F 145 11.76 12.16 -8.43
CA ILE F 145 11.10 13.22 -7.64
C ILE F 145 11.03 12.76 -6.17
N HIS F 146 10.71 11.49 -5.92
CA HIS F 146 10.60 10.92 -4.56
CA HIS F 146 10.59 10.95 -4.55
C HIS F 146 11.95 11.14 -3.86
N ASN F 147 13.04 10.99 -4.58
CA ASN F 147 14.40 11.12 -4.00
C ASN F 147 14.66 12.55 -3.49
N LEU F 148 13.91 13.54 -3.98
CA LEU F 148 14.05 14.97 -3.58
C LEU F 148 13.14 15.37 -2.42
N THR F 149 12.35 14.47 -1.81
CA THR F 149 11.23 14.81 -0.89
C THR F 149 11.48 14.30 0.54
N ARG F 150 12.67 13.79 0.86
CA ARG F 150 12.88 13.13 2.19
C ARG F 150 13.62 14.06 3.17
N ASP F 151 13.95 15.31 2.77
CA ASP F 151 14.82 16.22 3.56
C ASP F 151 14.09 17.55 3.83
N ALA F 152 13.75 18.30 2.80
CA ALA F 152 12.99 19.55 2.90
C ALA F 152 11.50 19.24 2.70
N GLY F 153 10.64 20.17 3.10
CA GLY F 153 9.18 20.01 2.96
C GLY F 153 8.68 20.25 1.55
N PHE F 154 7.40 19.95 1.31
CA PHE F 154 6.80 20.03 -0.04
C PHE F 154 6.85 21.46 -0.58
N HIS F 155 6.48 22.46 0.20
CA HIS F 155 6.50 23.86 -0.34
CA HIS F 155 6.51 23.86 -0.32
C HIS F 155 7.93 24.22 -0.79
N ILE F 156 8.93 23.89 -0.01
CA ILE F 156 10.35 24.21 -0.37
CA ILE F 156 10.34 24.21 -0.37
C ILE F 156 10.74 23.45 -1.64
N VAL F 157 10.41 22.16 -1.71
CA VAL F 157 10.80 21.37 -2.91
C VAL F 157 10.12 21.97 -4.15
N LYS F 158 8.83 22.34 -4.07
CA LYS F 158 8.11 22.90 -5.21
C LYS F 158 8.70 24.25 -5.64
N GLU F 159 9.13 25.10 -4.69
CA GLU F 159 9.84 26.35 -5.05
C GLU F 159 11.13 26.00 -5.82
N LEU F 160 11.94 25.06 -5.32
CA LEU F 160 13.21 24.69 -5.99
C LEU F 160 12.97 24.21 -7.42
N ILE F 161 11.97 23.33 -7.60
CA ILE F 161 11.71 22.71 -8.92
C ILE F 161 11.01 23.72 -9.82
N PHE F 162 9.99 24.43 -9.33
CA PHE F 162 9.17 25.30 -10.22
C PHE F 162 9.95 26.56 -10.62
N THR F 163 10.87 27.06 -9.82
CA THR F 163 11.69 28.25 -10.21
C THR F 163 12.98 27.83 -10.92
N ALA F 164 13.49 26.64 -10.65
CA ALA F 164 14.85 26.21 -11.08
C ALA F 164 15.89 27.25 -10.63
N SER F 165 15.63 28.03 -9.58
CA SER F 165 16.60 29.06 -9.11
C SER F 165 17.58 28.43 -8.14
N PRO F 166 18.86 28.82 -8.19
CA PRO F 166 19.86 28.29 -7.26
C PRO F 166 19.54 28.76 -5.85
N ILE F 167 19.78 27.89 -4.88
CA ILE F 167 19.85 28.29 -3.45
C ILE F 167 21.30 28.21 -2.95
N THR F 168 21.57 29.01 -1.92
CA THR F 168 22.87 29.02 -1.22
C THR F 168 23.01 27.78 -0.33
N ALA F 169 24.24 27.47 0.07
CA ALA F 169 24.55 26.48 1.10
C ALA F 169 23.84 26.85 2.40
N GLN F 170 23.75 28.14 2.73
CA GLN F 170 23.14 28.56 4.01
C GLN F 170 21.65 28.26 3.97
N ARG F 171 21.00 28.53 2.84
CA ARG F 171 19.54 28.21 2.77
C ARG F 171 19.35 26.68 2.72
N ALA F 172 20.18 25.95 1.97
CA ALA F 172 20.06 24.47 1.92
C ALA F 172 20.21 23.83 3.31
N LEU F 173 21.10 24.36 4.16
CA LEU F 173 21.22 23.95 5.58
C LEU F 173 19.91 24.24 6.33
N ALA F 174 19.40 25.44 6.23
CA ALA F 174 18.20 25.94 6.95
C ALA F 174 16.99 25.03 6.63
N VAL F 175 16.84 24.61 5.38
CA VAL F 175 15.58 23.90 4.96
C VAL F 175 15.75 22.39 5.17
N GLY F 176 16.94 21.88 5.56
CA GLY F 176 17.14 20.46 5.89
C GLY F 176 17.82 19.61 4.81
N ILE F 177 18.30 20.22 3.74
CA ILE F 177 18.98 19.51 2.65
C ILE F 177 20.40 19.10 3.05
N LEU F 178 21.14 19.98 3.71
CA LEU F 178 22.56 19.73 4.08
C LEU F 178 22.65 19.32 5.55
N ASN F 179 23.67 18.55 5.85
CA ASN F 179 24.06 18.24 7.26
C ASN F 179 24.90 19.38 7.86
N HIS F 180 25.92 19.84 7.14
CA HIS F 180 26.88 20.85 7.63
C HIS F 180 27.32 21.74 6.47
N VAL F 181 27.59 22.99 6.82
CA VAL F 181 28.21 23.98 5.91
C VAL F 181 29.50 24.46 6.60
N VAL F 182 30.61 24.37 5.91
CA VAL F 182 31.92 24.82 6.48
CA VAL F 182 32.00 24.63 6.39
C VAL F 182 32.65 25.65 5.43
N GLU F 183 33.59 26.47 5.89
CA GLU F 183 34.48 27.26 5.00
C GLU F 183 35.22 26.26 4.13
N VAL F 184 35.51 26.59 2.87
CA VAL F 184 36.08 25.64 1.88
C VAL F 184 37.45 25.14 2.35
N GLU F 185 38.22 25.98 3.05
CA GLU F 185 39.58 25.63 3.57
CA GLU F 185 39.58 25.59 3.54
C GLU F 185 39.45 24.51 4.62
N GLU F 186 38.27 24.37 5.24
CA GLU F 186 38.07 23.38 6.33
C GLU F 186 37.31 22.15 5.81
N LEU F 187 36.89 22.16 4.55
CA LEU F 187 35.88 21.18 4.05
C LEU F 187 36.44 19.74 4.09
N GLU F 188 37.64 19.51 3.56
CA GLU F 188 38.25 18.15 3.50
CA GLU F 188 38.27 18.17 3.51
C GLU F 188 38.48 17.63 4.93
N ASP F 189 39.10 18.41 5.82
CA ASP F 189 39.44 17.91 7.19
C ASP F 189 38.16 17.58 7.97
N PHE F 190 37.17 18.46 7.89
CA PHE F 190 35.89 18.26 8.60
C PHE F 190 35.26 16.95 8.12
N THR F 191 35.16 16.75 6.81
CA THR F 191 34.48 15.56 6.22
C THR F 191 35.28 14.29 6.52
N LEU F 192 36.61 14.33 6.42
CA LEU F 192 37.43 13.13 6.73
C LEU F 192 37.28 12.77 8.21
N GLN F 193 37.26 13.72 9.14
CA GLN F 193 37.14 13.35 10.56
CA GLN F 193 37.08 13.43 10.58
C GLN F 193 35.74 12.73 10.80
N MET F 194 34.71 13.20 10.14
CA MET F 194 33.40 12.52 10.36
C MET F 194 33.46 11.10 9.77
N ALA F 195 34.03 10.93 8.59
CA ALA F 195 34.13 9.61 7.91
C ALA F 195 34.97 8.64 8.75
N HIS F 196 36.12 9.07 9.30
CA HIS F 196 36.95 8.22 10.17
CA HIS F 196 36.94 8.16 10.14
C HIS F 196 36.17 7.79 11.41
N HIS F 197 35.40 8.72 11.97
CA HIS F 197 34.59 8.45 13.19
CA HIS F 197 34.58 8.47 13.18
C HIS F 197 33.55 7.36 12.87
N ILE F 198 32.83 7.52 11.77
CA ILE F 198 31.81 6.52 11.35
C ILE F 198 32.50 5.18 11.14
N SER F 199 33.74 5.18 10.64
CA SER F 199 34.50 3.94 10.30
C SER F 199 34.80 3.09 11.55
N GLU F 200 34.61 3.60 12.77
CA GLU F 200 34.89 2.80 13.98
C GLU F 200 33.60 2.19 14.52
N LYS F 201 32.45 2.52 13.92
CA LYS F 201 31.16 2.02 14.40
C LYS F 201 30.87 0.65 13.77
N ALA F 202 29.77 0.02 14.14
CA ALA F 202 29.46 -1.37 13.76
C ALA F 202 28.94 -1.40 12.33
N PRO F 203 29.68 -1.96 11.37
CA PRO F 203 29.32 -1.83 9.96
C PRO F 203 28.01 -2.58 9.64
N LEU F 204 27.73 -3.69 10.32
CA LEU F 204 26.56 -4.50 9.95
C LEU F 204 25.30 -3.80 10.47
N ALA F 205 25.41 -3.11 11.62
CA ALA F 205 24.28 -2.34 12.16
C ALA F 205 24.04 -1.17 11.21
N ILE F 206 25.10 -0.49 10.81
CA ILE F 206 24.96 0.63 9.83
C ILE F 206 24.28 0.13 8.55
N ALA F 207 24.70 -1.02 8.01
CA ALA F 207 24.19 -1.50 6.69
C ALA F 207 22.70 -1.85 6.85
N VAL F 208 22.27 -2.53 7.91
CA VAL F 208 20.82 -2.91 7.99
C VAL F 208 19.97 -1.68 8.29
N ILE F 209 20.45 -0.70 9.05
CA ILE F 209 19.64 0.52 9.32
C ILE F 209 19.52 1.35 8.04
N LYS F 210 20.60 1.41 7.27
CA LYS F 210 20.56 2.15 6.00
C LYS F 210 19.49 1.51 5.08
N GLU F 211 19.48 0.17 5.02
CA GLU F 211 18.55 -0.57 4.11
C GLU F 211 17.12 -0.40 4.60
N GLU F 212 16.91 -0.49 5.91
CA GLU F 212 15.60 -0.19 6.54
C GLU F 212 15.11 1.22 6.17
N LEU F 213 15.98 2.21 6.25
CA LEU F 213 15.62 3.60 5.85
C LEU F 213 15.30 3.60 4.36
N ARG F 214 16.08 2.91 3.54
CA ARG F 214 15.80 2.91 2.08
C ARG F 214 14.38 2.37 1.87
N VAL F 215 14.04 1.20 2.42
CA VAL F 215 12.72 0.62 2.05
CA VAL F 215 12.73 0.53 2.21
C VAL F 215 11.60 1.41 2.72
N LEU F 216 11.78 2.00 3.90
CA LEU F 216 10.73 2.88 4.47
C LEU F 216 10.57 4.11 3.57
N GLY F 217 11.67 4.65 3.08
CA GLY F 217 11.66 5.80 2.16
C GLY F 217 10.91 5.51 0.88
N GLU F 218 10.95 4.27 0.40
CA GLU F 218 10.28 3.91 -0.89
CA GLU F 218 10.29 3.86 -0.88
C GLU F 218 8.81 3.51 -0.66
N ALA F 219 8.39 3.26 0.58
CA ALA F 219 7.12 2.59 0.95
C ALA F 219 5.95 3.58 0.88
N HIS F 220 5.95 4.44 -0.12
CA HIS F 220 4.77 5.22 -0.57
C HIS F 220 4.17 4.44 -1.75
N THR F 221 3.05 3.78 -1.56
CA THR F 221 2.56 2.79 -2.55
C THR F 221 1.32 3.31 -3.26
N MET F 222 1.16 2.85 -4.49
CA MET F 222 0.04 3.27 -5.35
CA MET F 222 -0.01 3.26 -5.29
C MET F 222 -0.43 2.09 -6.18
N ASN F 223 -1.65 2.15 -6.68
CA ASN F 223 -2.15 1.10 -7.60
C ASN F 223 -1.64 1.31 -9.03
N SER F 224 -1.73 0.25 -9.82
CA SER F 224 -1.21 0.21 -11.21
C SER F 224 -1.81 1.33 -12.06
N ASP F 225 -3.10 1.63 -11.89
CA ASP F 225 -3.77 2.65 -12.72
C ASP F 225 -3.15 4.02 -12.47
N GLU F 226 -2.85 4.34 -11.21
CA GLU F 226 -2.23 5.64 -10.86
C GLU F 226 -0.86 5.74 -11.53
N PHE F 227 -0.08 4.68 -11.49
CA PHE F 227 1.28 4.68 -12.10
CA PHE F 227 1.27 4.72 -12.09
C PHE F 227 1.14 4.83 -13.62
N GLU F 228 0.19 4.10 -14.21
CA GLU F 228 0.08 4.16 -15.70
C GLU F 228 -0.47 5.51 -16.16
N ARG F 229 -1.31 6.15 -15.32
CA ARG F 229 -1.88 7.49 -15.64
C ARG F 229 -0.75 8.51 -15.63
N ILE F 230 0.12 8.42 -14.63
CA ILE F 230 1.34 9.26 -14.56
C ILE F 230 2.21 9.01 -15.78
N GLN F 231 2.48 7.75 -16.10
CA GLN F 231 3.37 7.46 -17.25
C GLN F 231 2.77 8.06 -18.54
N GLY F 232 1.46 7.98 -18.73
CA GLY F 232 0.80 8.63 -19.87
C GLY F 232 1.00 10.14 -19.90
N MET F 233 0.92 10.79 -18.75
CA MET F 233 1.20 12.23 -18.66
C MET F 233 2.66 12.50 -19.02
N ARG F 234 3.60 11.69 -18.54
CA ARG F 234 5.05 11.88 -18.84
C ARG F 234 5.29 11.71 -20.35
N ARG F 235 4.63 10.73 -20.98
CA ARG F 235 4.80 10.51 -22.43
C ARG F 235 4.25 11.73 -23.19
N ALA F 236 3.11 12.28 -22.80
CA ALA F 236 2.60 13.52 -23.47
C ALA F 236 3.66 14.64 -23.39
N VAL F 237 4.40 14.74 -22.28
CA VAL F 237 5.48 15.74 -22.13
C VAL F 237 6.66 15.38 -23.04
N TYR F 238 7.15 14.15 -23.07
CA TYR F 238 8.31 13.84 -23.94
C TYR F 238 7.89 13.79 -25.41
N ASP F 239 6.58 13.78 -25.74
CA ASP F 239 6.12 13.92 -27.14
C ASP F 239 5.92 15.38 -27.54
N SER F 240 6.06 16.35 -26.61
CA SER F 240 5.55 17.74 -26.79
C SER F 240 6.47 18.56 -27.69
N GLU F 241 5.94 19.60 -28.31
CA GLU F 241 6.79 20.64 -28.96
C GLU F 241 7.73 21.26 -27.92
N ASP F 242 7.22 21.55 -26.70
CA ASP F 242 8.03 22.20 -25.63
C ASP F 242 9.28 21.42 -25.31
N TYR F 243 9.20 20.09 -25.20
CA TYR F 243 10.38 19.25 -24.88
C TYR F 243 11.45 19.46 -25.97
N GLN F 244 11.07 19.36 -27.24
CA GLN F 244 12.04 19.54 -28.38
C GLN F 244 12.65 20.95 -28.31
N GLU F 245 11.80 21.95 -28.10
CA GLU F 245 12.25 23.38 -27.94
C GLU F 245 13.19 23.52 -26.76
N GLY F 246 12.93 22.87 -25.61
CA GLY F 246 13.82 22.99 -24.45
C GLY F 246 15.21 22.43 -24.76
N MET F 247 15.28 21.23 -25.37
CA MET F 247 16.55 20.59 -25.81
C MET F 247 17.21 21.49 -26.86
N ASN F 248 16.46 21.95 -27.86
CA ASN F 248 17.02 22.75 -28.98
C ASN F 248 17.68 23.99 -28.35
N ALA F 249 16.95 24.73 -27.51
CA ALA F 249 17.41 26.01 -26.93
C ALA F 249 18.71 25.80 -26.16
N PHE F 250 18.85 24.69 -25.44
CA PHE F 250 20.10 24.46 -24.67
C PHE F 250 21.27 24.32 -25.64
N LEU F 251 21.16 23.44 -26.63
CA LEU F 251 22.17 23.19 -27.70
C LEU F 251 22.46 24.49 -28.48
N GLU F 252 21.47 25.32 -28.82
CA GLU F 252 21.67 26.61 -29.55
C GLU F 252 22.04 27.75 -28.61
N LYS F 253 22.24 27.47 -27.32
CA LYS F 253 22.56 28.48 -26.27
C LYS F 253 21.63 29.69 -26.34
N ARG F 254 20.30 29.50 -26.34
CA ARG F 254 19.32 30.61 -26.30
C ARG F 254 18.20 30.35 -25.26
N LYS F 255 17.44 31.39 -24.95
CA LYS F 255 16.24 31.38 -24.06
C LYS F 255 15.19 30.50 -24.75
N PRO F 256 14.68 29.40 -24.14
CA PRO F 256 13.58 28.69 -24.78
C PRO F 256 12.30 29.53 -24.75
N ASN F 257 11.42 29.27 -25.71
CA ASN F 257 10.05 29.84 -25.71
C ASN F 257 9.03 28.71 -25.58
N PHE F 258 8.53 28.44 -24.36
CA PHE F 258 7.55 27.37 -24.08
C PHE F 258 6.12 27.89 -24.33
N VAL F 259 5.24 27.06 -24.90
CA VAL F 259 3.86 27.46 -25.29
C VAL F 259 2.80 26.53 -24.70
N GLY F 260 3.16 25.44 -24.02
CA GLY F 260 2.10 24.60 -23.42
C GLY F 260 1.60 23.49 -24.33
N HIS F 261 2.33 23.11 -25.39
CA HIS F 261 2.04 21.86 -26.15
C HIS F 261 3.35 21.32 -26.69
N1 KGJ G . -6.57 -6.43 -36.11
C2 KGJ G . -6.60 -5.90 -37.38
N3 KGJ G . -7.13 -6.55 -38.42
C4 KGJ G . -7.70 -7.75 -38.16
C5 KGJ G . -7.73 -8.38 -36.84
C6 KGJ G . -7.13 -7.62 -35.79
N6 KGJ G . -7.17 -8.12 -34.54
N7 KGJ G . -8.34 -9.60 -36.93
C8 KGJ G . -8.71 -9.74 -38.21
N9 KGJ G . -8.33 -8.62 -38.93
C1' KGJ G . -8.53 -8.33 -40.38
C2' KGJ G . -7.82 -9.38 -41.25
O2' KGJ G . -6.38 -9.22 -41.38
C3' KGJ G . -8.67 -9.21 -42.49
O3' KGJ G . -8.11 -8.16 -43.26
C4' KGJ G . -10.09 -8.88 -41.99
O4' KGJ G . -9.97 -8.23 -40.69
C5' KGJ G . -10.91 -10.16 -41.88
O5' KGJ G . -10.02 -11.16 -41.38
O31 KGJ G . -7.38 -6.90 -45.17
P3 KGJ G . -8.10 -8.21 -44.91
O32 KGJ G . -9.58 -8.10 -45.30
O33 KGJ G . -7.42 -9.53 -45.24
P1 KGJ G . -9.78 -12.66 -41.87
O11 KGJ G . -8.53 -13.34 -41.35
O12 KGJ G . -9.86 -12.39 -43.36
O6 KGJ G . -10.98 -13.68 -41.45
P2 KGJ G . -10.94 -15.17 -40.81
O21 KGJ G . -10.21 -16.11 -41.70
O22 KGJ G . -12.40 -15.45 -40.75
O7 KGJ G . -10.32 -15.39 -39.32
CPB KGJ G . -10.83 -14.65 -38.26
CPA KGJ G . -9.77 -14.64 -37.20
CP9 KGJ G . -9.64 -16.04 -36.63
CP8 KGJ G . -10.30 -13.70 -36.11
CP7 KGJ G . -8.43 -14.13 -37.77
OP3 KGJ G . -8.62 -12.91 -38.45
CP6 KGJ G . -7.46 -13.87 -36.68
OP2 KGJ G . -7.00 -14.79 -35.99
NP2 KGJ G . -7.22 -12.58 -36.42
CP5 KGJ G . -6.35 -12.21 -35.34
CP4 KGJ G . -7.00 -12.49 -34.01
CP3 KGJ G . -6.08 -12.03 -32.91
OP1 KGJ G . -5.06 -12.63 -32.72
NP1 KGJ G . -6.42 -10.95 -32.20
CP2 KGJ G . -5.67 -10.47 -31.09
CP1 KGJ G . -5.14 -9.11 -31.26
N KGJ G . -4.29 -8.88 -30.08
CS1 KGJ G . -4.80 -8.18 -28.89
OS1 KGJ G . -5.96 -7.81 -28.79
CS2 KGJ G . -3.82 -7.85 -27.84
CS3 KGJ G . -4.24 -6.83 -26.80
NS4 KGJ G . -2.63 -8.31 -27.86
OS4 KGJ G . -2.22 -8.94 -28.82
OS5 KGJ G . -1.85 -8.02 -26.99
NI NI H . -5.81 -9.46 -3.68
N1 KGJ I . -35.91 -8.37 9.63
C2 KGJ I . -37.08 -8.18 10.25
N3 KGJ I . -38.14 -8.94 10.01
C4 KGJ I . -38.13 -9.96 9.12
C5 KGJ I . -36.90 -10.28 8.41
C6 KGJ I . -35.79 -9.39 8.72
N6 KGJ I . -34.67 -9.63 8.09
N7 KGJ I . -37.13 -11.32 7.61
C8 KGJ I . -38.42 -11.66 7.80
N9 KGJ I . -39.01 -10.84 8.69
C1' KGJ I . -40.37 -10.88 9.22
C2' KGJ I . -41.40 -10.66 8.12
O2' KGJ I . -41.53 -9.26 7.81
C3' KGJ I . -42.59 -11.27 8.83
O3' KGJ I . -42.93 -10.32 9.81
C4' KGJ I . -42.07 -12.49 9.61
O4' KGJ I . -40.68 -12.17 9.80
C5' KGJ I . -42.22 -13.83 8.91
O5' KGJ I . -42.12 -13.43 7.56
O31 KGJ I . -44.93 -11.52 10.84
P3 KGJ I . -44.41 -10.14 10.41
O32 KGJ I . -44.22 -9.27 11.65
O33 KGJ I . -45.11 -9.41 9.28
P1 KGJ I . -42.54 -14.34 6.36
O11 KGJ I . -41.89 -13.71 5.14
O12 KGJ I . -44.05 -14.41 6.19
O6 KGJ I . -42.05 -15.77 6.84
P2 KGJ I . -41.74 -16.87 5.77
O21 KGJ I . -42.80 -17.09 4.72
O22 KGJ I . -41.36 -18.10 6.60
O7 KGJ I . -40.43 -16.30 5.02
CPB KGJ I . -39.14 -16.45 5.58
CPA KGJ I . -38.29 -15.32 5.01
CP9 KGJ I . -36.81 -15.18 5.23
CP8 KGJ I . -38.13 -16.18 3.69
CP7 KGJ I . -38.94 -14.16 4.24
OP3 KGJ I . -39.47 -13.37 5.32
CP6 KGJ I . -37.96 -13.33 3.44
OP2 KGJ I . -37.58 -13.61 2.31
NP2 KGJ I . -37.52 -12.29 4.11
CP5 KGJ I . -36.50 -11.39 3.64
CP4 KGJ I . -35.16 -11.79 4.18
CP3 KGJ I . -34.18 -10.82 3.66
OP1 KGJ I . -34.19 -10.40 2.53
NP1 KGJ I . -33.28 -10.47 4.52
CP2 KGJ I . -32.16 -9.67 4.14
CP1 KGJ I . -32.06 -8.56 5.11
N KGJ I . -31.02 -7.74 4.63
CS1 KGJ I . -29.64 -7.76 5.20
OS1 KGJ I . -29.30 -8.49 6.07
CS2 KGJ I . -28.59 -6.83 4.66
CS3 KGJ I . -27.32 -6.59 5.49
NS4 KGJ I . -28.82 -6.11 3.61
OS4 KGJ I . -29.94 -6.08 3.13
OS5 KGJ I . -27.93 -5.38 3.19
C1 PEG J . -38.40 -22.45 14.42
O1 PEG J . -39.66 -21.93 14.10
C2 PEG J . -37.92 -23.39 13.36
O2 PEG J . -37.34 -24.56 13.95
C3 PEG J . -37.39 -25.69 13.09
C4 PEG J . -37.43 -26.92 13.91
O4 PEG J . -38.08 -27.99 13.23
N1 KGJ K . 11.88 -35.42 5.89
C2 KGJ K . 12.97 -36.18 6.12
N3 KGJ K . 13.07 -37.47 5.77
C4 KGJ K . 12.02 -38.05 5.19
C5 KGJ K . 10.79 -37.30 4.92
C6 KGJ K . 10.78 -35.88 5.29
N6 KGJ K . 9.73 -35.11 5.05
N7 KGJ K . 9.93 -38.14 4.38
C8 KGJ K . 10.57 -39.32 4.25
N9 KGJ K . 11.81 -39.23 4.74
C1' KGJ K . 12.78 -40.35 4.81
C2' KGJ K . 12.29 -41.47 5.73
O2' KGJ K . 12.63 -41.20 7.07
C3' KGJ K . 13.03 -42.65 5.13
O3' KGJ K . 14.39 -42.55 5.51
C4' KGJ K . 13.00 -42.38 3.63
O4' KGJ K . 12.87 -40.92 3.52
C5' KGJ K . 11.86 -43.15 3.01
O5' KGJ K . 10.73 -42.90 3.86
O31 KGJ K . 16.49 -43.23 6.61
P3 KGJ K . 15.14 -43.80 6.25
O32 KGJ K . 15.23 -44.91 5.17
O33 KGJ K . 14.22 -44.16 7.44
P1 KGJ K . 9.68 -44.00 4.37
O11 KGJ K . 10.36 -45.26 4.84
O12 KGJ K . 8.83 -43.34 5.44
O6 KGJ K . 8.83 -44.39 3.07
P2 KGJ K . 7.32 -44.92 3.11
O21 KGJ K . 7.17 -46.06 4.14
O22 KGJ K . 7.02 -45.33 1.70
O7 KGJ K . 6.30 -43.71 3.44
CPB KGJ K . 6.15 -42.62 2.53
CPA KGJ K . 5.63 -41.39 3.27
CP9 KGJ K . 4.17 -41.61 3.58
CP8 KGJ K . 5.72 -40.18 2.32
CP7 KGJ K . 6.44 -41.12 4.54
OP3 KGJ K . 7.83 -41.21 4.18
CP6 KGJ K . 6.10 -39.80 5.17
OP2 KGJ K . 4.98 -39.70 5.62
NP2 KGJ K . 6.99 -38.76 5.14
CP5 KGJ K . 6.58 -37.44 5.63
CP4 KGJ K . 5.58 -36.75 4.72
CP3 KGJ K . 5.19 -35.44 5.34
OP1 KGJ K . 4.37 -35.43 6.21
NP1 KGJ K . 5.77 -34.37 4.85
CP2 KGJ K . 5.51 -33.04 5.29
CP1 KGJ K . 6.67 -32.34 5.95
N KGJ K . 6.25 -30.99 6.24
CS1 KGJ K . 6.51 -29.84 5.36
OS1 KGJ K . 7.02 -29.96 4.28
CS2 KGJ K . 6.12 -28.49 5.86
CS3 KGJ K . 6.66 -27.30 5.10
NS4 KGJ K . 5.45 -28.31 6.97
OS4 KGJ K . 5.14 -29.24 7.73
OS5 KGJ K . 5.14 -27.17 7.32
N1 KGJ L . -1.08 -38.12 -0.40
C2 KGJ L . -1.50 -39.29 0.14
N3 KGJ L . -1.71 -39.45 1.46
C4 KGJ L . -1.50 -38.41 2.32
C5 KGJ L . -1.03 -37.12 1.79
C6 KGJ L . -0.84 -37.02 0.34
N6 KGJ L . -0.42 -35.87 -0.22
N7 KGJ L . -0.91 -36.28 2.83
C8 KGJ L . -1.28 -36.95 3.96
N9 KGJ L . -1.62 -38.24 3.65
C1' KGJ L . -2.03 -39.31 4.60
C2' KGJ L . -2.01 -38.84 6.04
O2' KGJ L . -0.68 -38.91 6.60
C3' KGJ L . -2.90 -39.90 6.67
O3' KGJ L . -2.05 -40.98 7.02
C4' KGJ L . -3.89 -40.30 5.59
O4' KGJ L . -3.32 -39.88 4.34
C5' KGJ L . -5.22 -39.60 5.79
O5' KGJ L . -4.83 -38.38 6.41
O31 KGJ L . -1.50 -43.35 7.69
P3 KGJ L . -2.54 -42.26 7.87
O32 KGJ L . -3.85 -42.75 7.29
O33 KGJ L . -2.67 -41.81 9.32
P1 KGJ L . -5.76 -37.68 7.51
O11 KGJ L . -6.09 -38.66 8.65
O12 KGJ L . -4.89 -36.60 8.09
O6 KGJ L . -7.07 -37.07 6.84
P2 KGJ L . -8.38 -37.94 6.44
O21 KGJ L . -8.23 -39.38 6.91
O22 KGJ L . -9.62 -37.31 7.12
O7 KGJ L . -8.53 -38.07 4.83
K K M . 26.18 -22.01 -7.68
C1 PEG N . 21.67 -14.85 -21.94
O1 PEG N . 22.45 -16.01 -21.74
C2 PEG N . 20.49 -14.78 -21.01
O2 PEG N . 20.81 -13.93 -19.90
C3 PEG N . 20.05 -14.22 -18.73
C4 PEG N . 20.77 -15.24 -17.90
O4 PEG N . 20.92 -14.88 -16.54
O1 PG4 O . 24.60 -23.40 -5.25
C1 PG4 O . 23.19 -23.34 -5.37
C2 PG4 O . 22.74 -23.06 -6.76
O2 PG4 O . 22.59 -21.66 -6.99
C3 PG4 O . 22.21 -21.33 -8.30
C4 PG4 O . 22.94 -20.12 -8.76
O3 PG4 O . 24.19 -20.49 -9.30
C5 PG4 O . 24.58 -19.70 -10.42
C6 PG4 O . 26.07 -19.63 -10.61
O4 PG4 O . 26.63 -20.94 -10.61
C7 PG4 O . 28.06 -20.96 -10.66
C8 PG4 O . 28.57 -22.38 -10.85
O5 PG4 O . 28.63 -23.16 -9.65
NI NI P . 5.54 9.30 4.11
N1 KGJ Q . 22.49 -0.19 30.60
N1 KGJ Q . 22.14 -0.23 30.78
C2 KGJ Q . 23.14 -0.78 31.62
C2 KGJ Q . 22.27 -0.74 32.02
N3 KGJ Q . 24.04 -0.15 32.39
N3 KGJ Q . 22.85 -0.11 33.05
C4 KGJ Q . 24.32 1.16 32.17
C4 KGJ Q . 23.36 1.12 32.87
C5 KGJ Q . 23.67 1.88 31.10
C5 KGJ Q . 23.27 1.75 31.56
C6 KGJ Q . 22.69 1.12 30.32
C6 KGJ Q . 22.60 1.00 30.49
N6 KGJ Q . 22.06 1.78 29.31
N6 KGJ Q . 22.50 1.58 29.26
N7 KGJ Q . 24.13 3.14 31.09
N7 KGJ Q . 23.84 2.95 31.64
C8 KGJ Q . 25.03 3.23 32.08
C8 KGJ Q . 24.27 3.09 32.90
N9 KGJ Q . 25.14 2.05 32.71
N9 KGJ Q . 24.00 2.00 33.64
C1' KGJ Q . 26.01 1.80 33.89
C1' KGJ Q . 24.32 1.84 35.07
C2' KGJ Q . 27.50 1.83 33.60
C2' KGJ Q . 25.76 1.47 35.29
O2' KGJ Q . 27.88 0.55 33.10
O2' KGJ Q . 26.01 0.07 35.28
C3' KGJ Q . 28.01 2.05 35.01
C3' KGJ Q . 25.94 2.03 36.68
O3' KGJ Q . 27.92 0.76 35.60
O3' KGJ Q . 25.29 1.14 37.57
C4' KGJ Q . 27.00 3.00 35.64
C4' KGJ Q . 25.15 3.32 36.74
O4' KGJ Q . 25.78 2.80 34.90
O4' KGJ Q . 24.09 3.08 35.77
C5' KGJ Q . 27.42 4.45 35.51
C5' KGJ Q . 26.07 4.53 36.52
O5' KGJ Q . 28.26 4.49 34.36
O5' KGJ Q . 26.72 4.52 35.24
O31 KGJ Q . 28.53 -1.21 37.00
O31 KGJ Q . 27.37 -0.11 38.20
P3 KGJ Q . 28.70 0.25 36.93
P3 KGJ Q . 26.16 0.62 38.80
O32 KGJ Q . 28.15 0.97 38.14
O32 KGJ Q . 25.22 -0.35 39.47
O33 KGJ Q . 30.09 0.66 36.75
O33 KGJ Q . 26.46 1.83 39.67
P1 KGJ Q . 29.15 5.80 34.08
P1 KGJ Q . 27.97 5.47 34.89
O11 KGJ Q . 29.35 5.80 32.58
O11 KGJ Q . 28.61 5.12 33.55
O12 KGJ Q . 30.43 5.76 34.87
O12 KGJ Q . 28.98 5.28 35.98
O6 KGJ Q . 28.19 6.89 34.71
O6 KGJ Q . 27.63 7.06 34.93
P2 KGJ Q . 28.26 8.32 34.11
O21 KGJ Q . 29.74 8.51 34.26
O22 KGJ Q . 27.44 9.40 34.74
O7 KGJ Q . 27.85 8.20 32.55
CPB KGJ Q . 26.47 8.05 32.26
CPA KGJ Q . 26.33 7.76 30.79
CP9 KGJ Q . 26.73 9.05 30.07
CP8 KGJ Q . 24.84 7.51 30.51
CP7 KGJ Q . 27.15 6.52 30.45
OP3 KGJ Q . 26.88 5.47 31.40
CP6 KGJ Q . 26.78 5.88 29.13
OP2 KGJ Q . 27.06 6.48 28.09
NP2 KGJ Q . 26.07 4.74 29.25
CP5 KGJ Q . 25.43 4.05 28.15
CP4 KGJ Q . 24.49 4.95 27.38
CP3 KGJ Q . 24.01 4.24 26.13
OP1 KGJ Q . 24.71 4.15 25.16
NP1 KGJ Q . 22.78 3.78 26.12
CP2 KGJ Q . 22.17 3.19 24.96
CP1 KGJ Q . 21.69 1.80 25.18
N KGJ Q . 21.23 1.41 23.87
CS1 KGJ Q . 19.80 1.56 23.48
OS1 KGJ Q . 18.94 2.01 24.22
CS2 KGJ Q . 19.44 1.10 22.10
CS3 KGJ Q . 17.94 0.92 21.88
NS4 KGJ Q . 20.33 0.74 21.20
OS4 KGJ Q . 21.51 0.61 21.46
OS5 KGJ Q . 20.01 0.40 20.11
N1 IMD R . 1.88 19.27 38.53
C2 IMD R . 1.76 20.48 37.99
N3 IMD R . 0.65 20.50 37.26
C4 IMD R . 0.11 19.25 37.24
C5 IMD R . 0.92 18.47 37.99
N1 KGJ S . -17.53 31.38 10.91
N1 KGJ S . -17.64 31.89 10.23
C2 KGJ S . -18.67 32.01 11.19
C2 KGJ S . -18.70 32.68 9.91
N3 KGJ S . -18.70 33.23 11.78
N3 KGJ S . -18.70 34.01 10.07
C4 KGJ S . -17.54 33.83 12.07
C4 KGJ S . -17.62 34.62 10.57
C5 KGJ S . -16.23 33.21 11.79
C5 KGJ S . -16.43 33.85 10.93
C6 KGJ S . -16.30 31.88 11.16
C6 KGJ S . -16.50 32.39 10.72
N6 KGJ S . -15.13 31.25 10.85
N6 KGJ S . -15.44 31.59 11.02
N7 KGJ S . -15.25 34.04 12.21
N7 KGJ S . -15.51 34.73 11.41
C8 KGJ S . -15.88 35.12 12.71
C8 KGJ S . -16.09 35.95 11.35
N9 KGJ S . -17.22 34.97 12.62
N9 KGJ S . -17.35 35.86 10.86
C1' KGJ S . -18.22 35.96 13.08
C1' KGJ S . -18.25 37.00 10.63
C2' KGJ S . -18.23 36.07 14.59
C2' KGJ S . -18.85 37.57 11.91
O2' KGJ S . -18.96 34.98 15.19
O2' KGJ S . -20.03 36.89 12.35
C3' KGJ S . -18.88 37.44 14.69
C3' KGJ S . -19.15 38.97 11.45
O3' KGJ S . -20.26 37.35 14.49
O3' KGJ S . -20.33 38.90 10.68
C4' KGJ S . -18.36 38.21 13.48
C4' KGJ S . -17.97 39.31 10.55
O4' KGJ S . -17.80 37.22 12.60
O4' KGJ S . -17.51 38.07 10.06
C5' KGJ S . -17.28 39.22 13.87
C5' KGJ S . -16.87 40.04 11.33
O5' KGJ S . -16.45 38.52 14.78
O5' KGJ S . -16.38 39.21 12.39
O31 KGJ S . -22.49 38.21 14.27
O31 KGJ S . -22.77 39.46 10.15
P3 KGJ S . -21.15 38.67 14.73
P3 KGJ S . -21.64 39.73 11.11
O32 KGJ S . -20.80 39.91 13.92
O32 KGJ S . -21.21 41.15 11.07
O33 KGJ S . -21.04 38.93 16.19
O33 KGJ S . -22.03 39.30 12.51
P1 KGJ S . -15.24 39.28 15.51
P1 KGJ S . -15.87 39.89 13.78
O11 KGJ S . -14.41 38.25 16.23
O11 KGJ S . -15.79 38.84 14.85
O12 KGJ S . -15.79 40.16 16.63
O12 KGJ S . -16.95 40.89 14.16
O6 KGJ S . -14.54 40.16 14.37
O6 KGJ S . -14.43 40.67 13.78
P2 KGJ S . -13.06 40.59 14.74
O21 KGJ S . -13.17 41.30 16.06
O22 KGJ S . -12.23 41.44 13.81
O7 KGJ S . -12.33 39.23 15.05
CPB KGJ S . -11.86 38.41 13.95
CPA KGJ S . -11.47 37.00 14.36
CP9 KGJ S . -10.23 37.12 15.23
CP8 KGJ S . -11.15 36.16 13.09
CP7 KGJ S . -12.63 36.37 15.13
OP3 KGJ S . -13.83 36.57 14.37
CP6 KGJ S . -12.46 34.92 15.28
OP2 KGJ S . -11.58 34.49 15.98
NP2 KGJ S . -13.25 34.17 14.49
CP5 KGJ S . -13.10 32.72 14.43
CP4 KGJ S . -11.81 32.25 13.83
CP3 KGJ S . -11.84 30.75 13.84
OP1 KGJ S . -11.68 30.15 14.87
NP1 KGJ S . -11.98 30.13 12.68
CP2 KGJ S . -11.82 28.73 12.56
CP1 KGJ S . -13.11 28.06 12.23
N KGJ S . -12.84 26.65 12.19
CS1 KGJ S . -12.27 25.95 11.02
OS1 KGJ S . -12.01 26.47 9.98
CS2 KGJ S . -12.05 24.47 11.12
CS3 KGJ S . -11.81 23.69 9.82
NS4 KGJ S . -12.20 23.86 12.23
OS4 KGJ S . -12.02 22.67 12.28
OS5 KGJ S . -12.67 24.40 13.21
N1 KGJ T . -3.79 34.75 14.20
C2 KGJ T . -4.00 35.62 15.22
N3 KGJ T . -4.55 35.25 16.39
C4 KGJ T . -4.96 33.97 16.61
C5 KGJ T . -4.78 32.97 15.53
C6 KGJ T . -4.16 33.45 14.27
N6 KGJ T . -3.96 32.60 13.23
N7 KGJ T . -5.27 31.79 16.01
C8 KGJ T . -5.71 32.01 17.29
N9 KGJ T . -5.53 33.30 17.63
C1' KGJ T . -5.92 33.94 18.91
C2' KGJ T . -6.65 33.00 19.84
O2' KGJ T . -8.03 32.96 19.49
C3' KGJ T . -6.51 33.72 21.16
O3' KGJ T . -7.67 34.58 21.25
C4' KGJ T . -5.20 34.52 21.03
O4' KGJ T . -4.85 34.55 19.63
C5' KGJ T . -4.07 33.88 21.82
O5' KGJ T . -4.15 32.49 21.54
O31 KGJ T . -9.51 36.00 22.26
P3 KGJ T . -8.18 35.38 22.55
O32 KGJ T . -8.26 34.41 23.73
O33 KGJ T . -7.19 36.49 22.81
P1 KGJ T . -4.13 31.31 22.63
O11 KGJ T . -4.58 31.83 23.98
O12 KGJ T . -5.10 30.25 22.15
O6 KGJ T . -2.68 30.66 22.71
P2 KGJ T . -1.45 31.40 23.46
O21 KGJ T . -0.37 30.37 23.69
O22 KGJ T . -0.94 32.58 22.64
O7 KGJ T . -1.85 31.84 24.96
N1 KGJ U . 25.21 18.84 -20.68
N1 KGJ U . 25.77 18.29 -20.59
C2 KGJ U . 25.89 19.08 -21.82
C2 KGJ U . 26.75 18.04 -21.48
N3 KGJ U . 26.64 20.16 -21.99
N3 KGJ U . 27.88 18.74 -21.58
C4 KGJ U . 26.76 21.06 -21.00
C4 KGJ U . 28.07 19.79 -20.76
C5 KGJ U . 26.06 20.90 -19.73
C5 KGJ U . 27.05 20.12 -19.75
C6 KGJ U . 25.25 19.68 -19.61
C6 KGJ U . 25.84 19.30 -19.70
N6 KGJ U . 24.57 19.39 -18.46
N6 KGJ U . 24.85 19.56 -18.80
N7 KGJ U . 26.38 21.97 -18.96
N7 KGJ U . 27.50 21.20 -19.08
C8 KGJ U . 27.21 22.75 -19.70
C8 KGJ U . 28.69 21.49 -19.61
N9 KGJ U . 27.38 22.21 -20.90
N9 KGJ U . 29.05 20.66 -20.59
C1' KGJ U . 28.20 22.72 -21.97
C1' KGJ U . 30.30 20.75 -21.40
C2' KGJ U . 28.00 24.14 -22.39
C2' KGJ U . 30.03 21.77 -22.49
O2' KGJ U . 26.83 24.26 -23.20
O2' KGJ U . 29.43 21.27 -23.70
C3' KGJ U . 29.35 24.32 -23.10
C3' KGJ U . 31.42 22.37 -22.69
O3' KGJ U . 29.29 23.90 -24.44
O3' KGJ U . 32.17 21.39 -23.39
C4' KGJ U . 30.30 23.35 -22.41
C4' KGJ U . 31.87 22.55 -21.25
O4' KGJ U . 29.50 22.66 -21.45
O4' KGJ U . 31.39 21.32 -20.66
C5' KGJ U . 31.36 23.96 -21.53
C5' KGJ U . 31.29 23.77 -20.45
O5' KGJ U . 30.61 24.66 -20.55
O5' KGJ U . 30.89 25.05 -21.08
O31 KGJ U . 31.74 23.66 -25.16
O31 KGJ U . 33.40 20.43 -25.32
P3 KGJ U . 30.42 24.35 -25.46
P3 KGJ U . 32.78 21.72 -24.84
O32 KGJ U . 30.58 25.84 -25.25
O32 KGJ U . 33.84 22.77 -24.62
O33 KGJ U . 29.91 23.93 -26.80
O33 KGJ U . 31.68 22.21 -25.76
P1 KGJ U . 31.17 26.10 -20.25
P1 KGJ U . 29.62 25.98 -20.58
O11 KGJ U . 32.25 26.05 -19.20
O11 KGJ U . 28.69 25.15 -19.72
O12 KGJ U . 31.75 26.47 -21.60
O12 KGJ U . 28.84 26.36 -21.82
O6 KGJ U . 30.08 27.19 -19.74
O6 KGJ U . 30.01 27.41 -19.85
P2 KGJ U . 30.39 27.85 -18.31
O21 KGJ U . 30.33 29.35 -18.31
O22 KGJ U . 31.75 27.51 -17.80
O7 KGJ U . 29.21 27.61 -17.25
CPB KGJ U . 29.01 26.39 -16.58
CPA KGJ U . 27.51 26.23 -16.29
CP9 KGJ U . 27.06 27.34 -15.36
CP8 KGJ U . 27.42 24.92 -15.49
CP7 KGJ U . 26.65 26.19 -17.58
OP3 KGJ U . 27.33 25.35 -18.48
CP6 KGJ U . 25.29 25.57 -17.39
OP2 KGJ U . 24.44 26.05 -16.65
NP2 KGJ U . 25.13 24.38 -17.97
CP5 KGJ U . 23.90 23.64 -17.79
CP4 KGJ U . 23.66 23.26 -16.36
CP3 KGJ U . 22.35 22.56 -16.26
OP1 KGJ U . 21.36 23.21 -16.46
NP1 KGJ U . 22.37 21.26 -15.96
CP2 KGJ U . 21.15 20.52 -15.76
CP1 KGJ U . 20.88 19.50 -16.81
N KGJ U . 19.61 18.89 -16.48
CS1 KGJ U . 19.56 17.72 -15.60
OS1 KGJ U . 20.57 17.23 -15.09
CS2 KGJ U . 18.21 17.14 -15.37
CS3 KGJ U . 18.16 15.76 -14.73
NS4 KGJ U . 17.13 17.72 -15.79
OS4 KGJ U . 16.04 17.22 -15.57
OS5 KGJ U . 17.18 18.72 -16.48
N1 KGJ V . 24.61 27.50 -9.19
C2 KGJ V . 24.85 28.73 -9.72
N3 KGJ V . 24.02 29.30 -10.60
C4 KGJ V . 22.90 28.65 -11.02
C5 KGJ V . 22.57 27.32 -10.48
C6 KGJ V . 23.53 26.75 -9.52
N6 KGJ V . 23.29 25.54 -8.97
N7 KGJ V . 21.40 26.96 -11.07
C8 KGJ V . 21.01 27.96 -11.91
N9 KGJ V . 21.91 28.97 -11.87
C1' KGJ V . 21.94 30.25 -12.60
C2' KGJ V . 20.84 30.46 -13.61
O2' KGJ V . 21.13 29.75 -14.83
C3' KGJ V . 20.89 31.99 -13.76
O3' KGJ V . 21.87 32.38 -14.73
C4' KGJ V . 21.38 32.50 -12.40
O4' KGJ V . 21.89 31.36 -11.69
C5' KGJ V . 20.32 33.16 -11.53
O5' KGJ V . 19.36 32.16 -11.25
O31 KGJ V . 22.82 33.44 -16.82
P3 KGJ V . 21.52 33.05 -16.15
O32 KGJ V . 20.62 34.25 -15.97
O33 KGJ V . 20.82 32.01 -16.98
P1 KGJ V . 17.90 32.18 -11.94
O11 KGJ V . 17.85 33.35 -12.90
O12 KGJ V . 17.70 30.94 -12.78
O6 KGJ V . 16.82 32.34 -10.77
P2 KGJ V . 16.77 33.72 -9.91
O21 KGJ V . 18.14 33.94 -9.31
O22 KGJ V . 15.69 33.83 -8.85
O7 KGJ V . 16.31 34.92 -10.95
K K W . 33.23 16.17 16.09
C1 PGE X . 29.72 16.40 17.67
O1 PGE X . 31.01 16.11 18.16
C2 PGE X . 29.76 17.37 16.52
O2 PGE X . 30.41 16.77 15.41
C3 PGE X . 30.27 17.49 14.19
C4 PGE X . 31.10 16.82 13.13
O4 PGE X . 35.24 17.29 13.63
C6 PGE X . 34.67 17.45 12.33
C5 PGE X . 33.31 16.81 12.20
O3 PGE X . 32.49 17.06 13.35
#